data_1Y5L
#
_entry.id   1Y5L
#
_cell.length_a   154.165
_cell.length_b   241.903
_cell.length_c   139.603
_cell.angle_alpha   90.00
_cell.angle_beta   90.00
_cell.angle_gamma   90.00
#
_symmetry.space_group_name_H-M   'C 2 2 21'
#
loop_
_entity.id
_entity.type
_entity.pdbx_description
1 polymer 'Respiratory nitrate reductase 1 alpha chain'
2 polymer 'Respiratory nitrate reductase 1 beta chain'
3 polymer 'Respiratory nitrate reductase 1 gamma chain'
4 non-polymer 'PHOSPHORIC ACID 4-(2-AMINO-4-OXO-3,4,5,6,-TETRAHYDRO-PTERIDIN-6-YL)-2-HYDROXY-3,4-DIMERCAPTO-BUT-3-EN-YL ESTER GUANYLATE ESTER'
5 non-polymer 'MOLYBDENUM(VI) ION'
6 non-polymer 'IRON/SULFUR CLUSTER'
7 non-polymer 1,2-DIACYL-GLYCEROL-3-SN-PHOSPHATE
8 non-polymer 'FE3-S4 CLUSTER'
9 non-polymer 'PROTOPORPHYRIN IX CONTAINING FE'
10 water water
#
loop_
_entity_poly.entity_id
_entity_poly.type
_entity_poly.pdbx_seq_one_letter_code
_entity_poly.pdbx_strand_id
1 'polypeptide(L)'
;SKFLDRFRYFKQKGETFADGHGQLLNTNRDWEDGYRQRWQHDKIVRSTHGVNCTGSCSWKIYVKNGLVTWETQQTDYPRT
RPDLPNHEPRGCPRGASYSWYLYSANRLKYPMMRKRLMKMWREAKALHSDPVEAWASIIEDADKAKSFKQARGRGGFVRS
SWQEVNELIAASNVYTIKNYGPDRVAGFSPIPAMSMVSYASGARYLSLIGGTCLSFYDWYCDLPPASPQTWGEQTDVPES
ADWYNSSYIIAWGSNVPQTRTPDAHFFTEVRYKGTKTVAVTPDYAEIAKLCDLWLAPKQGTDAAMALAMGHVMLREFHLD
NPSQYFTDYVRRYTDMPMLVMLEERDGYYAAGRMLRAADLVDALGQENNPEWKTVAFNTNGEMVAPNGSIGFRWGEKGKW
NLEQRDGKTGEETELQLSLLGSQDEIAEVGFPYFGGDGTEHFNKVELENVLLHKLPVKRLQLADGSTALVTTVYDLTLAN
YGLERGLNDVNCATSYDDVKAYTPAWAEQITGVSRSQIIRIAREFADNADKTHGRSMIIVGAGLNHWYHLDMNYRGLINM
LIFCGCVGQSGGGWAHYVGQEKLRPQTGWQPLAFALDWQRPARHMNSTSYFYNHSSQWRYETVTAEELLSPMADKSRYTG
HLIDFNVRAERMGWLPSAPQLGTNPLTIAGEAEKAGMNPVDYTVKSLKEGSIRFAAEQPENGKNHPRNLFIWRSNLLGSS
GKGHEFMLKYLLGTEHGIQGKDLGQQGGVKPEEVDWQDNGLEGKLDLVVTLDFRLSSTCLYSDIILPTATWYEKDDMNTS
DMHPFIHPLSAAVDPAWEAKSDWEIYKAIAKKFSEVCVGHLGKETDIVTLPIQHDSAAELAQPLDVKDWKKGECDLIPGK
TAPHIMVVERDYPATYERFTSIGPLMEKIGNGGKGIAWNTQSEMDLLRKLNYTKAEGPAKGQPMLNTAIDAAEMILTLAP
ETNGQVAVKAWAALSEFTGRDHTHLALNKEDEKIRFRDIQAQPRKIISSPTWSGLEDEHVSYNAGYTNVHELIPWRTLSG
RQQLYQDHQWMRDFGESLLVYRPPIDTRSVKEVIGQKSNGNQEKALNFLTPHQKWGIHSTYSDNLLMLTLGRGGPVVWLS
EADAKDLGIADNDWIEVFNSNGALTARAVVSQRVPAGMTMMYHAQERIVNLPGSEITQQRGGIHNSVTRITPKPTHMIGG
YAHLAYGFNYYGTVGSNRDEFVVVRKMKNIDWLDGEGNDQVQESVK
;
A
2 'polypeptide(L)'
;MKIRSQVGMVLNLDKCIGCHTCSVTCKNVWTSREGVEYAWFNNVETKPGQGFPTDWENQEKYKGGWIRKINGKLQPRMGN
RAMLLGKIFANPHLPGIDDYYEPFDFDYQNLHTAPEGSKSQPIARPRSLITGERMAKIEKGPNWEDDLGGEFDKLAKDKN
FDNIQKAMYSQFENTFMMYLPRLCEHCLNPACVATCPSGAIYKREEDGIVLIDQDKCRGWRMCITGCPYKKIYFNWKSGK
SEKCIFCYPRIEAGQPTVCSETCVGRIRYLGVLLYDADAIERAASTENEKDLYQRQLDVFLDPNDPKVIEQAIKDGIPLS
VIEAAQQSPVYKMAMEWKLALPLHPEYRTLPMVWYVPPLSPIQSAADAGELGSNGILPDVESLRIPVQYLANLLTAGDTK
PVLRALKRMLAMRHYKRAETVDGKVDTRALEEVGLTEAQAQEMYRYLAIANYEDRFVVPSSHRELAREAFPEKNGCGFTF
GDGCHGSDTKFNLFNSRRIDAIDVTSKTEPHP
;
B
3 'polypeptide(L)'
;(FME)QFLNMFFFDIYPYIAGAVFLIGSWLRYDYGQYTWRAASSQMLDRKGMNLASNLFHIGILGIFVGYFFGMLTPHWM
YEAWLPIEVKQKMAMFAGGASGVLCLIGGVLLLKRRLFSPRVRATTTGADILILSLLVIQCALGLLTIPFSAQHMDGSEM
MKLVGWAQSVVTFHGGASQHLDGVAFIFRLHLVLGMTLFLLFPFSRLIHIWSVPVEYLTRKYQLVRARH
;
C
#
loop_
_chem_comp.id
_chem_comp.type
_chem_comp.name
_chem_comp.formula
3PH non-polymer 1,2-DIACYL-GLYCEROL-3-SN-PHOSPHATE 'C39 H77 O8 P'
6MO non-polymer 'MOLYBDENUM(VI) ION' 'Mo 6'
F3S non-polymer 'FE3-S4 CLUSTER' 'Fe3 S4'
HEM non-polymer 'PROTOPORPHYRIN IX CONTAINING FE' 'C34 H32 Fe N4 O4'
MD1 non-polymer 'PHOSPHORIC ACID 4-(2-AMINO-4-OXO-3,4,5,6,-TETRAHYDRO-PTERIDIN-6-YL)-2-HYDROXY-3,4-DIMERCAPTO-BUT-3-EN-YL ESTER GUANYLATE ESTER' 'C20 H26 N10 O13 P2 S2'
SF4 non-polymer 'IRON/SULFUR CLUSTER' 'Fe4 S4'
#
# COMPACT_ATOMS: atom_id res chain seq x y z
N SER A 1 8.95 41.28 29.69
CA SER A 1 7.62 41.73 29.19
C SER A 1 7.58 41.88 27.68
N LYS A 2 6.71 41.11 27.02
CA LYS A 2 6.59 41.20 25.57
C LYS A 2 6.03 42.57 25.20
N PHE A 3 5.27 43.18 26.11
CA PHE A 3 4.69 44.49 25.88
C PHE A 3 5.79 45.55 25.93
N LEU A 4 6.68 45.44 26.90
CA LEU A 4 7.78 46.39 27.03
C LEU A 4 8.76 46.28 25.87
N ASP A 5 8.83 45.12 25.24
CA ASP A 5 9.75 44.95 24.12
C ASP A 5 9.33 45.85 22.96
N ARG A 6 8.01 46.04 22.80
CA ARG A 6 7.48 46.89 21.73
C ARG A 6 8.07 48.31 21.71
N PHE A 7 8.76 48.69 22.78
CA PHE A 7 9.36 50.01 22.88
C PHE A 7 10.77 50.01 22.29
N ARG A 8 11.36 48.82 22.16
CA ARG A 8 12.69 48.68 21.55
C ARG A 8 12.44 48.58 20.04
N TYR A 9 11.30 49.12 19.61
CA TYR A 9 10.85 49.15 18.23
C TYR A 9 12.00 49.28 17.23
N PHE A 10 12.58 50.48 17.18
CA PHE A 10 13.68 50.77 16.27
C PHE A 10 15.05 50.25 16.72
N LYS A 11 15.19 49.97 18.02
CA LYS A 11 16.46 49.47 18.55
C LYS A 11 16.76 48.05 18.08
N GLN A 12 15.77 47.40 17.47
CA GLN A 12 15.95 46.04 16.97
C GLN A 12 16.09 46.04 15.45
N LYS A 13 16.11 47.23 14.86
CA LYS A 13 16.23 47.40 13.41
C LYS A 13 17.70 47.49 12.93
N GLY A 14 18.23 46.35 12.51
CA GLY A 14 19.61 46.31 12.02
C GLY A 14 19.73 46.80 10.59
N GLU A 15 20.64 46.18 9.83
CA GLU A 15 20.88 46.56 8.44
C GLU A 15 19.78 46.23 7.43
N THR A 16 19.65 47.09 6.42
CA THR A 16 18.68 46.86 5.36
C THR A 16 19.51 46.14 4.30
N PHE A 17 18.87 45.66 3.24
CA PHE A 17 19.60 44.97 2.17
C PHE A 17 18.80 45.06 0.89
N ALA A 18 19.43 44.70 -0.22
CA ALA A 18 18.77 44.74 -1.52
C ALA A 18 18.25 46.13 -1.84
N ASP A 19 19.01 47.15 -1.47
CA ASP A 19 18.62 48.53 -1.73
C ASP A 19 17.26 48.89 -1.14
N GLY A 20 17.08 48.63 0.15
CA GLY A 20 15.83 48.95 0.80
C GLY A 20 14.66 48.02 0.53
N HIS A 21 14.92 46.87 -0.07
CA HIS A 21 13.84 45.94 -0.34
C HIS A 21 13.66 45.01 0.85
N GLY A 22 14.71 44.94 1.67
CA GLY A 22 14.68 44.09 2.84
C GLY A 22 15.25 44.72 4.09
N GLN A 23 14.85 44.17 5.23
CA GLN A 23 15.29 44.68 6.53
C GLN A 23 15.69 43.53 7.45
N LEU A 24 16.89 43.58 7.99
CA LEU A 24 17.35 42.56 8.93
C LEU A 24 16.98 43.05 10.32
N LEU A 25 16.22 42.23 11.06
CA LEU A 25 15.80 42.58 12.41
C LEU A 25 16.53 41.74 13.46
N ASN A 26 16.73 42.31 14.64
CA ASN A 26 17.38 41.61 15.73
C ASN A 26 16.32 41.45 16.81
N THR A 27 15.32 40.62 16.55
CA THR A 27 14.25 40.42 17.50
C THR A 27 14.13 39.00 18.04
N ASN A 28 13.46 38.86 19.18
CA ASN A 28 13.26 37.58 19.85
C ASN A 28 12.68 36.47 18.95
N ARG A 29 13.11 35.24 19.19
CA ARG A 29 12.67 34.09 18.41
C ARG A 29 12.33 32.88 19.30
N ASP A 30 12.20 33.11 20.60
CA ASP A 30 11.89 32.04 21.53
C ASP A 30 10.65 31.25 21.12
N TRP A 31 9.68 31.93 20.52
CA TRP A 31 8.44 31.25 20.11
C TRP A 31 8.71 30.00 19.26
N GLU A 32 9.84 30.00 18.57
CA GLU A 32 10.18 28.86 17.72
C GLU A 32 10.22 27.55 18.50
N ASP A 33 10.37 27.64 19.82
CA ASP A 33 10.39 26.42 20.66
C ASP A 33 9.07 25.67 20.50
N GLY A 34 8.04 26.39 20.10
CA GLY A 34 6.72 25.81 19.90
C GLY A 34 6.72 24.54 19.06
N TYR A 35 7.33 24.58 17.89
CA TYR A 35 7.38 23.39 17.06
C TYR A 35 8.50 22.46 17.53
N ARG A 36 9.53 23.02 18.16
CA ARG A 36 10.63 22.19 18.63
C ARG A 36 10.15 21.10 19.60
N GLN A 37 9.33 21.49 20.57
CA GLN A 37 8.84 20.56 21.57
C GLN A 37 7.79 19.58 21.06
N ARG A 38 7.34 19.76 19.82
CA ARG A 38 6.37 18.83 19.25
C ARG A 38 7.21 17.69 18.67
N TRP A 39 8.29 18.05 18.00
CA TRP A 39 9.17 17.04 17.41
C TRP A 39 9.82 16.15 18.45
N GLN A 40 10.15 16.72 19.60
CA GLN A 40 10.82 15.96 20.66
C GLN A 40 10.01 14.77 21.15
N HIS A 41 10.71 13.68 21.49
CA HIS A 41 10.05 12.46 21.93
C HIS A 41 10.78 11.71 23.04
N ASP A 42 10.08 10.74 23.64
CA ASP A 42 10.61 9.93 24.74
C ASP A 42 11.65 8.90 24.29
N LYS A 43 11.41 8.28 23.14
CA LYS A 43 12.32 7.27 22.62
C LYS A 43 11.84 6.83 21.24
N ILE A 44 12.67 6.04 20.55
CA ILE A 44 12.29 5.48 19.26
C ILE A 44 12.49 3.99 19.46
N VAL A 45 11.51 3.19 19.03
CA VAL A 45 11.58 1.75 19.15
C VAL A 45 11.51 1.15 17.74
N ARG A 46 12.29 0.11 17.47
CA ARG A 46 12.25 -0.50 16.13
C ARG A 46 11.13 -1.51 16.02
N SER A 47 10.37 -1.42 14.94
CA SER A 47 9.29 -2.38 14.70
C SER A 47 8.99 -2.34 13.22
N THR A 48 8.12 -3.23 12.76
CA THR A 48 7.77 -3.27 11.35
C THR A 48 6.27 -3.53 11.25
N HIS A 49 5.80 -3.95 10.08
CA HIS A 49 4.38 -4.17 9.90
C HIS A 49 4.01 -5.61 9.57
N GLY A 50 3.05 -6.14 10.30
CA GLY A 50 2.61 -7.51 10.06
C GLY A 50 1.43 -7.52 9.12
N VAL A 51 1.66 -7.04 7.90
CA VAL A 51 0.61 -6.99 6.88
C VAL A 51 1.18 -7.56 5.59
N ASN A 52 0.31 -8.19 4.80
CA ASN A 52 0.73 -8.81 3.55
C ASN A 52 0.98 -7.80 2.43
N CYS A 53 2.19 -7.27 2.36
CA CYS A 53 2.55 -6.28 1.36
C CYS A 53 3.91 -6.56 0.72
N THR A 54 4.67 -7.48 1.31
CA THR A 54 6.01 -7.85 0.85
C THR A 54 6.99 -6.72 1.16
N GLY A 55 6.49 -5.65 1.76
CA GLY A 55 7.36 -4.53 2.11
C GLY A 55 8.46 -4.95 3.06
N SER A 56 8.07 -5.37 4.27
CA SER A 56 9.04 -5.80 5.28
C SER A 56 10.00 -4.66 5.58
N CYS A 57 9.44 -3.48 5.87
CA CYS A 57 10.24 -2.30 6.17
C CYS A 57 10.36 -2.04 7.66
N SER A 58 11.59 -1.84 8.13
CA SER A 58 11.82 -1.56 9.53
C SER A 58 11.55 -0.08 9.78
N TRP A 59 10.79 0.23 10.83
CA TRP A 59 10.45 1.61 11.15
C TRP A 59 10.93 2.05 12.53
N LYS A 60 10.92 3.36 12.75
CA LYS A 60 11.27 3.95 14.03
C LYS A 60 9.93 4.33 14.62
N ILE A 61 9.57 3.72 15.74
CA ILE A 61 8.30 4.05 16.38
C ILE A 61 8.58 5.10 17.43
N TYR A 62 7.97 6.27 17.29
CA TYR A 62 8.19 7.32 18.26
C TYR A 62 7.18 7.30 19.39
N VAL A 63 7.69 7.32 20.63
CA VAL A 63 6.83 7.37 21.80
C VAL A 63 7.08 8.72 22.45
N LYS A 64 6.02 9.49 22.63
CA LYS A 64 6.09 10.82 23.20
C LYS A 64 4.95 10.90 24.20
N ASN A 65 5.21 11.43 25.40
CA ASN A 65 4.16 11.52 26.41
C ASN A 65 3.68 10.13 26.80
N GLY A 66 4.56 9.15 26.67
CA GLY A 66 4.21 7.78 27.01
C GLY A 66 3.19 7.17 26.07
N LEU A 67 3.09 7.71 24.86
CA LEU A 67 2.15 7.19 23.85
C LEU A 67 2.83 7.12 22.48
N VAL A 68 2.33 6.25 21.61
CA VAL A 68 2.86 6.16 20.25
C VAL A 68 2.26 7.34 19.52
N THR A 69 3.09 8.20 18.93
CA THR A 69 2.58 9.38 18.23
C THR A 69 2.80 9.41 16.71
N TRP A 70 3.89 8.81 16.22
CA TRP A 70 4.15 8.78 14.79
C TRP A 70 5.32 7.87 14.49
N GLU A 71 5.62 7.67 13.22
CA GLU A 71 6.73 6.82 12.82
C GLU A 71 7.44 7.30 11.56
N THR A 72 8.72 6.95 11.41
CA THR A 72 9.52 7.29 10.23
C THR A 72 10.46 6.12 9.94
N GLN A 73 10.76 5.88 8.67
CA GLN A 73 11.60 4.74 8.31
C GLN A 73 12.99 4.71 8.90
N GLN A 74 13.47 3.51 9.17
CA GLN A 74 14.82 3.30 9.68
C GLN A 74 15.65 3.29 8.40
N THR A 75 16.86 3.82 8.45
CA THR A 75 17.71 3.86 7.26
C THR A 75 19.00 3.07 7.46
N ASP A 76 19.07 2.30 8.53
CA ASP A 76 20.31 1.58 8.85
C ASP A 76 20.46 0.14 8.34
N TYR A 77 19.76 -0.22 7.28
CA TYR A 77 19.90 -1.58 6.76
C TYR A 77 21.34 -1.76 6.32
N PRO A 78 21.87 -2.99 6.42
CA PRO A 78 23.24 -3.28 6.00
C PRO A 78 23.29 -2.85 4.53
N ARG A 79 24.26 -2.02 4.18
CA ARG A 79 24.37 -1.52 2.81
C ARG A 79 24.75 -2.55 1.75
N THR A 80 24.17 -2.40 0.56
CA THR A 80 24.44 -3.29 -0.56
C THR A 80 25.79 -2.94 -1.16
N ARG A 81 26.23 -3.71 -2.14
CA ARG A 81 27.52 -3.46 -2.77
C ARG A 81 27.61 -2.00 -3.18
N PRO A 82 28.84 -1.48 -3.37
CA PRO A 82 29.03 -0.08 -3.75
C PRO A 82 28.38 0.28 -5.10
N ASP A 83 28.27 -0.70 -5.99
CA ASP A 83 27.70 -0.51 -7.32
C ASP A 83 26.19 -0.72 -7.37
N LEU A 84 25.57 -0.80 -6.21
CA LEU A 84 24.13 -0.99 -6.12
C LEU A 84 23.54 0.04 -5.17
N PRO A 85 22.33 0.53 -5.46
CA PRO A 85 21.80 1.50 -4.51
C PRO A 85 21.41 0.72 -3.26
N ASN A 86 21.33 1.40 -2.12
CA ASN A 86 20.96 0.75 -0.88
C ASN A 86 19.44 0.69 -0.78
N HIS A 87 18.93 0.04 0.26
CA HIS A 87 17.49 -0.09 0.45
C HIS A 87 16.79 1.10 1.14
N GLU A 88 17.47 1.73 2.09
CA GLU A 88 16.85 2.86 2.81
C GLU A 88 16.22 3.84 1.85
N PRO A 89 15.08 4.45 2.25
CA PRO A 89 14.39 4.24 3.53
C PRO A 89 13.27 3.21 3.49
N ARG A 90 12.89 2.79 2.29
CA ARG A 90 11.79 1.85 2.11
C ARG A 90 10.53 2.52 2.63
N GLY A 91 9.59 1.74 3.15
CA GLY A 91 8.35 2.30 3.64
C GLY A 91 7.37 2.56 2.51
N CYS A 92 6.16 3.03 2.86
CA CYS A 92 5.12 3.36 1.89
C CYS A 92 4.07 4.22 2.61
N PRO A 93 3.07 4.74 1.87
CA PRO A 93 2.05 5.57 2.51
C PRO A 93 1.19 4.85 3.53
N ARG A 94 0.82 3.61 3.24
CA ARG A 94 0.00 2.84 4.17
C ARG A 94 0.75 2.70 5.50
N GLY A 95 1.98 2.21 5.41
CA GLY A 95 2.79 2.03 6.59
C GLY A 95 2.94 3.29 7.41
N ALA A 96 3.13 4.42 6.73
CA ALA A 96 3.29 5.69 7.42
C ALA A 96 2.04 6.11 8.20
N SER A 97 0.94 5.40 7.98
CA SER A 97 -0.29 5.76 8.68
C SER A 97 -0.70 4.81 9.81
N TYR A 98 0.05 3.74 10.02
CA TYR A 98 -0.32 2.77 11.04
C TYR A 98 -0.58 3.38 12.42
N SER A 99 0.33 4.24 12.87
CA SER A 99 0.20 4.88 14.18
C SER A 99 -1.22 5.34 14.52
N TRP A 100 -2.00 5.66 13.49
CA TRP A 100 -3.39 6.12 13.67
C TRP A 100 -4.27 5.11 14.43
N TYR A 101 -4.09 3.83 14.13
CA TYR A 101 -4.90 2.79 14.75
C TYR A 101 -4.89 2.72 16.27
N LEU A 102 -3.70 2.67 16.87
CA LEU A 102 -3.56 2.55 18.32
C LEU A 102 -4.65 3.07 19.24
N TYR A 103 -5.06 4.32 19.10
CA TYR A 103 -6.10 4.87 19.97
C TYR A 103 -7.25 5.44 19.17
N SER A 104 -7.40 5.02 17.93
CA SER A 104 -8.47 5.54 17.08
C SER A 104 -9.84 5.04 17.53
N ALA A 105 -10.89 5.61 16.95
CA ALA A 105 -12.26 5.24 17.31
C ALA A 105 -12.66 3.83 16.84
N ASN A 106 -11.76 3.15 16.13
CA ASN A 106 -12.10 1.81 15.67
C ASN A 106 -11.20 0.73 16.27
N ARG A 107 -10.48 1.09 17.32
CA ARG A 107 -9.60 0.17 18.02
C ARG A 107 -10.45 -0.79 18.85
N LEU A 108 -10.11 -2.07 18.82
CA LEU A 108 -10.82 -3.07 19.62
C LEU A 108 -10.09 -3.06 20.96
N LYS A 109 -10.83 -2.76 22.04
CA LYS A 109 -10.21 -2.69 23.35
C LYS A 109 -10.48 -3.87 24.28
N TYR A 110 -11.66 -4.45 24.17
CA TYR A 110 -12.04 -5.56 25.03
C TYR A 110 -12.62 -6.71 24.25
N PRO A 111 -12.55 -7.93 24.81
CA PRO A 111 -13.12 -9.05 24.07
C PRO A 111 -14.63 -8.81 24.00
N MET A 112 -15.21 -9.02 22.83
CA MET A 112 -16.65 -8.81 22.65
C MET A 112 -17.36 -10.11 22.30
N MET A 113 -18.67 -10.14 22.58
CA MET A 113 -19.49 -11.30 22.28
C MET A 113 -20.86 -10.83 21.84
N ARG A 114 -21.47 -11.55 20.89
CA ARG A 114 -22.80 -11.21 20.41
C ARG A 114 -23.73 -11.32 21.63
N LYS A 115 -24.56 -10.31 21.87
CA LYS A 115 -25.45 -10.31 23.01
C LYS A 115 -26.27 -11.59 23.13
N ARG A 116 -26.97 -11.95 22.07
CA ARG A 116 -27.80 -13.14 22.08
C ARG A 116 -27.01 -14.37 22.51
N LEU A 117 -25.78 -14.50 22.01
CA LEU A 117 -24.96 -15.65 22.39
C LEU A 117 -24.62 -15.62 23.88
N MET A 118 -24.26 -14.43 24.39
CA MET A 118 -23.90 -14.27 25.79
C MET A 118 -25.09 -14.57 26.70
N LYS A 119 -26.28 -14.12 26.31
CA LYS A 119 -27.47 -14.36 27.11
C LYS A 119 -27.71 -15.86 27.28
N MET A 120 -27.61 -16.62 26.20
CA MET A 120 -27.82 -18.06 26.28
C MET A 120 -26.67 -18.80 26.94
N TRP A 121 -25.47 -18.23 26.86
CA TRP A 121 -24.29 -18.83 27.47
C TRP A 121 -24.39 -18.80 28.99
N ARG A 122 -24.69 -17.61 29.53
CA ARG A 122 -24.81 -17.44 30.97
C ARG A 122 -26.01 -18.15 31.57
N GLU A 123 -27.06 -18.31 30.78
CA GLU A 123 -28.24 -19.01 31.26
C GLU A 123 -27.98 -20.51 31.23
N ALA A 124 -27.19 -20.96 30.26
CA ALA A 124 -26.85 -22.37 30.11
C ALA A 124 -25.88 -22.82 31.22
N LYS A 125 -24.94 -21.95 31.58
CA LYS A 125 -23.97 -22.27 32.63
C LYS A 125 -24.67 -22.43 33.98
N ALA A 126 -25.82 -21.78 34.14
CA ALA A 126 -26.57 -21.84 35.39
C ALA A 126 -27.28 -23.19 35.53
N LEU A 127 -27.32 -23.96 34.44
CA LEU A 127 -27.99 -25.25 34.44
C LEU A 127 -27.03 -26.38 34.16
N HIS A 128 -25.81 -26.03 33.76
CA HIS A 128 -24.79 -27.02 33.43
C HIS A 128 -23.45 -26.57 33.98
N SER A 129 -23.07 -27.13 35.12
CA SER A 129 -21.82 -26.80 35.78
C SER A 129 -20.64 -26.98 34.83
N ASP A 130 -20.70 -27.98 33.95
CA ASP A 130 -19.62 -28.22 33.01
C ASP A 130 -19.85 -27.41 31.73
N PRO A 131 -18.92 -26.48 31.42
CA PRO A 131 -19.05 -25.64 30.21
C PRO A 131 -19.25 -26.41 28.90
N VAL A 132 -18.67 -27.58 28.80
CA VAL A 132 -18.84 -28.38 27.59
C VAL A 132 -20.32 -28.71 27.43
N GLU A 133 -20.92 -29.19 28.51
CA GLU A 133 -22.33 -29.54 28.51
C GLU A 133 -23.20 -28.30 28.40
N ALA A 134 -22.61 -27.15 28.68
CA ALA A 134 -23.35 -25.89 28.57
C ALA A 134 -23.45 -25.54 27.09
N TRP A 135 -22.34 -25.68 26.38
CA TRP A 135 -22.31 -25.39 24.95
C TRP A 135 -23.25 -26.35 24.25
N ALA A 136 -23.17 -27.62 24.65
CA ALA A 136 -24.01 -28.66 24.09
C ALA A 136 -25.49 -28.25 24.12
N SER A 137 -25.98 -27.81 25.27
CA SER A 137 -27.37 -27.43 25.41
C SER A 137 -27.77 -26.31 24.46
N ILE A 138 -26.80 -25.45 24.13
CA ILE A 138 -27.06 -24.33 23.22
C ILE A 138 -27.04 -24.82 21.77
N ILE A 139 -25.91 -25.39 21.37
CA ILE A 139 -25.69 -25.84 20.01
C ILE A 139 -26.57 -26.97 19.47
N GLU A 140 -27.12 -27.80 20.35
CA GLU A 140 -27.97 -28.92 19.91
C GLU A 140 -29.45 -28.52 19.87
N ASP A 141 -29.73 -27.26 20.16
CA ASP A 141 -31.08 -26.72 20.12
C ASP A 141 -31.16 -25.86 18.86
N ALA A 142 -31.89 -26.34 17.85
CA ALA A 142 -32.02 -25.63 16.57
C ALA A 142 -32.39 -24.15 16.68
N ASP A 143 -33.32 -23.82 17.57
CA ASP A 143 -33.76 -22.44 17.73
C ASP A 143 -32.73 -21.55 18.42
N LYS A 144 -32.02 -22.11 19.40
CA LYS A 144 -30.99 -21.37 20.12
C LYS A 144 -29.83 -21.11 19.16
N ALA A 145 -29.38 -22.17 18.51
CA ALA A 145 -28.28 -22.06 17.57
C ALA A 145 -28.60 -20.99 16.53
N LYS A 146 -29.83 -21.03 16.02
CA LYS A 146 -30.24 -20.07 15.00
C LYS A 146 -30.36 -18.65 15.53
N SER A 147 -30.82 -18.49 16.76
CA SER A 147 -30.98 -17.14 17.31
C SER A 147 -29.68 -16.33 17.31
N PHE A 148 -28.52 -16.98 17.43
CA PHE A 148 -27.29 -16.20 17.41
C PHE A 148 -26.57 -16.21 16.06
N LYS A 149 -26.80 -17.24 15.24
CA LYS A 149 -26.17 -17.29 13.91
C LYS A 149 -26.82 -16.26 12.99
N GLN A 150 -28.11 -16.05 13.16
CA GLN A 150 -28.85 -15.10 12.35
C GLN A 150 -28.59 -13.68 12.82
N ALA A 151 -27.93 -13.56 13.96
CA ALA A 151 -27.60 -12.25 14.52
C ALA A 151 -26.25 -11.79 14.01
N ARG A 152 -25.50 -12.69 13.38
CA ARG A 152 -24.18 -12.35 12.85
C ARG A 152 -24.27 -11.17 11.89
N GLY A 153 -23.44 -10.16 12.13
CA GLY A 153 -23.43 -8.98 11.30
C GLY A 153 -24.66 -8.09 11.48
N ARG A 154 -25.33 -8.23 12.63
CA ARG A 154 -26.53 -7.43 12.88
C ARG A 154 -26.54 -6.69 14.21
N GLY A 155 -25.36 -6.22 14.62
CA GLY A 155 -25.24 -5.48 15.87
C GLY A 155 -25.36 -6.35 17.09
N GLY A 156 -25.40 -5.72 18.26
CA GLY A 156 -25.53 -6.46 19.50
C GLY A 156 -24.24 -6.89 20.20
N PHE A 157 -23.10 -6.37 19.80
CA PHE A 157 -21.88 -6.76 20.47
C PHE A 157 -21.84 -6.15 21.87
N VAL A 158 -21.53 -6.97 22.86
CA VAL A 158 -21.43 -6.51 24.24
C VAL A 158 -20.05 -6.84 24.79
N ARG A 159 -19.61 -6.05 25.77
CA ARG A 159 -18.30 -6.26 26.38
C ARG A 159 -18.31 -7.53 27.25
N SER A 160 -17.32 -8.38 27.04
CA SER A 160 -17.18 -9.63 27.77
C SER A 160 -15.89 -9.57 28.61
N SER A 161 -15.21 -10.70 28.75
CA SER A 161 -13.96 -10.75 29.50
C SER A 161 -13.17 -11.95 29.00
N TRP A 162 -11.85 -11.90 29.17
CA TRP A 162 -11.00 -12.99 28.73
C TRP A 162 -11.39 -14.30 29.38
N GLN A 163 -11.80 -14.24 30.64
CA GLN A 163 -12.18 -15.44 31.35
C GLN A 163 -13.43 -16.05 30.71
N GLU A 164 -14.38 -15.20 30.32
CA GLU A 164 -15.62 -15.69 29.72
C GLU A 164 -15.44 -16.24 28.31
N VAL A 165 -14.74 -15.50 27.46
CA VAL A 165 -14.55 -15.96 26.09
C VAL A 165 -13.63 -17.16 26.03
N ASN A 166 -12.60 -17.18 26.87
CA ASN A 166 -11.67 -18.30 26.88
C ASN A 166 -12.37 -19.60 27.26
N GLU A 167 -13.32 -19.51 28.19
CA GLU A 167 -14.02 -20.71 28.60
C GLU A 167 -14.93 -21.20 27.51
N LEU A 168 -15.67 -20.27 26.90
CA LEU A 168 -16.59 -20.63 25.84
C LEU A 168 -15.87 -21.19 24.61
N ILE A 169 -14.71 -20.62 24.29
CA ILE A 169 -13.96 -21.09 23.14
C ILE A 169 -13.52 -22.52 23.37
N ALA A 170 -12.92 -22.75 24.53
CA ALA A 170 -12.42 -24.06 24.92
C ALA A 170 -13.54 -25.08 25.05
N ALA A 171 -14.64 -24.68 25.68
CA ALA A 171 -15.76 -25.59 25.85
C ALA A 171 -16.22 -26.02 24.46
N SER A 172 -16.39 -25.04 23.58
CA SER A 172 -16.82 -25.30 22.21
C SER A 172 -15.84 -26.17 21.43
N ASN A 173 -14.55 -25.93 21.61
CA ASN A 173 -13.55 -26.73 20.89
C ASN A 173 -13.63 -28.18 21.38
N VAL A 174 -13.70 -28.36 22.69
CA VAL A 174 -13.77 -29.69 23.29
C VAL A 174 -14.98 -30.46 22.77
N TYR A 175 -16.16 -29.82 22.81
CA TYR A 175 -17.40 -30.43 22.35
C TYR A 175 -17.32 -30.86 20.90
N THR A 176 -16.75 -29.99 20.06
CA THR A 176 -16.64 -30.26 18.64
C THR A 176 -15.70 -31.42 18.33
N ILE A 177 -14.53 -31.41 18.95
CA ILE A 177 -13.53 -32.46 18.75
C ILE A 177 -14.02 -33.82 19.23
N LYS A 178 -14.73 -33.79 20.35
CA LYS A 178 -15.26 -35.00 20.96
C LYS A 178 -16.42 -35.65 20.21
N ASN A 179 -17.36 -34.84 19.74
CA ASN A 179 -18.53 -35.38 19.06
C ASN A 179 -18.48 -35.49 17.55
N TYR A 180 -17.58 -34.76 16.91
CA TYR A 180 -17.49 -34.83 15.46
C TYR A 180 -16.09 -35.18 15.00
N GLY A 181 -15.09 -34.59 15.66
CA GLY A 181 -13.72 -34.88 15.30
C GLY A 181 -12.82 -33.66 15.35
N PRO A 182 -11.52 -33.82 15.62
CA PRO A 182 -10.64 -32.65 15.67
C PRO A 182 -10.66 -31.83 14.38
N ASP A 183 -10.72 -32.51 13.23
CA ASP A 183 -10.73 -31.81 11.93
C ASP A 183 -12.03 -31.04 11.65
N ARG A 184 -12.86 -30.87 12.67
CA ARG A 184 -14.09 -30.10 12.51
C ARG A 184 -13.86 -28.72 13.14
N VAL A 185 -12.67 -28.57 13.72
CA VAL A 185 -12.22 -27.33 14.32
C VAL A 185 -11.15 -26.84 13.34
N ALA A 186 -11.18 -25.55 13.00
CA ALA A 186 -10.19 -25.03 12.07
C ALA A 186 -9.81 -23.57 12.26
N GLY A 187 -8.70 -23.18 11.64
CA GLY A 187 -8.26 -21.81 11.73
C GLY A 187 -7.68 -21.30 10.42
N PHE A 188 -7.92 -20.02 10.13
CA PHE A 188 -7.37 -19.41 8.92
C PHE A 188 -6.52 -18.21 9.27
N SER A 189 -5.28 -18.22 8.78
CA SER A 189 -4.31 -17.15 9.00
C SER A 189 -3.34 -17.27 7.84
N PRO A 190 -2.99 -16.13 7.20
CA PRO A 190 -2.06 -16.24 6.07
C PRO A 190 -0.68 -15.67 6.28
N ILE A 191 0.10 -15.71 5.20
CA ILE A 191 1.45 -15.16 5.12
C ILE A 191 2.18 -15.09 6.44
N PRO A 192 2.75 -16.21 6.88
CA PRO A 192 3.48 -16.22 8.15
C PRO A 192 4.75 -15.37 8.13
N ALA A 193 5.28 -15.08 6.94
CA ALA A 193 6.48 -14.28 6.83
C ALA A 193 6.31 -12.87 7.43
N MET A 194 5.10 -12.31 7.36
CA MET A 194 4.87 -10.96 7.90
C MET A 194 4.85 -10.87 9.42
N SER A 195 4.61 -12.00 10.09
CA SER A 195 4.61 -12.05 11.55
C SER A 195 4.65 -13.51 11.96
N MET A 196 5.82 -14.11 11.76
CA MET A 196 6.10 -15.51 12.04
C MET A 196 5.49 -16.11 13.28
N VAL A 197 5.84 -15.58 14.44
CA VAL A 197 5.30 -16.14 15.67
C VAL A 197 3.82 -15.84 15.85
N SER A 198 3.34 -14.73 15.29
CA SER A 198 1.93 -14.38 15.40
C SER A 198 1.06 -15.40 14.65
N TYR A 199 1.55 -15.86 13.52
CA TYR A 199 0.84 -16.86 12.73
C TYR A 199 0.91 -18.18 13.50
N ALA A 200 2.12 -18.52 13.92
CA ALA A 200 2.39 -19.74 14.67
C ALA A 200 1.54 -19.94 15.91
N SER A 201 1.16 -18.86 16.58
CA SER A 201 0.36 -18.97 17.79
C SER A 201 -0.87 -19.85 17.61
N GLY A 202 -1.71 -19.53 16.64
CA GLY A 202 -2.92 -20.31 16.42
C GLY A 202 -2.66 -21.64 15.69
N ALA A 203 -1.71 -21.63 14.76
CA ALA A 203 -1.40 -22.85 14.01
C ALA A 203 -0.89 -23.94 14.94
N ARG A 204 -0.10 -23.54 15.94
CA ARG A 204 0.45 -24.49 16.90
C ARG A 204 -0.62 -25.10 17.78
N TYR A 205 -1.53 -24.28 18.28
CA TYR A 205 -2.63 -24.75 19.11
C TYR A 205 -3.47 -25.73 18.29
N LEU A 206 -3.96 -25.27 17.14
CA LEU A 206 -4.77 -26.10 16.26
C LEU A 206 -4.08 -27.39 15.87
N SER A 207 -2.77 -27.35 15.61
CA SER A 207 -2.07 -28.56 15.22
C SER A 207 -2.01 -29.57 16.35
N LEU A 208 -1.73 -29.08 17.56
CA LEU A 208 -1.67 -29.97 18.71
C LEU A 208 -2.99 -30.71 18.90
N ILE A 209 -4.11 -29.98 18.84
CA ILE A 209 -5.41 -30.60 19.02
C ILE A 209 -5.97 -31.29 17.79
N GLY A 210 -5.23 -31.26 16.69
CA GLY A 210 -5.70 -31.92 15.48
C GLY A 210 -6.59 -31.12 14.54
N GLY A 211 -6.76 -29.83 14.81
CA GLY A 211 -7.58 -28.99 13.95
C GLY A 211 -6.90 -28.74 12.61
N THR A 212 -7.68 -28.35 11.61
CA THR A 212 -7.11 -28.11 10.29
C THR A 212 -6.55 -26.70 10.11
N CYS A 213 -5.38 -26.62 9.48
CA CYS A 213 -4.71 -25.36 9.18
C CYS A 213 -4.93 -25.07 7.70
N LEU A 214 -5.79 -24.10 7.41
CA LEU A 214 -6.11 -23.73 6.03
C LEU A 214 -4.99 -22.96 5.33
N SER A 215 -4.76 -23.27 4.06
CA SER A 215 -3.72 -22.63 3.24
C SER A 215 -4.10 -21.22 2.81
N PHE A 216 -3.17 -20.51 2.15
CA PHE A 216 -3.44 -19.15 1.72
C PHE A 216 -2.87 -18.74 0.36
N TYR A 217 -1.67 -19.22 0.04
CA TYR A 217 -1.02 -18.86 -1.22
C TYR A 217 -1.87 -19.22 -2.44
N ASP A 218 -2.44 -20.42 -2.43
CA ASP A 218 -3.29 -20.85 -3.52
C ASP A 218 -4.67 -20.18 -3.43
N TRP A 219 -5.18 -20.06 -2.21
CA TRP A 219 -6.47 -19.43 -1.96
C TRP A 219 -6.54 -18.00 -2.48
N TYR A 220 -5.45 -17.26 -2.28
CA TYR A 220 -5.38 -15.87 -2.72
C TYR A 220 -5.10 -15.76 -4.21
N CYS A 221 -4.66 -16.86 -4.80
CA CYS A 221 -4.31 -16.95 -6.22
C CYS A 221 -2.98 -16.28 -6.50
N ASP A 222 -2.09 -16.35 -5.52
CA ASP A 222 -0.74 -15.78 -5.65
C ASP A 222 0.20 -16.90 -6.03
N LEU A 223 -0.26 -18.12 -5.81
CA LEU A 223 0.48 -19.30 -6.17
C LEU A 223 0.36 -19.42 -7.68
N PRO A 224 1.50 -19.39 -8.39
CA PRO A 224 1.37 -19.52 -9.84
C PRO A 224 1.64 -21.00 -10.13
N PRO A 225 0.57 -21.81 -10.26
CA PRO A 225 0.73 -23.24 -10.53
C PRO A 225 1.79 -23.53 -11.59
N ALA A 226 2.03 -22.55 -12.45
CA ALA A 226 3.01 -22.66 -13.51
C ALA A 226 4.41 -22.88 -12.94
N SER A 227 4.68 -22.31 -11.77
CA SER A 227 5.98 -22.46 -11.13
C SER A 227 6.21 -23.92 -10.74
N PRO A 228 5.28 -24.52 -9.97
CA PRO A 228 5.49 -25.93 -9.60
C PRO A 228 5.62 -26.76 -10.87
N GLN A 229 4.83 -26.43 -11.87
CA GLN A 229 4.82 -27.13 -13.15
C GLN A 229 6.17 -27.10 -13.87
N THR A 230 6.77 -25.91 -13.91
CA THR A 230 8.03 -25.72 -14.60
C THR A 230 9.28 -26.03 -13.78
N TRP A 231 9.28 -25.68 -12.50
CA TRP A 231 10.46 -25.88 -11.66
C TRP A 231 10.29 -26.78 -10.45
N GLY A 232 9.05 -27.18 -10.17
CA GLY A 232 8.83 -28.03 -9.01
C GLY A 232 9.11 -27.27 -7.74
N GLU A 233 8.92 -25.95 -7.82
CA GLU A 233 9.14 -25.05 -6.70
C GLU A 233 7.94 -24.11 -6.50
N GLN A 234 7.44 -24.05 -5.28
CA GLN A 234 6.31 -23.19 -4.96
C GLN A 234 6.50 -21.78 -5.53
N THR A 235 7.52 -21.08 -5.04
CA THR A 235 7.83 -19.74 -5.51
C THR A 235 9.18 -19.31 -4.96
N ASP A 236 10.07 -18.93 -5.86
CA ASP A 236 11.40 -18.47 -5.50
C ASP A 236 11.78 -17.45 -6.56
N VAL A 237 12.11 -16.24 -6.13
CA VAL A 237 12.44 -15.19 -7.07
C VAL A 237 13.65 -14.35 -6.70
N PRO A 238 14.13 -13.53 -7.63
CA PRO A 238 15.29 -12.69 -7.32
C PRO A 238 14.84 -11.52 -6.46
N GLU A 239 15.76 -10.96 -5.66
CA GLU A 239 15.43 -9.82 -4.81
C GLU A 239 15.40 -8.56 -5.66
N SER A 240 14.75 -7.52 -5.14
CA SER A 240 14.65 -6.27 -5.89
C SER A 240 16.00 -5.66 -6.27
N ALA A 241 17.00 -5.83 -5.40
CA ALA A 241 18.31 -5.28 -5.72
C ALA A 241 18.81 -5.89 -7.01
N ASP A 242 18.40 -7.13 -7.28
CA ASP A 242 18.83 -7.81 -8.49
C ASP A 242 18.28 -7.19 -9.77
N TRP A 243 17.16 -6.47 -9.66
CA TRP A 243 16.60 -5.80 -10.84
C TRP A 243 17.67 -4.85 -11.38
N TYR A 244 18.51 -4.34 -10.48
CA TYR A 244 19.55 -3.40 -10.83
C TYR A 244 20.71 -4.03 -11.59
N ASN A 245 20.71 -5.35 -11.67
CA ASN A 245 21.74 -6.07 -12.39
C ASN A 245 21.22 -6.46 -13.77
N SER A 246 19.99 -6.06 -14.06
CA SER A 246 19.36 -6.36 -15.34
C SER A 246 19.49 -5.17 -16.28
N SER A 247 19.70 -5.45 -17.56
CA SER A 247 19.85 -4.39 -18.55
C SER A 247 18.61 -4.27 -19.46
N TYR A 248 17.59 -5.06 -19.16
CA TYR A 248 16.33 -5.03 -19.92
C TYR A 248 15.19 -5.61 -19.08
N ILE A 249 14.22 -4.78 -18.72
CA ILE A 249 13.11 -5.25 -17.89
C ILE A 249 11.71 -4.98 -18.44
N ILE A 250 10.84 -5.97 -18.31
CA ILE A 250 9.45 -5.83 -18.74
C ILE A 250 8.60 -5.92 -17.46
N ALA A 251 7.80 -4.91 -17.19
CA ALA A 251 6.90 -4.95 -16.02
C ALA A 251 5.58 -5.35 -16.65
N TRP A 252 5.22 -6.62 -16.51
CA TRP A 252 4.01 -7.18 -17.08
C TRP A 252 2.96 -7.43 -16.01
N GLY A 253 1.86 -6.71 -16.05
CA GLY A 253 0.82 -6.90 -15.05
C GLY A 253 1.32 -6.73 -13.64
N SER A 254 2.31 -5.85 -13.45
CA SER A 254 2.88 -5.59 -12.14
C SER A 254 2.94 -4.08 -11.95
N ASN A 255 2.14 -3.57 -11.03
CA ASN A 255 2.08 -2.12 -10.78
C ASN A 255 3.13 -1.72 -9.74
N VAL A 256 4.39 -1.93 -10.10
CA VAL A 256 5.53 -1.65 -9.23
C VAL A 256 5.45 -0.43 -8.31
N PRO A 257 5.30 0.78 -8.87
CA PRO A 257 5.24 1.95 -7.98
C PRO A 257 4.12 1.94 -6.95
N GLN A 258 3.05 1.21 -7.23
CA GLN A 258 1.91 1.15 -6.33
C GLN A 258 1.85 -0.09 -5.43
N THR A 259 2.22 -1.24 -5.98
CA THR A 259 2.17 -2.51 -5.24
C THR A 259 3.50 -3.07 -4.77
N ARG A 260 4.58 -2.31 -4.99
CA ARG A 260 5.93 -2.71 -4.58
C ARG A 260 6.65 -1.40 -4.31
N THR A 261 5.92 -0.47 -3.69
CA THR A 261 6.40 0.86 -3.39
C THR A 261 7.81 0.99 -2.82
N PRO A 262 8.10 0.33 -1.69
CA PRO A 262 9.45 0.43 -1.12
C PRO A 262 10.61 -0.05 -2.01
N ASP A 263 10.31 -0.86 -3.02
CA ASP A 263 11.35 -1.37 -3.91
C ASP A 263 11.41 -0.68 -5.27
N ALA A 264 10.44 0.20 -5.54
CA ALA A 264 10.37 0.90 -6.82
C ALA A 264 11.64 1.62 -7.26
N HIS A 265 12.35 2.23 -6.33
CA HIS A 265 13.55 2.97 -6.71
C HIS A 265 14.57 2.12 -7.47
N PHE A 266 14.63 0.83 -7.18
CA PHE A 266 15.59 -0.01 -7.88
C PHE A 266 15.23 -0.02 -9.35
N PHE A 267 13.93 0.08 -9.62
CA PHE A 267 13.43 0.10 -10.97
C PHE A 267 13.66 1.47 -11.63
N THR A 268 13.46 2.56 -10.89
CA THR A 268 13.65 3.89 -11.47
C THR A 268 15.14 4.26 -11.62
N GLU A 269 15.96 3.79 -10.68
CA GLU A 269 17.38 4.07 -10.72
C GLU A 269 18.14 3.24 -11.76
N VAL A 270 17.77 1.97 -11.94
CA VAL A 270 18.46 1.11 -12.89
C VAL A 270 18.36 1.68 -14.30
N ARG A 271 17.36 2.54 -14.51
CA ARG A 271 17.16 3.17 -15.80
C ARG A 271 18.33 4.11 -16.12
N TYR A 272 18.93 4.68 -15.07
CA TYR A 272 20.05 5.57 -15.27
C TYR A 272 21.34 4.81 -15.58
N LYS A 273 21.27 3.49 -15.50
CA LYS A 273 22.42 2.62 -15.77
C LYS A 273 22.39 2.16 -17.22
N GLY A 274 21.34 2.55 -17.95
CA GLY A 274 21.22 2.19 -19.34
C GLY A 274 20.15 1.15 -19.60
N THR A 275 19.55 0.64 -18.53
CA THR A 275 18.51 -0.37 -18.64
C THR A 275 17.22 0.16 -19.28
N LYS A 276 16.68 -0.60 -20.25
CA LYS A 276 15.44 -0.21 -20.90
C LYS A 276 14.30 -0.88 -20.15
N THR A 277 13.20 -0.14 -20.01
CA THR A 277 12.07 -0.69 -19.29
C THR A 277 10.81 -0.61 -20.14
N VAL A 278 10.00 -1.67 -20.07
CA VAL A 278 8.76 -1.73 -20.81
C VAL A 278 7.61 -2.11 -19.89
N ALA A 279 6.51 -1.38 -19.98
CA ALA A 279 5.32 -1.64 -19.18
C ALA A 279 4.25 -2.26 -20.06
N VAL A 280 3.61 -3.31 -19.57
CA VAL A 280 2.54 -3.96 -20.31
C VAL A 280 1.29 -4.00 -19.44
N THR A 281 0.41 -3.01 -19.64
CA THR A 281 -0.85 -2.92 -18.89
C THR A 281 -2.00 -2.39 -19.77
N PRO A 282 -3.20 -2.98 -19.62
CA PRO A 282 -4.35 -2.55 -20.43
C PRO A 282 -4.72 -1.09 -20.19
N ASP A 283 -4.51 -0.62 -18.97
CA ASP A 283 -4.81 0.76 -18.61
C ASP A 283 -3.49 1.54 -18.51
N TYR A 284 -3.58 2.86 -18.46
CA TYR A 284 -2.37 3.64 -18.29
C TYR A 284 -2.17 3.64 -16.79
N ALA A 285 -1.51 2.59 -16.30
CA ALA A 285 -1.27 2.44 -14.87
C ALA A 285 -0.06 3.24 -14.40
N GLU A 286 0.06 3.36 -13.08
CA GLU A 286 1.17 4.09 -12.50
C GLU A 286 2.50 3.59 -13.04
N ILE A 287 2.63 2.28 -13.20
CA ILE A 287 3.87 1.70 -13.69
C ILE A 287 4.27 2.23 -15.08
N ALA A 288 3.31 2.63 -15.88
CA ALA A 288 3.64 3.15 -17.20
C ALA A 288 4.43 4.45 -17.06
N LYS A 289 4.10 5.24 -16.05
CA LYS A 289 4.78 6.53 -15.83
C LYS A 289 6.29 6.36 -15.69
N LEU A 290 6.73 5.18 -15.29
CA LEU A 290 8.16 4.92 -15.09
C LEU A 290 8.88 4.26 -16.27
N CYS A 291 8.16 3.83 -17.28
CA CYS A 291 8.82 3.14 -18.38
C CYS A 291 9.13 3.93 -19.66
N ASP A 292 9.83 3.26 -20.57
CA ASP A 292 10.22 3.85 -21.84
C ASP A 292 9.17 3.59 -22.90
N LEU A 293 8.46 2.48 -22.76
CA LEU A 293 7.44 2.11 -23.72
C LEU A 293 6.23 1.55 -23.00
N TRP A 294 5.04 1.87 -23.52
CA TRP A 294 3.81 1.38 -22.93
C TRP A 294 3.01 0.55 -23.90
N LEU A 295 2.88 -0.75 -23.64
CA LEU A 295 2.09 -1.64 -24.50
C LEU A 295 0.77 -1.91 -23.77
N ALA A 296 -0.35 -1.81 -24.46
CA ALA A 296 -1.63 -2.01 -23.81
C ALA A 296 -2.49 -3.11 -24.42
N PRO A 297 -2.10 -4.38 -24.19
CA PRO A 297 -2.86 -5.50 -24.73
C PRO A 297 -4.20 -5.61 -24.03
N LYS A 298 -5.21 -6.12 -24.73
CA LYS A 298 -6.54 -6.31 -24.16
C LYS A 298 -6.34 -7.20 -22.95
N GLN A 299 -6.87 -6.80 -21.80
CA GLN A 299 -6.72 -7.59 -20.57
C GLN A 299 -7.12 -9.05 -20.78
N GLY A 300 -6.35 -9.95 -20.18
CA GLY A 300 -6.62 -11.36 -20.28
C GLY A 300 -6.06 -12.06 -21.50
N THR A 301 -5.57 -11.30 -22.47
CA THR A 301 -5.04 -11.88 -23.70
C THR A 301 -3.52 -11.93 -23.74
N ASP A 302 -2.89 -11.59 -22.62
CA ASP A 302 -1.43 -11.57 -22.54
C ASP A 302 -0.68 -12.80 -23.05
N ALA A 303 -1.17 -14.00 -22.77
CA ALA A 303 -0.50 -15.20 -23.23
C ALA A 303 -0.23 -15.12 -24.74
N ALA A 304 -1.17 -14.54 -25.48
CA ALA A 304 -1.05 -14.40 -26.93
C ALA A 304 0.20 -13.60 -27.28
N MET A 305 0.39 -12.47 -26.60
CA MET A 305 1.55 -11.63 -26.85
C MET A 305 2.81 -12.40 -26.53
N ALA A 306 2.80 -13.10 -25.39
CA ALA A 306 3.97 -13.88 -24.99
C ALA A 306 4.32 -14.93 -26.03
N LEU A 307 3.31 -15.62 -26.54
CA LEU A 307 3.52 -16.64 -27.55
C LEU A 307 4.18 -16.08 -28.81
N ALA A 308 3.61 -15.00 -29.33
CA ALA A 308 4.14 -14.37 -30.53
C ALA A 308 5.59 -13.94 -30.30
N MET A 309 5.87 -13.37 -29.13
CA MET A 309 7.22 -12.93 -28.82
C MET A 309 8.16 -14.13 -28.76
N GLY A 310 7.69 -15.22 -28.15
CA GLY A 310 8.51 -16.40 -28.07
C GLY A 310 8.78 -16.88 -29.48
N HIS A 311 7.78 -16.73 -30.34
CA HIS A 311 7.87 -17.12 -31.75
C HIS A 311 9.05 -16.45 -32.43
N VAL A 312 9.09 -15.13 -32.35
CA VAL A 312 10.16 -14.34 -32.95
C VAL A 312 11.52 -14.78 -32.43
N MET A 313 11.60 -14.99 -31.12
CA MET A 313 12.86 -15.38 -30.49
C MET A 313 13.39 -16.70 -31.03
N LEU A 314 12.54 -17.73 -31.02
CA LEU A 314 12.94 -19.04 -31.51
C LEU A 314 13.37 -18.91 -32.97
N ARG A 315 12.57 -18.18 -33.74
CA ARG A 315 12.84 -17.98 -35.15
C ARG A 315 14.15 -17.28 -35.42
N GLU A 316 14.42 -16.21 -34.69
CA GLU A 316 15.63 -15.44 -34.91
C GLU A 316 16.86 -15.80 -34.09
N PHE A 317 16.69 -16.33 -32.89
CA PHE A 317 17.84 -16.65 -32.04
C PHE A 317 18.08 -18.13 -31.79
N HIS A 318 17.24 -18.98 -32.36
CA HIS A 318 17.41 -20.41 -32.17
C HIS A 318 17.52 -21.15 -33.50
N LEU A 319 16.82 -20.63 -34.51
CA LEU A 319 16.82 -21.25 -35.83
C LEU A 319 17.67 -20.52 -36.88
N ASP A 320 17.21 -19.35 -37.33
CA ASP A 320 17.92 -18.58 -38.36
C ASP A 320 19.39 -18.23 -38.06
N ASN A 321 19.65 -17.76 -36.84
CA ASN A 321 21.01 -17.42 -36.45
C ASN A 321 21.20 -17.87 -35.01
N PRO A 322 21.36 -19.19 -34.80
CA PRO A 322 21.55 -19.80 -33.49
C PRO A 322 22.53 -19.11 -32.55
N SER A 323 22.04 -18.83 -31.34
CA SER A 323 22.83 -18.20 -30.29
C SER A 323 23.55 -19.30 -29.52
N GLN A 324 24.87 -19.17 -29.39
CA GLN A 324 25.65 -20.15 -28.68
C GLN A 324 25.18 -20.22 -27.23
N TYR A 325 24.98 -19.06 -26.63
CA TYR A 325 24.54 -18.99 -25.26
C TYR A 325 23.16 -19.63 -25.07
N PHE A 326 22.18 -19.22 -25.87
CA PHE A 326 20.82 -19.77 -25.74
C PHE A 326 20.77 -21.27 -25.99
N THR A 327 21.39 -21.72 -27.08
CA THR A 327 21.37 -23.14 -27.42
C THR A 327 21.94 -24.01 -26.30
N ASP A 328 23.17 -23.74 -25.89
CA ASP A 328 23.79 -24.51 -24.82
C ASP A 328 22.88 -24.51 -23.59
N TYR A 329 22.30 -23.35 -23.29
CA TYR A 329 21.42 -23.18 -22.14
C TYR A 329 20.19 -24.10 -22.16
N VAL A 330 19.41 -24.08 -23.24
CA VAL A 330 18.23 -24.94 -23.27
C VAL A 330 18.61 -26.42 -23.39
N ARG A 331 19.78 -26.69 -23.97
CA ARG A 331 20.26 -28.05 -24.12
C ARG A 331 20.48 -28.67 -22.75
N ARG A 332 21.14 -27.92 -21.87
CA ARG A 332 21.45 -28.41 -20.53
C ARG A 332 20.42 -28.18 -19.41
N TYR A 333 19.58 -27.17 -19.53
CA TYR A 333 18.65 -26.86 -18.45
C TYR A 333 17.15 -27.01 -18.70
N THR A 334 16.75 -27.60 -19.81
CA THR A 334 15.32 -27.78 -20.09
C THR A 334 15.06 -29.23 -20.45
N ASP A 335 13.79 -29.55 -20.71
CA ASP A 335 13.43 -30.91 -21.10
C ASP A 335 13.28 -30.98 -22.62
N MET A 336 13.75 -29.95 -23.31
CA MET A 336 13.64 -29.91 -24.77
C MET A 336 14.23 -31.14 -25.45
N PRO A 337 15.41 -31.60 -25.00
CA PRO A 337 16.00 -32.79 -25.64
C PRO A 337 15.30 -34.09 -25.24
N MET A 338 14.40 -34.01 -24.26
CA MET A 338 13.68 -35.18 -23.78
C MET A 338 12.71 -35.77 -24.83
N LEU A 339 12.62 -37.09 -24.85
CA LEU A 339 11.77 -37.81 -25.80
C LEU A 339 10.33 -38.01 -25.36
N VAL A 340 9.41 -37.69 -26.27
CA VAL A 340 7.99 -37.84 -26.01
C VAL A 340 7.41 -38.94 -26.90
N MET A 341 6.61 -39.82 -26.32
CA MET A 341 6.00 -40.91 -27.07
C MET A 341 4.74 -40.39 -27.77
N LEU A 342 4.52 -40.85 -29.01
CA LEU A 342 3.36 -40.44 -29.78
C LEU A 342 2.26 -41.48 -29.72
N GLU A 343 1.05 -41.02 -29.43
CA GLU A 343 -0.10 -41.90 -29.33
C GLU A 343 -0.79 -41.94 -30.70
N GLU A 344 -1.34 -43.09 -31.04
CA GLU A 344 -2.01 -43.24 -32.31
C GLU A 344 -3.49 -42.85 -32.28
N ARG A 345 -3.83 -41.84 -33.09
CA ARG A 345 -5.20 -41.36 -33.20
C ARG A 345 -5.73 -41.80 -34.57
N ASP A 346 -6.82 -41.18 -35.01
CA ASP A 346 -7.39 -41.51 -36.30
C ASP A 346 -6.86 -40.62 -37.41
N GLY A 347 -5.84 -41.09 -38.12
CA GLY A 347 -5.28 -40.32 -39.22
C GLY A 347 -4.11 -39.43 -38.85
N TYR A 348 -3.96 -39.19 -37.55
CA TYR A 348 -2.87 -38.35 -37.03
C TYR A 348 -2.43 -38.84 -35.66
N TYR A 349 -1.30 -38.31 -35.18
CA TYR A 349 -0.78 -38.69 -33.87
C TYR A 349 -0.99 -37.57 -32.86
N ALA A 350 -0.98 -37.93 -31.58
CA ALA A 350 -1.14 -36.97 -30.49
C ALA A 350 0.02 -37.19 -29.53
N ALA A 351 0.54 -36.11 -28.96
CA ALA A 351 1.66 -36.20 -28.03
C ALA A 351 1.23 -36.88 -26.74
N GLY A 352 1.92 -37.96 -26.38
CA GLY A 352 1.61 -38.69 -25.17
C GLY A 352 2.62 -38.45 -24.07
N ARG A 353 2.72 -39.37 -23.13
CA ARG A 353 3.66 -39.23 -22.02
C ARG A 353 5.09 -39.29 -22.50
N MET A 354 6.01 -38.80 -21.66
CA MET A 354 7.43 -38.81 -21.99
C MET A 354 8.00 -40.21 -21.90
N LEU A 355 8.99 -40.50 -22.75
CA LEU A 355 9.63 -41.81 -22.77
C LEU A 355 10.41 -41.99 -21.47
N ARG A 356 10.30 -43.18 -20.88
CA ARG A 356 11.02 -43.48 -19.64
C ARG A 356 12.00 -44.62 -19.88
N ALA A 357 13.04 -44.69 -19.05
CA ALA A 357 14.04 -45.75 -19.20
C ALA A 357 13.39 -47.13 -19.14
N ALA A 358 12.34 -47.26 -18.34
CA ALA A 358 11.64 -48.53 -18.20
C ALA A 358 11.03 -49.05 -19.50
N ASP A 359 10.76 -48.12 -20.43
CA ASP A 359 10.16 -48.49 -21.71
C ASP A 359 11.12 -49.23 -22.63
N LEU A 360 12.42 -49.08 -22.43
CA LEU A 360 13.41 -49.75 -23.27
C LEU A 360 13.83 -51.12 -22.76
N VAL A 361 14.37 -51.93 -23.66
CA VAL A 361 14.82 -53.30 -23.36
C VAL A 361 15.69 -53.49 -22.12
N ASP A 362 16.89 -52.92 -22.14
CA ASP A 362 17.78 -53.06 -20.99
C ASP A 362 17.46 -52.01 -19.93
N ALA A 363 16.37 -51.27 -20.14
CA ALA A 363 15.95 -50.22 -19.21
C ALA A 363 17.11 -49.22 -19.08
N LEU A 364 17.91 -49.14 -20.12
CA LEU A 364 19.06 -48.25 -20.17
C LEU A 364 19.98 -48.47 -18.97
N GLY A 365 19.98 -49.70 -18.47
CA GLY A 365 20.82 -50.03 -17.33
C GLY A 365 20.35 -49.42 -16.03
N GLN A 366 19.08 -49.03 -15.99
CA GLN A 366 18.52 -48.40 -14.80
C GLN A 366 17.74 -49.37 -13.93
N GLU A 367 18.34 -49.76 -12.81
CA GLU A 367 17.72 -50.69 -11.89
C GLU A 367 16.76 -49.99 -10.92
N ASN A 368 17.14 -48.79 -10.49
CA ASN A 368 16.34 -48.01 -9.55
C ASN A 368 15.44 -46.97 -10.23
N ASN A 369 14.16 -46.99 -9.89
CA ASN A 369 13.18 -46.04 -10.44
C ASN A 369 13.35 -45.85 -11.96
N PRO A 370 13.39 -46.94 -12.73
CA PRO A 370 13.55 -46.78 -14.18
C PRO A 370 12.36 -46.10 -14.85
N GLU A 371 11.16 -46.29 -14.30
CA GLU A 371 9.98 -45.67 -14.88
C GLU A 371 9.85 -44.19 -14.51
N TRP A 372 10.82 -43.68 -13.76
CA TRP A 372 10.80 -42.28 -13.34
C TRP A 372 12.01 -41.52 -13.85
N LYS A 373 12.63 -42.02 -14.91
CA LYS A 373 13.78 -41.35 -15.49
C LYS A 373 13.56 -41.07 -16.96
N THR A 374 13.61 -39.80 -17.33
CA THR A 374 13.41 -39.39 -18.72
C THR A 374 14.57 -39.83 -19.62
N VAL A 375 14.29 -39.94 -20.92
CA VAL A 375 15.26 -40.37 -21.91
C VAL A 375 15.50 -39.38 -23.06
N ALA A 376 16.75 -39.29 -23.51
CA ALA A 376 17.08 -38.39 -24.61
C ALA A 376 18.14 -39.03 -25.50
N PHE A 377 18.41 -38.37 -26.63
CA PHE A 377 19.41 -38.85 -27.58
C PHE A 377 20.65 -37.98 -27.44
N ASN A 378 21.83 -38.62 -27.37
CA ASN A 378 23.04 -37.83 -27.30
C ASN A 378 23.32 -37.44 -28.74
N THR A 379 24.29 -36.56 -28.97
CA THR A 379 24.58 -36.11 -30.32
C THR A 379 25.14 -37.20 -31.24
N ASN A 380 25.48 -38.36 -30.67
CA ASN A 380 25.99 -39.45 -31.49
C ASN A 380 24.91 -40.43 -31.93
N GLY A 381 23.65 -40.09 -31.63
CA GLY A 381 22.54 -40.94 -32.02
C GLY A 381 22.15 -42.00 -31.00
N GLU A 382 22.98 -42.19 -29.98
CA GLU A 382 22.68 -43.19 -28.96
C GLU A 382 21.66 -42.63 -27.97
N MET A 383 20.78 -43.50 -27.49
CA MET A 383 19.76 -43.12 -26.54
C MET A 383 20.40 -43.12 -25.15
N VAL A 384 19.99 -42.20 -24.28
CA VAL A 384 20.59 -42.15 -22.95
C VAL A 384 19.65 -41.59 -21.87
N ALA A 385 19.83 -42.07 -20.64
CA ALA A 385 19.05 -41.62 -19.49
C ALA A 385 19.98 -40.67 -18.75
N PRO A 386 19.82 -39.36 -18.97
CA PRO A 386 20.65 -38.34 -18.35
C PRO A 386 20.43 -38.12 -16.85
N ASN A 387 21.51 -37.76 -16.16
CA ASN A 387 21.46 -37.50 -14.72
C ASN A 387 20.42 -36.44 -14.45
N GLY A 388 19.95 -36.38 -13.20
CA GLY A 388 19.00 -35.35 -12.84
C GLY A 388 17.53 -35.71 -12.81
N SER A 389 17.08 -36.65 -13.63
CA SER A 389 15.67 -37.01 -13.63
C SER A 389 15.28 -37.37 -12.19
N ILE A 390 14.05 -37.04 -11.81
CA ILE A 390 13.59 -37.28 -10.45
C ILE A 390 13.71 -38.72 -9.97
N GLY A 391 14.03 -39.63 -10.89
CA GLY A 391 14.17 -41.02 -10.52
C GLY A 391 15.42 -41.23 -9.69
N PHE A 392 16.44 -40.40 -9.92
CA PHE A 392 17.71 -40.49 -9.19
C PHE A 392 17.68 -39.84 -7.81
N ARG A 393 16.56 -39.22 -7.46
CA ARG A 393 16.46 -38.55 -6.17
C ARG A 393 16.34 -39.49 -4.98
N TRP A 394 15.51 -40.53 -5.12
CA TRP A 394 15.31 -41.50 -4.04
C TRP A 394 15.71 -42.90 -4.46
N GLY A 395 16.15 -43.71 -3.50
CA GLY A 395 16.56 -45.07 -3.80
C GLY A 395 17.99 -45.19 -4.31
N GLU A 396 18.72 -44.08 -4.32
CA GLU A 396 20.12 -44.05 -4.74
C GLU A 396 20.70 -42.67 -4.43
N LYS A 397 21.98 -42.48 -4.71
CA LYS A 397 22.63 -41.20 -4.41
C LYS A 397 23.77 -40.86 -5.36
N GLY A 398 24.11 -39.57 -5.44
CA GLY A 398 25.20 -39.11 -6.27
C GLY A 398 24.91 -38.80 -7.73
N LYS A 399 23.72 -39.14 -8.20
CA LYS A 399 23.38 -38.89 -9.60
C LYS A 399 22.30 -37.86 -9.84
N TRP A 400 21.69 -37.35 -8.78
CA TRP A 400 20.65 -36.36 -8.93
C TRP A 400 21.30 -34.99 -9.12
N ASN A 401 21.87 -34.76 -10.29
CA ASN A 401 22.53 -33.50 -10.60
C ASN A 401 22.40 -33.14 -12.07
N LEU A 402 22.62 -31.87 -12.40
CA LEU A 402 22.52 -31.44 -13.78
C LEU A 402 23.83 -31.50 -14.55
N GLU A 403 24.71 -32.43 -14.18
CA GLU A 403 25.96 -32.60 -14.90
C GLU A 403 25.53 -33.33 -16.18
N GLN A 404 25.95 -32.85 -17.34
CA GLN A 404 25.58 -33.49 -18.60
C GLN A 404 26.28 -34.85 -18.72
N ARG A 405 25.79 -35.83 -17.97
CA ARG A 405 26.39 -37.17 -17.98
C ARG A 405 25.39 -38.28 -18.24
N ASP A 406 25.92 -39.43 -18.66
CA ASP A 406 25.13 -40.62 -18.96
C ASP A 406 24.72 -41.23 -17.62
N GLY A 407 23.41 -41.39 -17.42
CA GLY A 407 22.91 -41.96 -16.18
C GLY A 407 23.31 -43.40 -15.92
N LYS A 408 23.81 -44.08 -16.95
CA LYS A 408 24.22 -45.47 -16.78
C LYS A 408 25.73 -45.61 -16.60
N THR A 409 26.50 -45.04 -17.52
CA THR A 409 27.95 -45.13 -17.48
C THR A 409 28.65 -43.94 -16.82
N GLY A 410 27.88 -43.01 -16.27
CA GLY A 410 28.46 -41.85 -15.63
C GLY A 410 29.46 -41.11 -16.50
N GLU A 411 29.42 -41.40 -17.80
CA GLU A 411 30.31 -40.78 -18.76
C GLU A 411 29.69 -39.47 -19.25
N GLU A 412 30.53 -38.56 -19.75
CA GLU A 412 30.05 -37.29 -20.26
C GLU A 412 29.36 -37.49 -21.60
N THR A 413 28.14 -36.97 -21.72
CA THR A 413 27.39 -37.07 -22.97
C THR A 413 26.92 -35.68 -23.37
N GLU A 414 26.33 -35.60 -24.56
CA GLU A 414 25.83 -34.33 -25.05
C GLU A 414 24.46 -34.58 -25.64
N LEU A 415 23.43 -34.14 -24.94
CA LEU A 415 22.07 -34.34 -25.42
C LEU A 415 21.85 -33.57 -26.71
N GLN A 416 21.08 -34.16 -27.62
CA GLN A 416 20.77 -33.51 -28.88
C GLN A 416 19.38 -32.91 -28.74
N LEU A 417 19.15 -31.80 -29.44
CA LEU A 417 17.87 -31.10 -29.37
C LEU A 417 16.81 -31.55 -30.36
N SER A 418 17.09 -31.39 -31.65
CA SER A 418 16.13 -31.73 -32.69
C SER A 418 16.44 -33.01 -33.46
N LEU A 419 15.39 -33.77 -33.75
CA LEU A 419 15.51 -35.01 -34.52
C LEU A 419 15.60 -34.67 -36.00
N LEU A 420 15.21 -33.45 -36.35
CA LEU A 420 15.27 -33.00 -37.74
C LEU A 420 16.67 -33.21 -38.29
N GLY A 421 16.80 -34.12 -39.23
CA GLY A 421 18.10 -34.42 -39.82
C GLY A 421 18.57 -35.80 -39.39
N SER A 422 17.65 -36.58 -38.84
CA SER A 422 17.99 -37.92 -38.41
C SER A 422 16.73 -38.69 -38.07
N GLN A 423 15.60 -38.22 -38.60
CA GLN A 423 14.33 -38.89 -38.35
C GLN A 423 14.12 -40.04 -39.34
N ASP A 424 13.34 -41.03 -38.92
CA ASP A 424 13.03 -42.19 -39.76
C ASP A 424 11.86 -41.87 -40.66
N GLU A 425 11.15 -40.79 -40.34
CA GLU A 425 9.99 -40.37 -41.12
C GLU A 425 9.37 -39.13 -40.49
N ILE A 426 8.41 -38.54 -41.20
CA ILE A 426 7.72 -37.36 -40.71
C ILE A 426 6.32 -37.80 -40.33
N ALA A 427 5.90 -37.43 -39.12
CA ALA A 427 4.57 -37.79 -38.65
C ALA A 427 3.81 -36.52 -38.33
N GLU A 428 2.50 -36.56 -38.57
CA GLU A 428 1.66 -35.41 -38.28
C GLU A 428 1.09 -35.56 -36.89
N VAL A 429 1.36 -34.58 -36.04
CA VAL A 429 0.88 -34.58 -34.66
C VAL A 429 -0.10 -33.43 -34.49
N GLY A 430 -1.23 -33.71 -33.85
CA GLY A 430 -2.23 -32.69 -33.64
C GLY A 430 -2.04 -31.92 -32.35
N PHE A 431 -2.11 -30.60 -32.44
CA PHE A 431 -1.97 -29.74 -31.27
C PHE A 431 -3.30 -29.00 -31.04
N PRO A 432 -3.72 -28.87 -29.76
CA PRO A 432 -4.97 -28.19 -29.46
C PRO A 432 -4.85 -26.68 -29.65
N TYR A 433 -5.90 -26.06 -30.15
CA TYR A 433 -5.93 -24.62 -30.38
C TYR A 433 -7.26 -24.05 -29.89
N PHE A 434 -7.18 -23.16 -28.91
CA PHE A 434 -8.39 -22.56 -28.35
C PHE A 434 -8.54 -21.07 -28.70
N GLY A 435 -7.63 -20.55 -29.52
CA GLY A 435 -7.69 -19.15 -29.89
C GLY A 435 -8.96 -18.71 -30.61
N GLY A 436 -9.76 -19.68 -31.03
CA GLY A 436 -10.99 -19.37 -31.74
C GLY A 436 -12.21 -19.36 -30.84
N ASP A 437 -12.07 -19.87 -29.62
CA ASP A 437 -13.18 -19.89 -28.68
C ASP A 437 -13.19 -18.57 -27.91
N GLY A 438 -14.09 -18.43 -26.94
CA GLY A 438 -14.13 -17.21 -26.18
C GLY A 438 -15.43 -16.44 -26.26
N THR A 439 -15.61 -15.50 -25.35
CA THR A 439 -16.82 -14.69 -25.30
C THR A 439 -16.76 -13.59 -26.35
N GLU A 440 -17.82 -12.81 -26.44
CA GLU A 440 -17.91 -11.73 -27.40
C GLU A 440 -17.03 -10.53 -27.00
N HIS A 441 -16.59 -10.50 -25.75
CA HIS A 441 -15.79 -9.39 -25.27
C HIS A 441 -14.31 -9.42 -25.63
N PHE A 442 -13.86 -10.51 -26.24
CA PHE A 442 -12.46 -10.65 -26.65
C PHE A 442 -12.38 -11.10 -28.10
N ASN A 443 -11.38 -10.60 -28.81
CA ASN A 443 -11.19 -10.97 -30.21
C ASN A 443 -10.74 -12.41 -30.32
N LYS A 444 -11.14 -13.06 -31.41
CA LYS A 444 -10.79 -14.45 -31.65
C LYS A 444 -10.21 -14.59 -33.04
N VAL A 445 -9.49 -15.67 -33.27
CA VAL A 445 -8.91 -15.93 -34.57
C VAL A 445 -9.21 -17.37 -34.94
N GLU A 446 -10.15 -17.52 -35.87
CA GLU A 446 -10.59 -18.82 -36.35
C GLU A 446 -9.55 -19.59 -37.16
N LEU A 447 -9.26 -20.82 -36.71
CA LEU A 447 -8.33 -21.71 -37.37
C LEU A 447 -8.94 -23.12 -37.29
N GLU A 448 -8.38 -23.98 -36.45
CA GLU A 448 -8.92 -25.34 -36.28
C GLU A 448 -8.75 -25.75 -34.82
N ASN A 449 -9.72 -26.46 -34.27
CA ASN A 449 -9.63 -26.89 -32.88
C ASN A 449 -8.37 -27.73 -32.71
N VAL A 450 -7.98 -28.40 -33.78
CA VAL A 450 -6.78 -29.23 -33.79
C VAL A 450 -5.94 -28.83 -34.99
N LEU A 451 -4.68 -28.46 -34.73
CA LEU A 451 -3.77 -28.07 -35.78
C LEU A 451 -2.75 -29.16 -36.01
N LEU A 452 -2.66 -29.64 -37.24
CA LEU A 452 -1.69 -30.69 -37.58
C LEU A 452 -0.35 -30.09 -37.96
N HIS A 453 0.70 -30.63 -37.37
CA HIS A 453 2.05 -30.18 -37.68
C HIS A 453 2.93 -31.37 -38.07
N LYS A 454 3.86 -31.12 -38.97
CA LYS A 454 4.77 -32.17 -39.41
C LYS A 454 5.97 -32.20 -38.45
N LEU A 455 6.12 -33.31 -37.72
CA LEU A 455 7.20 -33.48 -36.76
C LEU A 455 8.16 -34.60 -37.16
N PRO A 456 9.47 -34.39 -36.98
CA PRO A 456 10.44 -35.44 -37.33
C PRO A 456 10.40 -36.48 -36.22
N VAL A 457 10.23 -37.75 -36.59
CA VAL A 457 10.15 -38.80 -35.59
C VAL A 457 11.09 -39.98 -35.85
N LYS A 458 11.19 -40.86 -34.84
CA LYS A 458 12.01 -42.06 -34.92
C LYS A 458 11.23 -43.21 -34.31
N ARG A 459 11.34 -44.38 -34.92
CA ARG A 459 10.62 -45.54 -34.41
C ARG A 459 11.53 -46.30 -33.46
N LEU A 460 11.00 -46.64 -32.27
CA LEU A 460 11.78 -47.36 -31.26
C LEU A 460 11.15 -48.71 -30.94
N GLN A 461 11.98 -49.63 -30.47
CA GLN A 461 11.52 -50.96 -30.09
C GLN A 461 11.39 -50.98 -28.57
N LEU A 462 10.15 -51.03 -28.10
CA LEU A 462 9.87 -51.03 -26.68
C LEU A 462 10.07 -52.37 -25.96
N ALA A 463 10.36 -52.28 -24.67
CA ALA A 463 10.61 -53.44 -23.81
C ALA A 463 9.49 -54.48 -23.80
N ASP A 464 8.28 -54.08 -24.15
CA ASP A 464 7.17 -55.03 -24.15
C ASP A 464 6.95 -55.64 -25.53
N GLY A 465 7.96 -55.53 -26.37
CA GLY A 465 7.87 -56.08 -27.71
C GLY A 465 7.16 -55.23 -28.74
N SER A 466 6.46 -54.20 -28.27
CA SER A 466 5.74 -53.31 -29.19
C SER A 466 6.68 -52.28 -29.81
N THR A 467 6.10 -51.34 -30.55
CA THR A 467 6.88 -50.30 -31.19
C THR A 467 6.13 -48.97 -31.06
N ALA A 468 6.87 -47.86 -31.10
CA ALA A 468 6.24 -46.55 -30.98
C ALA A 468 7.08 -45.43 -31.56
N LEU A 469 6.43 -44.32 -31.89
CA LEU A 469 7.12 -43.17 -32.44
C LEU A 469 7.42 -42.14 -31.34
N VAL A 470 8.59 -41.50 -31.43
CA VAL A 470 8.98 -40.51 -30.46
C VAL A 470 9.52 -39.24 -31.12
N THR A 471 9.50 -38.15 -30.37
CA THR A 471 10.02 -36.87 -30.85
C THR A 471 10.46 -36.08 -29.62
N THR A 472 11.32 -35.10 -29.82
CA THR A 472 11.79 -34.31 -28.69
C THR A 472 10.84 -33.18 -28.32
N VAL A 473 10.90 -32.76 -27.07
CA VAL A 473 10.08 -31.67 -26.58
C VAL A 473 10.44 -30.44 -27.42
N TYR A 474 11.71 -30.33 -27.77
CA TYR A 474 12.22 -29.23 -28.59
C TYR A 474 11.44 -29.13 -29.89
N ASP A 475 11.39 -30.24 -30.63
CA ASP A 475 10.69 -30.27 -31.91
C ASP A 475 9.22 -29.96 -31.70
N LEU A 476 8.62 -30.59 -30.69
CA LEU A 476 7.21 -30.37 -30.36
C LEU A 476 6.95 -28.88 -30.08
N THR A 477 7.86 -28.25 -29.35
CA THR A 477 7.75 -26.84 -28.99
C THR A 477 7.81 -25.89 -30.19
N LEU A 478 8.71 -26.17 -31.12
CA LEU A 478 8.84 -25.33 -32.29
C LEU A 478 7.59 -25.47 -33.18
N ALA A 479 7.00 -26.65 -33.18
CA ALA A 479 5.82 -26.89 -33.99
C ALA A 479 4.65 -26.13 -33.38
N ASN A 480 4.50 -26.28 -32.07
CA ASN A 480 3.42 -25.62 -31.33
C ASN A 480 3.46 -24.11 -31.55
N TYR A 481 4.65 -23.57 -31.69
CA TYR A 481 4.82 -22.13 -31.93
C TYR A 481 4.60 -21.73 -33.37
N GLY A 482 4.49 -22.71 -34.27
CA GLY A 482 4.27 -22.43 -35.68
C GLY A 482 5.50 -22.07 -36.49
N LEU A 483 6.66 -22.64 -36.16
CA LEU A 483 7.87 -22.35 -36.91
C LEU A 483 8.12 -23.34 -38.04
N GLU A 484 8.12 -22.82 -39.28
CA GLU A 484 8.35 -23.64 -40.45
C GLU A 484 9.79 -24.15 -40.40
N ARG A 485 9.96 -25.45 -40.61
CA ARG A 485 11.29 -26.05 -40.55
C ARG A 485 11.72 -26.78 -41.81
N GLY A 486 11.06 -26.51 -42.93
CA GLY A 486 11.43 -27.16 -44.18
C GLY A 486 10.60 -28.35 -44.60
N LEU A 487 9.65 -28.77 -43.76
CA LEU A 487 8.80 -29.90 -44.09
C LEU A 487 7.53 -29.38 -44.76
N ASN A 488 7.50 -28.07 -44.97
CA ASN A 488 6.36 -27.41 -45.60
C ASN A 488 5.09 -27.76 -44.85
N ASP A 489 4.91 -27.12 -43.69
CA ASP A 489 3.76 -27.33 -42.83
C ASP A 489 2.76 -26.18 -43.07
N VAL A 490 1.61 -26.52 -43.66
CA VAL A 490 0.58 -25.54 -43.95
C VAL A 490 0.10 -24.77 -42.73
N ASN A 491 0.34 -25.31 -41.55
CA ASN A 491 -0.09 -24.63 -40.32
C ASN A 491 1.06 -23.88 -39.64
N CYS A 492 2.21 -23.81 -40.32
CA CYS A 492 3.34 -23.07 -39.78
C CYS A 492 3.36 -21.74 -40.50
N ALA A 493 4.02 -20.75 -39.91
CA ALA A 493 4.07 -19.41 -40.50
C ALA A 493 5.04 -19.30 -41.66
N THR A 494 4.64 -18.53 -42.66
CA THR A 494 5.47 -18.29 -43.83
C THR A 494 6.24 -16.99 -43.58
N SER A 495 5.72 -16.21 -42.64
CA SER A 495 6.33 -14.93 -42.26
C SER A 495 5.60 -14.47 -41.00
N TYR A 496 6.10 -13.40 -40.38
CA TYR A 496 5.46 -12.88 -39.19
C TYR A 496 4.07 -12.31 -39.51
N ASP A 497 3.83 -12.03 -40.79
CA ASP A 497 2.53 -11.48 -41.20
C ASP A 497 1.49 -12.57 -41.45
N ASP A 498 1.95 -13.80 -41.57
CA ASP A 498 1.08 -14.93 -41.82
C ASP A 498 0.25 -15.21 -40.55
N VAL A 499 -1.07 -15.18 -40.67
CA VAL A 499 -1.94 -15.43 -39.54
C VAL A 499 -1.97 -16.93 -39.25
N LYS A 500 -1.02 -17.38 -38.44
CA LYS A 500 -0.92 -18.78 -38.08
C LYS A 500 -0.74 -18.89 -36.58
N ALA A 501 -0.72 -20.12 -36.09
CA ALA A 501 -0.57 -20.39 -34.67
C ALA A 501 0.62 -19.69 -34.02
N TYR A 502 0.33 -18.55 -33.41
CA TYR A 502 1.28 -17.75 -32.65
C TYR A 502 2.35 -16.93 -33.38
N THR A 503 1.88 -16.03 -34.22
CA THR A 503 2.74 -15.12 -34.99
C THR A 503 2.40 -13.70 -34.56
N PRO A 504 3.30 -12.75 -34.81
CA PRO A 504 2.99 -11.36 -34.42
C PRO A 504 1.64 -10.89 -35.01
N ALA A 505 1.38 -11.26 -36.26
CA ALA A 505 0.12 -10.86 -36.90
C ALA A 505 -1.05 -11.50 -36.17
N TRP A 506 -0.91 -12.77 -35.82
CA TRP A 506 -1.94 -13.50 -35.11
C TRP A 506 -2.25 -12.81 -33.78
N ALA A 507 -1.22 -12.59 -32.96
CA ALA A 507 -1.41 -11.96 -31.66
C ALA A 507 -1.92 -10.53 -31.76
N GLU A 508 -1.74 -9.89 -32.91
CA GLU A 508 -2.21 -8.52 -33.09
C GLU A 508 -3.73 -8.51 -33.07
N GLN A 509 -4.34 -9.54 -33.66
CA GLN A 509 -5.78 -9.62 -33.69
C GLN A 509 -6.32 -9.95 -32.31
N ILE A 510 -5.71 -10.94 -31.66
CA ILE A 510 -6.15 -11.36 -30.34
C ILE A 510 -5.94 -10.31 -29.25
N THR A 511 -4.77 -9.69 -29.24
CA THR A 511 -4.42 -8.70 -28.20
C THR A 511 -4.63 -7.23 -28.54
N GLY A 512 -4.48 -6.87 -29.81
CA GLY A 512 -4.65 -5.48 -30.20
C GLY A 512 -3.33 -4.72 -30.15
N VAL A 513 -2.24 -5.42 -29.83
CA VAL A 513 -0.92 -4.80 -29.78
C VAL A 513 -0.33 -4.87 -31.17
N SER A 514 0.14 -3.74 -31.69
CA SER A 514 0.72 -3.68 -33.03
C SER A 514 1.79 -4.75 -33.22
N ARG A 515 1.66 -5.59 -34.25
CA ARG A 515 2.62 -6.65 -34.50
C ARG A 515 4.08 -6.17 -34.51
N SER A 516 4.33 -4.97 -35.06
CA SER A 516 5.70 -4.49 -35.12
C SER A 516 6.25 -4.17 -33.73
N GLN A 517 5.37 -3.92 -32.76
CA GLN A 517 5.80 -3.65 -31.39
C GLN A 517 6.22 -4.97 -30.77
N ILE A 518 5.41 -5.99 -30.99
CA ILE A 518 5.69 -7.33 -30.47
C ILE A 518 7.02 -7.81 -31.02
N ILE A 519 7.31 -7.48 -32.27
CA ILE A 519 8.55 -7.91 -32.89
C ILE A 519 9.75 -7.13 -32.36
N ARG A 520 9.64 -5.81 -32.30
CA ARG A 520 10.74 -4.99 -31.82
C ARG A 520 11.18 -5.36 -30.41
N ILE A 521 10.24 -5.45 -29.48
CA ILE A 521 10.57 -5.79 -28.11
C ILE A 521 11.03 -7.24 -27.95
N ALA A 522 10.45 -8.15 -28.72
CA ALA A 522 10.87 -9.54 -28.63
C ALA A 522 12.33 -9.60 -29.09
N ARG A 523 12.63 -8.90 -30.19
CA ARG A 523 13.97 -8.88 -30.73
C ARG A 523 14.94 -8.22 -29.75
N GLU A 524 14.61 -7.01 -29.29
CA GLU A 524 15.47 -6.31 -28.33
C GLU A 524 15.72 -7.15 -27.08
N PHE A 525 14.63 -7.64 -26.48
CA PHE A 525 14.73 -8.46 -25.28
C PHE A 525 15.72 -9.62 -25.51
N ALA A 526 15.47 -10.42 -26.54
CA ALA A 526 16.33 -11.55 -26.83
C ALA A 526 17.76 -11.12 -27.13
N ASP A 527 17.92 -10.03 -27.87
CA ASP A 527 19.24 -9.54 -28.22
C ASP A 527 20.00 -9.17 -26.93
N ASN A 528 19.35 -8.43 -26.04
CA ASN A 528 19.98 -8.01 -24.79
C ASN A 528 20.43 -9.22 -23.99
N ALA A 529 19.59 -10.25 -23.97
CA ALA A 529 19.90 -11.47 -23.23
C ALA A 529 21.10 -12.21 -23.82
N ASP A 530 21.26 -12.12 -25.13
CA ASP A 530 22.37 -12.79 -25.80
C ASP A 530 23.65 -12.04 -25.46
N LYS A 531 23.59 -10.71 -25.49
CA LYS A 531 24.75 -9.85 -25.21
C LYS A 531 25.24 -9.88 -23.76
N THR A 532 24.33 -10.13 -22.83
CA THR A 532 24.70 -10.11 -21.42
C THR A 532 24.64 -11.48 -20.77
N HIS A 533 24.34 -12.49 -21.55
CA HIS A 533 24.24 -13.84 -21.02
C HIS A 533 23.10 -13.94 -20.01
N GLY A 534 21.90 -13.59 -20.48
CA GLY A 534 20.71 -13.69 -19.66
C GLY A 534 20.30 -12.59 -18.72
N ARG A 535 20.81 -11.37 -18.92
CA ARG A 535 20.42 -10.29 -18.02
C ARG A 535 19.18 -9.52 -18.50
N SER A 536 18.13 -10.27 -18.82
CA SER A 536 16.84 -9.71 -19.23
C SER A 536 15.87 -10.23 -18.19
N MET A 537 14.95 -9.40 -17.74
CA MET A 537 14.04 -9.82 -16.68
C MET A 537 12.60 -9.40 -16.89
N ILE A 538 11.68 -10.15 -16.30
CA ILE A 538 10.27 -9.83 -16.41
C ILE A 538 9.62 -9.82 -15.03
N ILE A 539 9.20 -8.63 -14.59
CA ILE A 539 8.52 -8.45 -13.31
C ILE A 539 7.07 -8.76 -13.66
N VAL A 540 6.44 -9.70 -12.96
CA VAL A 540 5.05 -10.04 -13.27
C VAL A 540 4.23 -10.13 -11.99
N GLY A 541 2.93 -9.86 -12.07
CA GLY A 541 2.12 -9.93 -10.88
C GLY A 541 0.69 -10.43 -11.08
N ALA A 542 -0.17 -10.08 -10.13
CA ALA A 542 -1.58 -10.48 -10.17
C ALA A 542 -2.32 -9.99 -11.41
N GLY A 543 -1.72 -9.07 -12.15
CA GLY A 543 -2.35 -8.56 -13.35
C GLY A 543 -2.59 -9.71 -14.32
N LEU A 544 -1.67 -10.67 -14.30
CA LEU A 544 -1.76 -11.84 -15.16
C LEU A 544 -2.10 -13.09 -14.37
N ASN A 545 -1.59 -13.16 -13.15
CA ASN A 545 -1.81 -14.34 -12.33
C ASN A 545 -3.18 -14.55 -11.68
N HIS A 546 -4.08 -13.58 -11.80
CA HIS A 546 -5.40 -13.75 -11.21
C HIS A 546 -6.47 -14.11 -12.24
N TRP A 547 -6.01 -14.51 -13.42
CA TRP A 547 -6.91 -14.94 -14.48
C TRP A 547 -7.07 -16.44 -14.29
N TYR A 548 -8.15 -17.02 -14.81
CA TYR A 548 -8.37 -18.44 -14.66
C TYR A 548 -7.28 -19.25 -15.38
N HIS A 549 -6.73 -18.68 -16.45
CA HIS A 549 -5.68 -19.35 -17.20
C HIS A 549 -4.30 -18.79 -16.87
N LEU A 550 -4.09 -18.44 -15.61
CA LEU A 550 -2.80 -17.90 -15.19
C LEU A 550 -1.62 -18.73 -15.69
N ASP A 551 -1.76 -20.05 -15.70
CA ASP A 551 -0.65 -20.89 -16.16
C ASP A 551 -0.21 -20.56 -17.57
N MET A 552 -1.17 -20.22 -18.43
CA MET A 552 -0.85 -19.88 -19.80
C MET A 552 -0.13 -18.52 -19.84
N ASN A 553 -0.61 -17.53 -19.07
CA ASN A 553 0.07 -16.24 -19.05
C ASN A 553 1.50 -16.45 -18.55
N TYR A 554 1.63 -17.21 -17.48
CA TYR A 554 2.95 -17.45 -16.90
C TYR A 554 3.89 -18.31 -17.75
N ARG A 555 3.40 -19.43 -18.28
CA ARG A 555 4.28 -20.26 -19.09
C ARG A 555 4.68 -19.49 -20.35
N GLY A 556 3.87 -18.52 -20.74
CA GLY A 556 4.20 -17.72 -21.92
C GLY A 556 5.40 -16.85 -21.61
N LEU A 557 5.39 -16.22 -20.43
CA LEU A 557 6.49 -15.37 -20.01
C LEU A 557 7.70 -16.22 -19.63
N ILE A 558 7.45 -17.35 -18.99
CA ILE A 558 8.54 -18.22 -18.57
C ILE A 558 9.34 -18.73 -19.77
N ASN A 559 8.64 -19.16 -20.82
CA ASN A 559 9.32 -19.64 -22.02
C ASN A 559 10.23 -18.58 -22.64
N MET A 560 9.77 -17.33 -22.64
CA MET A 560 10.56 -16.23 -23.19
C MET A 560 11.91 -16.15 -22.49
N LEU A 561 11.87 -16.22 -21.16
CA LEU A 561 13.07 -16.14 -20.35
C LEU A 561 13.97 -17.36 -20.51
N ILE A 562 13.36 -18.54 -20.61
CA ILE A 562 14.14 -19.77 -20.78
C ILE A 562 14.80 -19.80 -22.16
N PHE A 563 14.02 -19.50 -23.20
CA PHE A 563 14.55 -19.49 -24.55
C PHE A 563 15.74 -18.53 -24.66
N CYS A 564 15.82 -17.58 -23.74
CA CYS A 564 16.91 -16.60 -23.77
C CYS A 564 17.89 -16.84 -22.63
N GLY A 565 17.79 -18.00 -22.01
CA GLY A 565 18.67 -18.35 -20.91
C GLY A 565 18.79 -17.31 -19.80
N CYS A 566 17.67 -16.75 -19.37
CA CYS A 566 17.69 -15.74 -18.31
C CYS A 566 17.47 -16.26 -16.89
N VAL A 567 16.75 -17.38 -16.76
CA VAL A 567 16.51 -17.95 -15.45
C VAL A 567 17.81 -18.52 -14.88
N GLY A 568 18.17 -18.09 -13.67
CA GLY A 568 19.39 -18.56 -13.04
C GLY A 568 20.56 -17.61 -13.18
N GLN A 569 20.38 -16.50 -13.88
CA GLN A 569 21.44 -15.53 -14.05
C GLN A 569 21.08 -14.24 -13.33
N SER A 570 22.01 -13.69 -12.57
CA SER A 570 21.77 -12.44 -11.87
C SER A 570 21.44 -11.40 -12.93
N GLY A 571 20.33 -10.70 -12.76
CA GLY A 571 19.94 -9.69 -13.73
C GLY A 571 18.87 -10.19 -14.69
N GLY A 572 18.50 -11.46 -14.56
CA GLY A 572 17.49 -12.00 -15.45
C GLY A 572 16.59 -13.03 -14.81
N GLY A 573 15.51 -13.39 -15.50
CA GLY A 573 14.62 -14.40 -14.97
C GLY A 573 13.17 -14.02 -14.76
N TRP A 574 12.47 -14.91 -14.08
CA TRP A 574 11.05 -14.78 -13.75
C TRP A 574 10.91 -14.10 -12.39
N ALA A 575 10.56 -12.81 -12.40
CA ALA A 575 10.39 -12.08 -11.16
C ALA A 575 8.92 -11.95 -10.77
N HIS A 576 8.43 -12.97 -10.08
CA HIS A 576 7.04 -13.03 -9.63
C HIS A 576 6.91 -12.39 -8.25
N TYR A 577 6.07 -11.38 -8.14
CA TYR A 577 5.86 -10.69 -6.87
C TYR A 577 4.38 -10.47 -6.62
N VAL A 578 3.85 -11.15 -5.62
CA VAL A 578 2.44 -11.03 -5.23
C VAL A 578 2.39 -10.77 -3.72
N GLY A 579 2.17 -11.83 -2.95
CA GLY A 579 2.13 -11.72 -1.50
C GLY A 579 3.51 -11.97 -0.88
N GLN A 580 3.63 -11.61 0.39
CA GLN A 580 4.88 -11.76 1.14
C GLN A 580 5.07 -13.23 1.53
N GLU A 581 5.21 -14.09 0.53
CA GLU A 581 5.34 -15.51 0.77
C GLU A 581 6.69 -16.03 1.28
N LYS A 582 7.79 -15.35 0.99
CA LYS A 582 9.07 -15.88 1.43
C LYS A 582 9.45 -15.70 2.90
N LEU A 583 9.07 -16.69 3.71
CA LEU A 583 9.43 -16.70 5.13
C LEU A 583 10.77 -17.46 5.05
N ARG A 584 11.85 -16.70 5.03
CA ARG A 584 13.20 -17.26 4.90
C ARG A 584 13.63 -18.37 5.86
N PRO A 585 13.59 -18.13 7.18
CA PRO A 585 14.01 -19.19 8.10
C PRO A 585 12.91 -20.25 8.20
N GLN A 586 12.60 -20.84 7.06
CA GLN A 586 11.54 -21.86 6.93
C GLN A 586 11.53 -23.06 7.86
N THR A 587 12.51 -23.94 7.70
CA THR A 587 12.59 -25.14 8.50
C THR A 587 12.75 -24.88 9.99
N GLY A 588 12.92 -23.61 10.35
CA GLY A 588 13.06 -23.28 11.75
C GLY A 588 11.71 -22.88 12.31
N TRP A 589 10.86 -22.37 11.42
CA TRP A 589 9.52 -21.91 11.76
C TRP A 589 8.42 -22.98 11.65
N GLN A 590 8.57 -23.92 10.72
CA GLN A 590 7.55 -24.96 10.53
C GLN A 590 7.28 -25.84 11.75
N PRO A 591 8.34 -26.34 12.39
CA PRO A 591 8.09 -27.18 13.56
C PRO A 591 7.34 -26.42 14.67
N LEU A 592 7.61 -25.13 14.80
CA LEU A 592 6.95 -24.33 15.80
C LEU A 592 5.48 -24.13 15.46
N ALA A 593 5.25 -23.72 14.22
CA ALA A 593 3.89 -23.44 13.76
C ALA A 593 2.97 -24.65 13.68
N PHE A 594 3.50 -25.82 13.37
CA PHE A 594 2.64 -26.98 13.27
C PHE A 594 2.88 -28.06 14.31
N ALA A 595 3.56 -27.67 15.39
CA ALA A 595 3.85 -28.57 16.51
C ALA A 595 4.55 -29.83 16.04
N LEU A 596 5.38 -29.70 15.03
CA LEU A 596 6.13 -30.83 14.49
C LEU A 596 7.23 -31.26 15.46
N ASP A 597 7.39 -30.49 16.54
CA ASP A 597 8.37 -30.80 17.56
C ASP A 597 7.76 -31.82 18.52
N TRP A 598 6.43 -31.92 18.50
CA TRP A 598 5.71 -32.87 19.36
C TRP A 598 5.00 -33.99 18.61
N GLN A 599 4.29 -33.63 17.55
CA GLN A 599 3.54 -34.60 16.78
C GLN A 599 3.76 -34.40 15.29
N ARG A 600 3.70 -35.49 14.55
CA ARG A 600 3.89 -35.48 13.10
C ARG A 600 2.93 -36.50 12.50
N PRO A 601 2.16 -36.13 11.47
CA PRO A 601 2.10 -34.82 10.81
C PRO A 601 0.94 -33.98 11.34
N ALA A 602 0.77 -32.80 10.77
CA ALA A 602 -0.31 -31.91 11.16
C ALA A 602 -1.42 -32.12 10.14
N ARG A 603 -2.44 -31.26 10.17
CA ARG A 603 -3.54 -31.36 9.23
C ARG A 603 -3.65 -30.15 8.31
N HIS A 604 -2.82 -30.14 7.26
CA HIS A 604 -2.83 -29.05 6.29
C HIS A 604 -3.97 -29.25 5.31
N MET A 605 -4.54 -28.15 4.84
CA MET A 605 -5.64 -28.20 3.88
C MET A 605 -5.56 -27.09 2.85
N ASN A 606 -5.85 -27.40 1.58
CA ASN A 606 -5.81 -26.37 0.55
C ASN A 606 -7.16 -25.65 0.59
N SER A 607 -7.12 -24.40 1.00
CA SER A 607 -8.32 -23.57 1.17
C SER A 607 -9.32 -23.35 0.03
N THR A 608 -8.87 -23.28 -1.22
CA THR A 608 -9.81 -23.05 -2.31
C THR A 608 -10.83 -24.20 -2.40
N SER A 609 -10.35 -25.44 -2.33
CA SER A 609 -11.25 -26.59 -2.39
C SER A 609 -12.13 -26.57 -1.14
N TYR A 610 -11.51 -26.20 -0.02
CA TYR A 610 -12.18 -26.14 1.27
C TYR A 610 -13.39 -25.20 1.25
N PHE A 611 -13.18 -23.96 0.79
CA PHE A 611 -14.29 -23.01 0.74
C PHE A 611 -15.26 -23.33 -0.38
N TYR A 612 -14.72 -23.79 -1.50
CA TYR A 612 -15.54 -24.15 -2.65
C TYR A 612 -16.57 -25.16 -2.18
N ASN A 613 -16.13 -26.05 -1.30
CA ASN A 613 -16.98 -27.10 -0.78
C ASN A 613 -17.91 -26.65 0.36
N HIS A 614 -17.33 -26.15 1.45
CA HIS A 614 -18.14 -25.75 2.59
C HIS A 614 -19.00 -24.51 2.46
N SER A 615 -18.61 -23.54 1.63
CA SER A 615 -19.48 -22.37 1.47
C SER A 615 -20.38 -22.71 0.28
N SER A 616 -20.35 -23.99 -0.09
CA SER A 616 -21.16 -24.58 -1.15
C SER A 616 -21.21 -23.84 -2.49
N GLN A 617 -20.13 -23.17 -2.86
CA GLN A 617 -20.12 -22.45 -4.12
C GLN A 617 -20.22 -23.38 -5.33
N TRP A 618 -19.97 -24.68 -5.11
CA TRP A 618 -20.07 -25.64 -6.19
C TRP A 618 -21.55 -25.80 -6.58
N ARG A 619 -22.44 -25.61 -5.60
CA ARG A 619 -23.87 -25.73 -5.86
C ARG A 619 -24.40 -24.73 -6.90
N TYR A 620 -23.54 -23.81 -7.33
CA TYR A 620 -23.91 -22.80 -8.32
C TYR A 620 -22.95 -22.79 -9.49
N GLU A 621 -22.09 -23.80 -9.58
CA GLU A 621 -21.10 -23.85 -10.67
C GLU A 621 -21.69 -23.67 -12.06
N THR A 622 -20.96 -22.96 -12.92
CA THR A 622 -21.41 -22.73 -14.29
C THR A 622 -20.41 -23.27 -15.30
N VAL A 623 -19.18 -23.51 -14.84
CA VAL A 623 -18.12 -24.04 -15.70
C VAL A 623 -18.09 -25.56 -15.62
N THR A 624 -17.96 -26.22 -16.77
CA THR A 624 -17.91 -27.68 -16.80
C THR A 624 -16.50 -28.09 -17.16
N ALA A 625 -16.06 -29.23 -16.65
CA ALA A 625 -14.72 -29.72 -16.94
C ALA A 625 -14.67 -30.05 -18.42
N GLU A 626 -15.79 -30.53 -18.94
CA GLU A 626 -15.89 -30.92 -20.34
C GLU A 626 -15.54 -29.79 -21.31
N GLU A 627 -15.96 -28.57 -21.01
CA GLU A 627 -15.66 -27.46 -21.92
C GLU A 627 -14.24 -26.92 -21.79
N LEU A 628 -13.41 -27.63 -21.04
CA LEU A 628 -12.01 -27.22 -20.84
C LEU A 628 -11.11 -28.32 -21.39
N LEU A 629 -11.72 -29.44 -21.68
CA LEU A 629 -11.01 -30.61 -22.19
C LEU A 629 -10.36 -30.36 -23.54
N SER A 630 -9.25 -31.06 -23.77
CA SER A 630 -8.55 -30.95 -25.05
C SER A 630 -9.46 -31.57 -26.09
N PRO A 631 -9.51 -31.00 -27.30
CA PRO A 631 -10.39 -31.58 -28.31
C PRO A 631 -9.98 -33.03 -28.64
N MET A 632 -8.75 -33.39 -28.26
CA MET A 632 -8.23 -34.73 -28.51
C MET A 632 -8.36 -35.67 -27.31
N ALA A 633 -9.15 -35.29 -26.33
CA ALA A 633 -9.34 -36.10 -25.13
C ALA A 633 -10.65 -36.89 -25.20
N ASP A 634 -10.68 -38.05 -24.56
CA ASP A 634 -11.88 -38.89 -24.54
C ASP A 634 -12.96 -38.29 -23.65
N LYS A 635 -13.77 -37.40 -24.21
CA LYS A 635 -14.85 -36.74 -23.50
C LYS A 635 -15.54 -37.56 -22.41
N SER A 636 -15.74 -38.85 -22.67
CA SER A 636 -16.42 -39.74 -21.73
C SER A 636 -15.57 -40.27 -20.57
N ARG A 637 -14.27 -40.00 -20.59
CA ARG A 637 -13.41 -40.45 -19.50
C ARG A 637 -13.20 -39.32 -18.50
N TYR A 638 -13.95 -38.24 -18.67
CA TYR A 638 -13.85 -37.08 -17.79
C TYR A 638 -15.23 -36.48 -17.53
N THR A 639 -16.13 -37.28 -16.98
CA THR A 639 -17.47 -36.80 -16.70
C THR A 639 -17.57 -36.39 -15.24
N GLY A 640 -18.53 -35.53 -14.94
CA GLY A 640 -18.72 -35.10 -13.57
C GLY A 640 -18.59 -33.60 -13.36
N HIS A 641 -19.02 -33.17 -12.18
CA HIS A 641 -18.98 -31.77 -11.77
C HIS A 641 -17.52 -31.50 -11.38
N LEU A 642 -17.06 -30.27 -11.57
CA LEU A 642 -15.68 -29.95 -11.21
C LEU A 642 -15.35 -30.45 -9.80
N ILE A 643 -16.31 -30.38 -8.89
CA ILE A 643 -16.07 -30.84 -7.52
C ILE A 643 -15.80 -32.35 -7.48
N ASP A 644 -16.35 -33.10 -8.44
CA ASP A 644 -16.15 -34.55 -8.49
C ASP A 644 -14.67 -34.84 -8.74
N PHE A 645 -14.01 -33.99 -9.50
CA PHE A 645 -12.59 -34.18 -9.77
C PHE A 645 -11.80 -33.97 -8.49
N ASN A 646 -12.26 -33.05 -7.65
CA ASN A 646 -11.59 -32.76 -6.39
C ASN A 646 -11.69 -33.99 -5.48
N VAL A 647 -12.89 -34.53 -5.35
CA VAL A 647 -13.12 -35.70 -4.49
C VAL A 647 -12.25 -36.86 -4.93
N ARG A 648 -12.10 -37.03 -6.24
CA ARG A 648 -11.27 -38.11 -6.76
C ARG A 648 -9.82 -37.83 -6.45
N ALA A 649 -9.45 -36.56 -6.56
CA ALA A 649 -8.08 -36.15 -6.29
C ALA A 649 -7.77 -36.47 -4.84
N GLU A 650 -8.73 -36.20 -3.96
CA GLU A 650 -8.58 -36.45 -2.54
C GLU A 650 -8.37 -37.92 -2.19
N ARG A 651 -9.27 -38.79 -2.67
CA ARG A 651 -9.16 -40.21 -2.36
C ARG A 651 -7.95 -40.86 -3.01
N MET A 652 -7.34 -40.17 -3.98
CA MET A 652 -6.15 -40.69 -4.65
C MET A 652 -4.85 -40.18 -4.03
N GLY A 653 -4.97 -39.42 -2.94
CA GLY A 653 -3.81 -38.89 -2.25
C GLY A 653 -3.15 -37.68 -2.90
N TRP A 654 -3.85 -37.08 -3.86
CA TRP A 654 -3.33 -35.91 -4.55
C TRP A 654 -3.50 -34.62 -3.74
N LEU A 655 -4.71 -34.39 -3.26
CA LEU A 655 -5.04 -33.20 -2.47
C LEU A 655 -5.48 -33.59 -1.06
N PRO A 656 -5.31 -32.68 -0.09
CA PRO A 656 -5.70 -32.94 1.30
C PRO A 656 -7.21 -32.83 1.46
N SER A 657 -7.72 -33.26 2.62
CA SER A 657 -9.15 -33.23 2.89
C SER A 657 -9.45 -32.54 4.21
N ALA A 658 -10.67 -32.02 4.35
CA ALA A 658 -11.05 -31.36 5.59
C ALA A 658 -12.52 -30.96 5.62
N PRO A 659 -13.31 -31.61 6.49
CA PRO A 659 -12.89 -32.69 7.41
C PRO A 659 -12.37 -33.83 6.54
N GLN A 660 -11.61 -34.75 7.13
CA GLN A 660 -11.06 -35.84 6.35
C GLN A 660 -12.00 -37.01 6.11
N LEU A 661 -12.47 -37.61 7.19
CA LEU A 661 -13.35 -38.76 7.07
C LEU A 661 -14.74 -38.44 7.63
N GLY A 662 -15.73 -39.21 7.18
CA GLY A 662 -17.11 -39.02 7.61
C GLY A 662 -17.43 -39.60 8.98
N THR A 663 -16.40 -39.99 9.71
CA THR A 663 -16.57 -40.54 11.04
C THR A 663 -15.48 -39.93 11.92
N ASN A 664 -15.81 -39.63 13.18
CA ASN A 664 -14.84 -39.03 14.09
C ASN A 664 -13.54 -39.82 14.08
N PRO A 665 -12.46 -39.24 13.55
CA PRO A 665 -11.15 -39.91 13.48
C PRO A 665 -10.51 -40.32 14.80
N LEU A 666 -11.12 -39.94 15.92
CA LEU A 666 -10.58 -40.30 17.23
C LEU A 666 -11.19 -41.62 17.70
N THR A 667 -12.17 -42.13 16.96
CA THR A 667 -12.84 -43.39 17.33
C THR A 667 -12.44 -44.58 16.46
N ILE A 668 -11.71 -44.33 15.38
CA ILE A 668 -11.29 -45.40 14.48
C ILE A 668 -10.41 -46.44 15.17
N ALA A 669 -9.46 -45.98 15.97
CA ALA A 669 -8.55 -46.88 16.67
C ALA A 669 -9.33 -47.83 17.59
N GLY A 670 -10.32 -47.29 18.27
CA GLY A 670 -11.13 -48.10 19.18
C GLY A 670 -11.94 -49.16 18.46
N GLU A 671 -12.26 -48.91 17.20
CA GLU A 671 -13.03 -49.86 16.42
C GLU A 671 -12.09 -50.89 15.81
N ALA A 672 -10.86 -50.47 15.53
CA ALA A 672 -9.86 -51.36 14.95
C ALA A 672 -9.42 -52.40 15.97
N GLU A 673 -9.41 -52.01 17.24
CA GLU A 673 -9.02 -52.90 18.32
C GLU A 673 -10.04 -54.01 18.48
N LYS A 674 -11.33 -53.66 18.37
CA LYS A 674 -12.41 -54.62 18.48
C LYS A 674 -12.39 -55.59 17.30
N ALA A 675 -12.16 -55.05 16.11
CA ALA A 675 -12.12 -55.89 14.91
C ALA A 675 -10.92 -56.82 14.93
N GLY A 676 -9.95 -56.52 15.80
CA GLY A 676 -8.79 -57.37 15.91
C GLY A 676 -7.66 -57.06 14.95
N MET A 677 -7.63 -55.84 14.43
CA MET A 677 -6.58 -55.44 13.50
C MET A 677 -6.04 -54.05 13.83
N ASN A 678 -4.83 -53.75 13.38
CA ASN A 678 -4.26 -52.44 13.66
C ASN A 678 -5.06 -51.37 12.90
N PRO A 679 -5.16 -50.17 13.49
CA PRO A 679 -5.89 -49.03 12.92
C PRO A 679 -5.70 -48.71 11.44
N VAL A 680 -4.47 -48.76 10.94
CA VAL A 680 -4.28 -48.45 9.54
C VAL A 680 -5.05 -49.43 8.66
N ASP A 681 -4.68 -50.72 8.75
CA ASP A 681 -5.34 -51.76 7.96
C ASP A 681 -6.86 -51.71 8.10
N TYR A 682 -7.33 -51.45 9.31
CA TYR A 682 -8.77 -51.38 9.54
C TYR A 682 -9.39 -50.24 8.76
N THR A 683 -8.62 -49.17 8.58
CA THR A 683 -9.11 -48.01 7.85
C THR A 683 -9.13 -48.34 6.36
N VAL A 684 -8.05 -48.91 5.85
CA VAL A 684 -7.99 -49.26 4.42
C VAL A 684 -9.13 -50.22 4.06
N LYS A 685 -9.37 -51.19 4.94
CA LYS A 685 -10.42 -52.18 4.73
C LYS A 685 -11.78 -51.49 4.72
N SER A 686 -11.99 -50.63 5.71
CA SER A 686 -13.24 -49.90 5.84
C SER A 686 -13.48 -48.99 4.64
N LEU A 687 -12.41 -48.36 4.15
CA LEU A 687 -12.52 -47.47 3.00
C LEU A 687 -12.90 -48.25 1.75
N LYS A 688 -12.26 -49.40 1.56
CA LYS A 688 -12.54 -50.26 0.41
C LYS A 688 -13.99 -50.72 0.47
N GLU A 689 -14.40 -51.20 1.64
CA GLU A 689 -15.76 -51.68 1.85
C GLU A 689 -16.80 -50.58 1.91
N GLY A 690 -16.35 -49.37 2.19
CA GLY A 690 -17.27 -48.24 2.26
C GLY A 690 -17.94 -48.04 3.60
N SER A 691 -17.44 -48.71 4.64
CA SER A 691 -18.00 -48.57 5.97
C SER A 691 -17.55 -47.23 6.54
N ILE A 692 -16.40 -46.74 6.06
CA ILE A 692 -15.86 -45.43 6.45
C ILE A 692 -15.71 -44.71 5.11
N ARG A 693 -16.21 -43.48 5.02
CA ARG A 693 -16.13 -42.72 3.77
C ARG A 693 -15.41 -41.39 3.90
N PHE A 694 -14.88 -40.90 2.78
CA PHE A 694 -14.22 -39.59 2.77
C PHE A 694 -15.31 -38.56 2.99
N ALA A 695 -15.05 -37.58 3.85
CA ALA A 695 -16.05 -36.55 4.15
C ALA A 695 -16.51 -35.79 2.91
N ALA A 696 -15.60 -35.57 1.98
CA ALA A 696 -15.90 -34.85 0.74
C ALA A 696 -17.13 -35.39 0.00
N GLU A 697 -17.41 -36.68 0.15
CA GLU A 697 -18.55 -37.29 -0.53
C GLU A 697 -19.91 -36.82 0.00
N GLN A 698 -19.96 -36.44 1.28
CA GLN A 698 -21.22 -36.00 1.87
C GLN A 698 -21.03 -34.77 2.77
N PRO A 699 -20.69 -33.62 2.17
CA PRO A 699 -20.46 -32.36 2.88
C PRO A 699 -21.66 -31.77 3.61
N GLU A 700 -22.85 -32.31 3.39
CA GLU A 700 -24.05 -31.77 4.02
C GLU A 700 -24.82 -32.71 4.94
N ASN A 701 -24.25 -33.89 5.23
CA ASN A 701 -24.94 -34.85 6.08
C ASN A 701 -25.02 -34.43 7.55
N GLY A 702 -24.41 -33.31 7.91
CA GLY A 702 -24.45 -32.83 9.28
C GLY A 702 -23.26 -33.17 10.15
N LYS A 703 -22.29 -33.88 9.60
CA LYS A 703 -21.12 -34.27 10.39
C LYS A 703 -19.81 -34.02 9.66
N ASN A 704 -19.89 -33.58 8.41
CA ASN A 704 -18.70 -33.37 7.61
C ASN A 704 -18.38 -31.91 7.27
N HIS A 705 -18.91 -30.99 8.06
CA HIS A 705 -18.64 -29.57 7.83
C HIS A 705 -17.92 -29.00 9.04
N PRO A 706 -16.99 -28.05 8.82
CA PRO A 706 -16.28 -27.48 9.98
C PRO A 706 -17.30 -26.79 10.89
N ARG A 707 -17.07 -26.85 12.20
CA ARG A 707 -18.00 -26.24 13.15
C ARG A 707 -17.44 -25.07 13.95
N ASN A 708 -16.12 -24.99 14.07
CA ASN A 708 -15.48 -23.90 14.81
C ASN A 708 -14.37 -23.31 13.95
N LEU A 709 -14.42 -21.99 13.74
CA LEU A 709 -13.40 -21.35 12.92
C LEU A 709 -12.73 -20.16 13.61
N PHE A 710 -11.40 -20.21 13.67
CA PHE A 710 -10.59 -19.14 14.26
C PHE A 710 -10.06 -18.34 13.09
N ILE A 711 -10.15 -17.01 13.19
CA ILE A 711 -9.68 -16.14 12.12
C ILE A 711 -8.75 -15.08 12.73
N TRP A 712 -7.52 -15.00 12.25
CA TRP A 712 -6.58 -14.00 12.77
C TRP A 712 -5.55 -13.62 11.73
N ARG A 713 -5.24 -12.32 11.66
CA ARG A 713 -4.29 -11.80 10.69
C ARG A 713 -4.95 -12.00 9.33
N SER A 714 -6.28 -12.02 9.36
CA SER A 714 -7.10 -12.20 8.16
C SER A 714 -8.42 -11.44 8.27
N ASN A 715 -8.94 -11.00 7.13
CA ASN A 715 -10.22 -10.31 7.10
C ASN A 715 -11.03 -11.08 6.06
N LEU A 716 -10.89 -12.40 6.12
CA LEU A 716 -11.57 -13.34 5.24
C LEU A 716 -12.95 -12.94 4.72
N LEU A 717 -13.81 -12.47 5.62
CA LEU A 717 -15.16 -12.06 5.27
C LEU A 717 -15.30 -10.61 4.82
N GLY A 718 -14.30 -10.09 4.13
CA GLY A 718 -14.36 -8.73 3.65
C GLY A 718 -13.18 -8.43 2.74
N SER A 719 -12.39 -9.45 2.48
CA SER A 719 -11.22 -9.26 1.64
C SER A 719 -10.93 -10.45 0.74
N SER A 720 -10.34 -11.51 1.31
CA SER A 720 -10.00 -12.67 0.51
C SER A 720 -11.17 -13.57 0.11
N GLY A 721 -12.23 -13.58 0.90
CA GLY A 721 -13.35 -14.44 0.61
C GLY A 721 -14.14 -14.29 -0.68
N LYS A 722 -13.72 -14.96 -1.75
CA LYS A 722 -14.47 -14.88 -3.00
C LYS A 722 -15.81 -15.55 -2.72
N GLY A 723 -16.87 -15.06 -3.33
CA GLY A 723 -18.18 -15.65 -3.06
C GLY A 723 -18.66 -15.23 -1.68
N HIS A 724 -18.42 -13.96 -1.35
CA HIS A 724 -18.81 -13.38 -0.08
C HIS A 724 -20.24 -13.76 0.34
N GLU A 725 -21.22 -13.52 -0.55
CA GLU A 725 -22.60 -13.83 -0.21
C GLU A 725 -22.83 -15.32 0.06
N PHE A 726 -22.06 -16.18 -0.60
CA PHE A 726 -22.17 -17.62 -0.40
C PHE A 726 -21.66 -17.98 0.99
N MET A 727 -20.61 -17.30 1.42
CA MET A 727 -20.04 -17.57 2.74
C MET A 727 -21.02 -17.11 3.81
N LEU A 728 -21.64 -15.96 3.58
CA LEU A 728 -22.62 -15.44 4.52
C LEU A 728 -23.81 -16.39 4.65
N LYS A 729 -24.21 -16.99 3.53
CA LYS A 729 -25.35 -17.88 3.56
C LYS A 729 -25.08 -19.29 4.08
N TYR A 730 -24.05 -19.96 3.55
CA TYR A 730 -23.79 -21.32 3.99
C TYR A 730 -22.88 -21.51 5.21
N LEU A 731 -21.83 -20.71 5.36
CA LEU A 731 -20.96 -20.85 6.52
C LEU A 731 -21.51 -20.12 7.74
N LEU A 732 -22.08 -18.93 7.53
CA LEU A 732 -22.62 -18.12 8.62
C LEU A 732 -24.10 -18.26 8.96
N GLY A 733 -24.93 -18.53 7.96
CA GLY A 733 -26.36 -18.67 8.20
C GLY A 733 -27.10 -17.33 8.33
N THR A 734 -26.54 -16.26 7.79
CA THR A 734 -27.20 -14.95 7.85
C THR A 734 -27.82 -14.62 6.50
N GLU A 735 -28.46 -13.45 6.41
CA GLU A 735 -29.04 -13.01 5.16
C GLU A 735 -27.88 -12.94 4.17
N HIS A 736 -28.20 -13.01 2.88
CA HIS A 736 -27.15 -12.94 1.86
C HIS A 736 -27.73 -12.24 0.65
N GLY A 737 -26.87 -11.90 -0.31
CA GLY A 737 -27.31 -11.22 -1.51
C GLY A 737 -27.21 -12.03 -2.79
N ILE A 738 -27.00 -13.33 -2.68
CA ILE A 738 -26.90 -14.17 -3.86
C ILE A 738 -28.12 -13.86 -4.74
N GLN A 739 -27.88 -13.73 -6.04
CA GLN A 739 -28.96 -13.39 -6.97
C GLN A 739 -29.44 -14.53 -7.85
N GLY A 740 -28.54 -15.46 -8.17
CA GLY A 740 -28.90 -16.58 -9.02
C GLY A 740 -29.47 -17.80 -8.30
N LYS A 741 -29.83 -18.80 -9.10
CA LYS A 741 -30.39 -20.05 -8.58
C LYS A 741 -29.30 -21.12 -8.64
N ASP A 742 -29.40 -22.14 -7.80
CA ASP A 742 -28.40 -23.20 -7.78
C ASP A 742 -28.73 -24.30 -8.79
N LEU A 743 -27.80 -25.23 -8.98
CA LEU A 743 -27.99 -26.34 -9.91
C LEU A 743 -29.39 -26.96 -9.83
N GLY A 744 -29.80 -27.30 -8.60
CA GLY A 744 -31.10 -27.90 -8.38
C GLY A 744 -32.28 -27.13 -8.95
N GLN A 745 -32.34 -25.83 -8.66
CA GLN A 745 -33.42 -24.98 -9.15
C GLN A 745 -33.45 -24.87 -10.68
N GLN A 746 -32.28 -24.99 -11.30
CA GLN A 746 -32.18 -24.93 -12.76
C GLN A 746 -32.25 -26.35 -13.31
N GLY A 747 -32.43 -27.31 -12.41
CA GLY A 747 -32.51 -28.71 -12.81
C GLY A 747 -31.33 -29.18 -13.64
N GLY A 748 -30.12 -28.83 -13.22
CA GLY A 748 -28.92 -29.23 -13.94
C GLY A 748 -28.46 -30.62 -13.56
N VAL A 749 -27.26 -30.97 -14.01
CA VAL A 749 -26.70 -32.29 -13.70
C VAL A 749 -26.03 -32.27 -12.33
N LYS A 750 -26.48 -33.17 -11.47
CA LYS A 750 -25.94 -33.28 -10.13
C LYS A 750 -24.61 -34.03 -10.19
N PRO A 751 -23.64 -33.65 -9.34
CA PRO A 751 -22.33 -34.33 -9.35
C PRO A 751 -22.47 -35.83 -9.20
N GLU A 752 -21.47 -36.59 -9.64
CA GLU A 752 -21.53 -38.03 -9.54
C GLU A 752 -20.66 -38.59 -8.40
N GLU A 753 -20.09 -37.71 -7.59
CA GLU A 753 -19.24 -38.12 -6.48
C GLU A 753 -19.73 -37.54 -5.16
N VAL A 754 -20.69 -36.62 -5.22
CA VAL A 754 -21.20 -35.97 -4.03
C VAL A 754 -22.72 -36.01 -3.92
N ASP A 755 -23.23 -36.23 -2.72
CA ASP A 755 -24.67 -36.27 -2.49
C ASP A 755 -25.29 -34.93 -2.86
N TRP A 756 -26.57 -34.96 -3.23
CA TRP A 756 -27.27 -33.75 -3.57
C TRP A 756 -28.52 -33.60 -2.72
N GLN A 757 -28.91 -32.36 -2.44
CA GLN A 757 -30.12 -32.09 -1.70
C GLN A 757 -30.58 -30.69 -2.12
N ASP A 758 -31.84 -30.58 -2.49
CA ASP A 758 -32.38 -29.32 -2.94
C ASP A 758 -32.19 -28.17 -1.97
N ASN A 759 -32.29 -28.45 -0.68
CA ASN A 759 -32.11 -27.40 0.32
C ASN A 759 -30.77 -27.58 1.01
N GLY A 760 -29.78 -26.81 0.56
CA GLY A 760 -28.44 -26.90 1.14
C GLY A 760 -28.37 -26.54 2.61
N LEU A 761 -27.41 -27.14 3.30
CA LEU A 761 -27.24 -26.88 4.72
C LEU A 761 -26.67 -25.46 4.90
N GLU A 762 -27.32 -24.67 5.74
CA GLU A 762 -26.87 -23.30 6.01
C GLU A 762 -26.32 -23.18 7.43
N GLY A 763 -25.63 -22.07 7.68
CA GLY A 763 -25.04 -21.80 8.99
C GLY A 763 -24.25 -22.95 9.58
N LYS A 764 -23.37 -23.55 8.78
CA LYS A 764 -22.56 -24.67 9.23
C LYS A 764 -21.66 -24.32 10.43
N LEU A 765 -21.13 -23.11 10.48
CA LEU A 765 -20.26 -22.74 11.58
C LEU A 765 -20.99 -22.46 12.89
N ASP A 766 -20.60 -23.19 13.92
CA ASP A 766 -21.19 -23.06 15.25
C ASP A 766 -20.60 -21.92 16.06
N LEU A 767 -19.36 -21.56 15.74
CA LEU A 767 -18.67 -20.50 16.46
C LEU A 767 -17.55 -19.91 15.60
N VAL A 768 -17.65 -18.60 15.36
CA VAL A 768 -16.65 -17.88 14.58
C VAL A 768 -15.93 -16.91 15.52
N VAL A 769 -14.63 -17.13 15.73
CA VAL A 769 -13.82 -16.31 16.61
C VAL A 769 -12.78 -15.53 15.81
N THR A 770 -12.81 -14.21 15.92
CA THR A 770 -11.84 -13.41 15.19
C THR A 770 -10.93 -12.59 16.09
N LEU A 771 -9.63 -12.59 15.77
CA LEU A 771 -8.65 -11.81 16.51
C LEU A 771 -8.22 -10.62 15.66
N ASP A 772 -8.34 -9.40 16.20
CA ASP A 772 -7.96 -8.21 15.45
C ASP A 772 -7.79 -7.00 16.37
N PHE A 773 -7.24 -5.91 15.85
CA PHE A 773 -7.06 -4.70 16.66
C PHE A 773 -8.02 -3.60 16.22
N ARG A 774 -8.69 -3.81 15.10
CA ARG A 774 -9.67 -2.87 14.56
C ARG A 774 -10.89 -3.73 14.23
N LEU A 775 -12.08 -3.16 14.37
CA LEU A 775 -13.29 -3.93 14.10
C LEU A 775 -13.48 -4.04 12.59
N SER A 776 -12.91 -5.09 12.00
CA SER A 776 -13.00 -5.33 10.57
C SER A 776 -14.35 -5.89 10.16
N SER A 777 -14.53 -6.12 8.87
CA SER A 777 -15.78 -6.66 8.39
C SER A 777 -15.96 -8.06 8.97
N THR A 778 -14.87 -8.82 9.02
CA THR A 778 -14.95 -10.17 9.56
C THR A 778 -15.39 -10.10 11.02
N CYS A 779 -14.80 -9.19 11.80
CA CYS A 779 -15.17 -9.04 13.21
C CYS A 779 -16.68 -8.74 13.33
N LEU A 780 -17.17 -7.89 12.44
CA LEU A 780 -18.58 -7.50 12.44
C LEU A 780 -19.53 -8.68 12.27
N TYR A 781 -19.06 -9.76 11.63
CA TYR A 781 -19.90 -10.95 11.41
C TYR A 781 -19.49 -12.12 12.31
N SER A 782 -18.67 -11.84 13.31
CA SER A 782 -18.20 -12.88 14.22
C SER A 782 -19.10 -13.03 15.44
N ASP A 783 -18.82 -14.07 16.24
CA ASP A 783 -19.59 -14.34 17.46
C ASP A 783 -18.78 -13.75 18.62
N ILE A 784 -17.47 -13.88 18.52
CA ILE A 784 -16.54 -13.41 19.54
C ILE A 784 -15.36 -12.70 18.88
N ILE A 785 -15.10 -11.47 19.34
CA ILE A 785 -13.99 -10.67 18.84
C ILE A 785 -12.96 -10.58 19.96
N LEU A 786 -11.73 -11.00 19.68
CA LEU A 786 -10.67 -10.96 20.68
C LEU A 786 -9.73 -9.80 20.32
N PRO A 787 -9.60 -8.81 21.23
CA PRO A 787 -8.73 -7.66 20.97
C PRO A 787 -7.25 -8.05 20.97
N THR A 788 -6.62 -7.90 19.81
CA THR A 788 -5.21 -8.26 19.68
C THR A 788 -4.33 -7.03 19.61
N ALA A 789 -3.08 -7.21 19.97
CA ALA A 789 -2.11 -6.13 19.98
C ALA A 789 -1.67 -5.72 18.57
N THR A 790 -1.53 -4.42 18.38
CA THR A 790 -1.07 -3.87 17.11
C THR A 790 0.41 -4.24 16.94
N TRP A 791 0.97 -4.01 15.76
CA TRP A 791 2.37 -4.35 15.49
C TRP A 791 3.36 -3.52 16.29
N TYR A 792 2.89 -2.47 16.95
CA TYR A 792 3.76 -1.64 17.76
C TYR A 792 3.63 -2.00 19.24
N GLU A 793 2.96 -3.11 19.52
CA GLU A 793 2.75 -3.55 20.89
C GLU A 793 3.10 -5.02 21.15
N LYS A 794 3.95 -5.61 20.31
CA LYS A 794 4.33 -7.01 20.47
C LYS A 794 5.63 -7.36 19.75
N ASP A 795 6.24 -8.48 20.14
CA ASP A 795 7.49 -8.92 19.53
C ASP A 795 7.25 -10.03 18.54
N ASP A 796 7.95 -9.98 17.41
CA ASP A 796 7.82 -11.00 16.39
C ASP A 796 8.87 -10.71 15.34
N MET A 797 8.89 -11.49 14.26
CA MET A 797 9.87 -11.27 13.22
C MET A 797 9.22 -11.19 11.85
N ASN A 798 9.95 -10.61 10.89
CA ASN A 798 9.43 -10.39 9.55
C ASN A 798 10.52 -10.51 8.47
N THR A 799 10.19 -11.15 7.36
CA THR A 799 11.11 -11.29 6.22
C THR A 799 10.28 -11.18 4.94
N SER A 800 10.94 -10.94 3.83
CA SER A 800 10.23 -10.81 2.56
C SER A 800 11.05 -11.33 1.38
N ASP A 801 10.37 -11.50 0.25
CA ASP A 801 11.02 -11.97 -0.99
C ASP A 801 11.86 -10.82 -1.53
N MET A 802 11.45 -9.60 -1.24
CA MET A 802 12.13 -8.40 -1.76
C MET A 802 13.58 -8.19 -1.31
N HIS A 803 13.87 -8.45 -0.04
CA HIS A 803 15.24 -8.28 0.46
C HIS A 803 15.65 -9.46 1.34
N PRO A 804 16.96 -9.57 1.65
CA PRO A 804 17.51 -10.66 2.47
C PRO A 804 17.63 -10.36 3.95
N PHE A 805 17.00 -9.29 4.42
CA PHE A 805 17.09 -8.89 5.82
C PHE A 805 16.03 -9.50 6.73
N ILE A 806 16.42 -9.88 7.94
CA ILE A 806 15.47 -10.43 8.90
C ILE A 806 15.47 -9.39 10.03
N HIS A 807 14.32 -8.79 10.31
CA HIS A 807 14.22 -7.78 11.35
C HIS A 807 12.98 -8.05 12.20
N PRO A 808 12.84 -7.36 13.35
CA PRO A 808 11.69 -7.59 14.23
C PRO A 808 10.55 -6.60 14.35
N LEU A 809 9.51 -7.07 15.06
CA LEU A 809 8.34 -6.28 15.42
C LEU A 809 8.63 -6.16 16.92
N SER A 810 8.46 -4.97 17.50
CA SER A 810 8.72 -4.81 18.93
C SER A 810 7.65 -4.00 19.60
N ALA A 811 7.42 -4.28 20.88
CA ALA A 811 6.43 -3.53 21.62
C ALA A 811 7.04 -2.19 22.01
N ALA A 812 6.43 -1.11 21.55
CA ALA A 812 6.90 0.22 21.90
C ALA A 812 6.36 0.50 23.30
N VAL A 813 5.20 -0.07 23.57
CA VAL A 813 4.50 0.06 24.85
C VAL A 813 3.66 -1.21 25.02
N ASP A 814 3.21 -1.50 26.24
CA ASP A 814 2.36 -2.69 26.43
C ASP A 814 1.03 -2.48 25.71
N PRO A 815 0.45 -3.58 25.19
CA PRO A 815 -0.84 -3.50 24.49
C PRO A 815 -1.80 -2.59 25.26
N ALA A 816 -2.44 -1.66 24.55
CA ALA A 816 -3.38 -0.74 25.19
C ALA A 816 -4.64 -1.48 25.65
N TRP A 817 -5.40 -0.85 26.54
CA TRP A 817 -6.62 -1.43 27.08
C TRP A 817 -6.43 -2.91 27.43
N GLU A 818 -7.33 -3.80 26.99
CA GLU A 818 -7.16 -5.21 27.36
C GLU A 818 -6.58 -6.11 26.27
N ALA A 819 -6.04 -5.49 25.23
CA ALA A 819 -5.46 -6.24 24.12
C ALA A 819 -4.31 -7.15 24.57
N LYS A 820 -4.09 -8.20 23.79
CA LYS A 820 -3.01 -9.18 24.04
C LYS A 820 -2.46 -9.62 22.71
N SER A 821 -1.19 -10.03 22.69
CA SER A 821 -0.57 -10.49 21.45
C SER A 821 -1.26 -11.76 21.01
N ASP A 822 -1.18 -12.06 19.71
CA ASP A 822 -1.79 -13.28 19.20
C ASP A 822 -1.18 -14.46 19.96
N TRP A 823 0.11 -14.39 20.23
CA TRP A 823 0.80 -15.46 20.94
C TRP A 823 0.19 -15.71 22.32
N GLU A 824 -0.06 -14.64 23.06
CA GLU A 824 -0.62 -14.76 24.41
C GLU A 824 -2.09 -15.14 24.39
N ILE A 825 -2.81 -14.70 23.37
CA ILE A 825 -4.23 -15.03 23.25
C ILE A 825 -4.39 -16.54 23.09
N TYR A 826 -3.63 -17.13 22.17
CA TYR A 826 -3.69 -18.56 21.96
C TYR A 826 -3.04 -19.34 23.08
N LYS A 827 -2.09 -18.74 23.78
CA LYS A 827 -1.44 -19.43 24.88
C LYS A 827 -2.50 -19.63 25.96
N ALA A 828 -3.27 -18.58 26.21
CA ALA A 828 -4.34 -18.63 27.21
C ALA A 828 -5.48 -19.56 26.76
N ILE A 829 -5.77 -19.61 25.46
CA ILE A 829 -6.83 -20.50 24.98
C ILE A 829 -6.37 -21.93 25.24
N ALA A 830 -5.10 -22.20 24.93
CA ALA A 830 -4.55 -23.53 25.15
C ALA A 830 -4.61 -23.91 26.63
N LYS A 831 -4.23 -22.98 27.50
CA LYS A 831 -4.26 -23.25 28.93
C LYS A 831 -5.66 -23.62 29.40
N LYS A 832 -6.66 -22.88 28.96
CA LYS A 832 -8.04 -23.15 29.37
C LYS A 832 -8.55 -24.45 28.77
N PHE A 833 -8.22 -24.66 27.50
CA PHE A 833 -8.63 -25.87 26.82
C PHE A 833 -8.12 -27.07 27.58
N SER A 834 -6.87 -26.98 28.03
CA SER A 834 -6.23 -28.07 28.77
C SER A 834 -6.96 -28.50 30.02
N GLU A 835 -7.60 -27.57 30.71
CA GLU A 835 -8.31 -27.97 31.91
C GLU A 835 -9.76 -28.32 31.59
N VAL A 836 -10.41 -27.57 30.71
CA VAL A 836 -11.79 -27.84 30.36
C VAL A 836 -11.98 -29.21 29.69
N CYS A 837 -10.96 -29.67 28.97
CA CYS A 837 -11.07 -30.96 28.29
C CYS A 837 -10.97 -32.18 29.22
N VAL A 838 -10.51 -31.97 30.45
CA VAL A 838 -10.37 -33.08 31.39
C VAL A 838 -11.70 -33.79 31.59
N GLY A 839 -11.69 -35.11 31.39
CA GLY A 839 -12.91 -35.88 31.55
C GLY A 839 -13.64 -36.07 30.22
N HIS A 840 -13.16 -35.38 29.18
CA HIS A 840 -13.76 -35.46 27.85
C HIS A 840 -12.77 -35.99 26.83
N LEU A 841 -11.51 -35.60 27.00
CA LEU A 841 -10.47 -36.04 26.09
C LEU A 841 -9.20 -36.27 26.89
N GLY A 842 -8.54 -37.38 26.62
CA GLY A 842 -7.30 -37.69 27.33
C GLY A 842 -6.24 -38.02 26.30
N LYS A 843 -5.55 -39.12 26.51
CA LYS A 843 -4.54 -39.54 25.56
C LYS A 843 -5.31 -40.29 24.49
N GLU A 844 -5.68 -39.57 23.44
CA GLU A 844 -6.45 -40.13 22.33
C GLU A 844 -5.56 -40.61 21.20
N THR A 845 -6.15 -41.40 20.30
CA THR A 845 -5.44 -41.89 19.14
C THR A 845 -6.25 -41.32 17.98
N ASP A 846 -5.56 -40.71 17.03
CA ASP A 846 -6.21 -40.07 15.90
C ASP A 846 -5.68 -40.65 14.59
N ILE A 847 -6.59 -40.94 13.67
CA ILE A 847 -6.18 -41.44 12.37
C ILE A 847 -6.22 -40.21 11.47
N VAL A 848 -5.08 -39.89 10.88
CA VAL A 848 -4.95 -38.71 10.04
C VAL A 848 -4.56 -39.05 8.61
N THR A 849 -5.26 -38.47 7.63
CA THR A 849 -4.92 -38.71 6.24
C THR A 849 -3.91 -37.63 5.84
N LEU A 850 -2.91 -38.02 5.07
CA LEU A 850 -1.89 -37.10 4.62
C LEU A 850 -1.66 -37.37 3.14
N PRO A 851 -1.94 -36.39 2.28
CA PRO A 851 -1.73 -36.61 0.85
C PRO A 851 -0.27 -36.82 0.50
N ILE A 852 -0.02 -37.48 -0.63
CA ILE A 852 1.34 -37.74 -1.08
C ILE A 852 2.09 -36.42 -1.19
N GLN A 853 3.21 -36.31 -0.49
CA GLN A 853 3.99 -35.07 -0.46
C GLN A 853 5.10 -34.93 -1.50
N HIS A 854 5.17 -33.74 -2.11
CA HIS A 854 6.22 -33.41 -3.07
C HIS A 854 7.47 -33.31 -2.19
N ASP A 855 8.64 -33.54 -2.77
CA ASP A 855 9.89 -33.48 -1.98
C ASP A 855 10.03 -34.62 -0.96
N SER A 856 9.18 -35.63 -1.05
CA SER A 856 9.26 -36.79 -0.16
C SER A 856 9.34 -37.95 -1.16
N ALA A 857 9.92 -39.07 -0.77
CA ALA A 857 10.06 -40.21 -1.66
C ALA A 857 8.74 -40.62 -2.33
N ALA A 858 7.65 -40.57 -1.57
CA ALA A 858 6.34 -40.96 -2.09
C ALA A 858 5.91 -40.15 -3.32
N GLU A 859 6.60 -39.05 -3.60
CA GLU A 859 6.22 -38.22 -4.75
C GLU A 859 6.22 -39.03 -6.03
N LEU A 860 6.95 -40.14 -6.02
CA LEU A 860 7.04 -41.04 -7.18
C LEU A 860 5.88 -42.04 -7.11
N ALA A 861 4.66 -41.53 -7.10
CA ALA A 861 3.46 -42.36 -7.00
C ALA A 861 3.03 -43.08 -8.28
N GLN A 862 2.20 -42.41 -9.08
CA GLN A 862 1.71 -42.99 -10.33
C GLN A 862 2.49 -42.46 -11.52
N PRO A 863 3.44 -43.25 -12.03
CA PRO A 863 4.33 -42.93 -13.15
C PRO A 863 3.82 -42.76 -14.58
N LEU A 864 2.91 -43.62 -15.04
CA LEU A 864 2.46 -43.52 -16.42
C LEU A 864 1.00 -43.15 -16.68
N ASP A 865 0.17 -43.18 -15.64
CA ASP A 865 -1.24 -42.85 -15.83
C ASP A 865 -2.00 -42.67 -14.52
N VAL A 866 -3.32 -42.48 -14.65
CA VAL A 866 -4.15 -42.26 -13.48
C VAL A 866 -5.04 -43.45 -13.14
N LYS A 867 -4.82 -44.03 -11.98
CA LYS A 867 -5.59 -45.18 -11.52
C LYS A 867 -6.38 -44.87 -10.26
N ASP A 868 -7.71 -44.89 -10.39
CA ASP A 868 -8.64 -44.61 -9.30
C ASP A 868 -9.02 -45.91 -8.61
N TRP A 869 -8.58 -46.10 -7.37
CA TRP A 869 -8.89 -47.34 -6.68
C TRP A 869 -10.39 -47.58 -6.45
N LYS A 870 -11.18 -46.53 -6.28
CA LYS A 870 -12.61 -46.70 -6.05
C LYS A 870 -13.27 -47.29 -7.31
N LYS A 871 -12.66 -47.02 -8.45
CA LYS A 871 -13.15 -47.54 -9.73
C LYS A 871 -12.56 -48.93 -9.97
N GLY A 872 -11.83 -49.42 -8.97
CA GLY A 872 -11.22 -50.74 -9.07
C GLY A 872 -10.09 -50.82 -10.09
N GLU A 873 -9.56 -49.67 -10.47
CA GLU A 873 -8.47 -49.64 -11.45
C GLU A 873 -7.13 -50.04 -10.85
N CYS A 874 -7.07 -50.10 -9.53
CA CYS A 874 -5.85 -50.46 -8.81
C CYS A 874 -6.22 -50.67 -7.35
N ASP A 875 -5.31 -51.25 -6.57
CA ASP A 875 -5.61 -51.46 -5.17
C ASP A 875 -5.48 -50.12 -4.43
N LEU A 876 -5.95 -50.09 -3.20
CA LEU A 876 -5.87 -48.87 -2.40
C LEU A 876 -4.61 -48.96 -1.55
N ILE A 877 -3.52 -48.41 -2.10
CA ILE A 877 -2.22 -48.38 -1.41
C ILE A 877 -1.93 -47.00 -0.83
N PRO A 878 -2.24 -46.80 0.46
CA PRO A 878 -1.98 -45.48 1.05
C PRO A 878 -0.53 -45.04 0.84
N GLY A 879 -0.35 -43.81 0.38
CA GLY A 879 0.99 -43.31 0.14
C GLY A 879 1.37 -43.43 -1.32
N LYS A 880 0.49 -44.02 -2.13
CA LYS A 880 0.76 -44.18 -3.55
C LYS A 880 -0.47 -43.97 -4.44
N THR A 881 -1.55 -44.69 -4.16
CA THR A 881 -2.76 -44.54 -4.96
C THR A 881 -3.86 -43.96 -4.10
N ALA A 882 -3.48 -43.56 -2.89
CA ALA A 882 -4.39 -42.97 -1.93
C ALA A 882 -3.52 -42.19 -0.94
N PRO A 883 -4.14 -41.41 -0.05
CA PRO A 883 -3.33 -40.64 0.92
C PRO A 883 -2.74 -41.54 2.00
N HIS A 884 -1.65 -41.10 2.61
CA HIS A 884 -1.03 -41.84 3.69
C HIS A 884 -2.07 -41.92 4.80
N ILE A 885 -2.06 -42.99 5.58
CA ILE A 885 -2.98 -43.13 6.71
C ILE A 885 -2.08 -43.15 7.93
N MET A 886 -1.97 -41.99 8.59
CA MET A 886 -1.10 -41.85 9.74
C MET A 886 -1.81 -41.95 11.09
N VAL A 887 -1.05 -42.41 12.08
CA VAL A 887 -1.55 -42.55 13.44
C VAL A 887 -0.89 -41.48 14.31
N VAL A 888 -1.71 -40.61 14.88
CA VAL A 888 -1.19 -39.53 15.72
C VAL A 888 -1.77 -39.63 17.11
N GLU A 889 -0.91 -39.69 18.11
CA GLU A 889 -1.33 -39.75 19.50
C GLU A 889 -1.42 -38.33 20.03
N ARG A 890 -2.54 -37.98 20.65
CA ARG A 890 -2.70 -36.63 21.19
C ARG A 890 -2.96 -36.66 22.69
N ASP A 891 -2.24 -35.82 23.41
CA ASP A 891 -2.38 -35.71 24.86
C ASP A 891 -3.11 -34.41 25.12
N TYR A 892 -4.42 -34.44 24.88
CA TYR A 892 -5.24 -33.25 25.05
C TYR A 892 -5.01 -32.52 26.38
N PRO A 893 -5.04 -33.25 27.50
CA PRO A 893 -4.84 -32.55 28.78
C PRO A 893 -3.50 -31.81 28.86
N ALA A 894 -2.52 -32.23 28.05
CA ALA A 894 -1.20 -31.63 28.06
C ALA A 894 -0.98 -30.60 26.94
N THR A 895 -2.05 -30.26 26.23
CA THR A 895 -1.96 -29.31 25.13
C THR A 895 -1.16 -28.06 25.49
N TYR A 896 -1.44 -27.49 26.66
CA TYR A 896 -0.77 -26.27 27.10
C TYR A 896 0.72 -26.49 27.40
N GLU A 897 1.06 -27.54 28.14
CA GLU A 897 2.46 -27.77 28.44
C GLU A 897 3.26 -27.99 27.16
N ARG A 898 2.64 -28.61 26.16
CA ARG A 898 3.32 -28.85 24.88
C ARG A 898 3.48 -27.55 24.10
N PHE A 899 2.43 -26.74 24.11
CA PHE A 899 2.42 -25.46 23.41
C PHE A 899 3.58 -24.57 23.88
N THR A 900 3.78 -24.55 25.19
CA THR A 900 4.81 -23.72 25.79
C THR A 900 6.14 -24.40 26.02
N SER A 901 6.48 -25.36 25.14
CA SER A 901 7.77 -26.04 25.24
C SER A 901 8.12 -26.69 23.91
N ILE A 902 9.41 -26.71 23.58
CA ILE A 902 9.86 -27.31 22.33
C ILE A 902 9.90 -28.82 22.50
N GLY A 903 9.06 -29.52 21.74
CA GLY A 903 8.96 -30.97 21.81
C GLY A 903 10.20 -31.83 21.59
N PRO A 904 10.14 -33.11 21.99
CA PRO A 904 11.22 -34.10 21.89
C PRO A 904 11.52 -34.64 20.48
N LEU A 905 10.62 -34.43 19.53
CA LEU A 905 10.85 -34.94 18.18
C LEU A 905 12.01 -34.25 17.44
N MET A 906 12.35 -33.02 17.82
CA MET A 906 13.47 -32.35 17.15
C MET A 906 14.73 -33.13 17.48
N GLU A 907 14.78 -33.64 18.71
CA GLU A 907 15.92 -34.41 19.18
C GLU A 907 15.88 -35.87 18.75
N LYS A 908 14.71 -36.49 18.84
CA LYS A 908 14.54 -37.90 18.50
C LYS A 908 14.56 -38.19 17.01
N ILE A 909 13.95 -37.32 16.22
CA ILE A 909 13.87 -37.51 14.77
C ILE A 909 14.78 -36.56 13.99
N GLY A 910 14.81 -35.29 14.39
CA GLY A 910 15.62 -34.32 13.71
C GLY A 910 14.77 -33.28 13.02
N ASN A 911 15.38 -32.46 12.18
CA ASN A 911 14.64 -31.42 11.48
C ASN A 911 14.96 -31.48 9.99
N GLY A 912 14.14 -30.83 9.17
CA GLY A 912 14.38 -30.84 7.75
C GLY A 912 13.25 -30.30 6.91
N GLY A 913 13.43 -30.34 5.59
CA GLY A 913 12.42 -29.87 4.67
C GLY A 913 13.00 -29.88 3.27
N LYS A 914 12.13 -29.78 2.27
CA LYS A 914 12.55 -29.80 0.87
C LYS A 914 13.39 -31.04 0.55
N GLY A 915 12.93 -32.20 1.02
CA GLY A 915 13.60 -33.45 0.73
C GLY A 915 14.93 -33.77 1.41
N ILE A 916 15.38 -32.93 2.32
CA ILE A 916 16.64 -33.18 3.03
C ILE A 916 16.39 -33.12 4.53
N ALA A 917 17.24 -33.82 5.29
CA ALA A 917 17.11 -33.83 6.73
C ALA A 917 18.50 -33.71 7.36
N TRP A 918 18.54 -33.34 8.63
CA TRP A 918 19.82 -33.17 9.32
C TRP A 918 19.61 -33.27 10.81
N ASN A 919 20.72 -33.42 11.54
CA ASN A 919 20.68 -33.52 13.00
C ASN A 919 20.67 -32.13 13.60
N THR A 920 19.78 -31.89 14.54
CA THR A 920 19.68 -30.58 15.14
C THR A 920 19.75 -30.64 16.67
N GLN A 921 20.58 -31.54 17.18
CA GLN A 921 20.74 -31.71 18.62
C GLN A 921 21.45 -30.54 19.31
N SER A 922 22.53 -30.06 18.71
CA SER A 922 23.26 -28.94 19.29
C SER A 922 22.39 -27.68 19.39
N GLU A 923 21.52 -27.47 18.41
CA GLU A 923 20.64 -26.30 18.44
C GLU A 923 19.70 -26.40 19.63
N MET A 924 19.19 -27.60 19.89
CA MET A 924 18.29 -27.80 21.02
C MET A 924 19.00 -27.54 22.33
N ASP A 925 20.25 -27.99 22.43
CA ASP A 925 21.03 -27.77 23.65
C ASP A 925 21.17 -26.26 23.87
N LEU A 926 21.49 -25.52 22.80
CA LEU A 926 21.63 -24.07 22.90
C LEU A 926 20.32 -23.43 23.35
N LEU A 927 19.21 -23.94 22.80
CA LEU A 927 17.89 -23.42 23.15
C LEU A 927 17.56 -23.63 24.64
N ARG A 928 18.04 -24.74 25.21
CA ARG A 928 17.78 -25.00 26.62
C ARG A 928 18.41 -23.90 27.47
N LYS A 929 19.53 -23.37 27.00
CA LYS A 929 20.23 -22.31 27.71
C LYS A 929 19.64 -20.91 27.47
N LEU A 930 19.06 -20.71 26.30
CA LEU A 930 18.48 -19.42 25.95
C LEU A 930 17.05 -19.22 26.46
N ASN A 931 16.24 -20.27 26.42
CA ASN A 931 14.84 -20.17 26.85
C ASN A 931 14.58 -20.76 28.23
N TYR A 932 15.57 -21.43 28.82
CA TYR A 932 15.40 -22.08 30.12
C TYR A 932 14.53 -23.31 29.86
N THR A 933 14.42 -24.20 30.83
CA THR A 933 13.65 -25.43 30.64
C THR A 933 12.53 -25.66 31.65
N LYS A 934 11.65 -26.61 31.34
CA LYS A 934 10.54 -26.95 32.22
C LYS A 934 11.03 -27.58 33.53
N ALA A 935 10.56 -27.07 34.65
CA ALA A 935 10.94 -27.57 35.96
C ALA A 935 10.39 -28.99 36.15
N GLU A 936 9.12 -29.17 35.78
CA GLU A 936 8.46 -30.46 35.87
C GLU A 936 7.33 -30.55 34.84
N GLY A 937 6.33 -31.37 35.12
CA GLY A 937 5.24 -31.54 34.19
C GLY A 937 5.64 -32.48 33.06
N PRO A 938 4.74 -32.70 32.08
CA PRO A 938 4.96 -33.57 30.92
C PRO A 938 6.17 -33.21 30.05
N ALA A 939 6.49 -31.92 29.97
CA ALA A 939 7.61 -31.47 29.16
C ALA A 939 8.91 -31.22 29.92
N LYS A 940 8.99 -31.76 31.13
CA LYS A 940 10.17 -31.60 31.96
C LYS A 940 11.49 -31.71 31.18
N GLY A 941 12.37 -30.73 31.37
CA GLY A 941 13.66 -30.73 30.72
C GLY A 941 13.70 -30.17 29.30
N GLN A 942 12.53 -29.91 28.73
CA GLN A 942 12.47 -29.36 27.38
C GLN A 942 12.57 -27.86 27.37
N PRO A 943 13.17 -27.29 26.32
CA PRO A 943 13.29 -25.83 26.23
C PRO A 943 11.91 -25.20 26.35
N MET A 944 11.85 -24.01 26.93
CA MET A 944 10.59 -23.32 27.11
C MET A 944 10.18 -22.46 25.93
N LEU A 945 8.87 -22.22 25.86
CA LEU A 945 8.27 -21.37 24.83
C LEU A 945 7.18 -20.59 25.57
N ASN A 946 7.59 -19.73 26.50
CA ASN A 946 6.66 -18.94 27.28
C ASN A 946 6.31 -17.63 26.59
N THR A 947 7.33 -16.96 26.05
CA THR A 947 7.15 -15.68 25.39
C THR A 947 7.31 -15.73 23.89
N ALA A 948 6.97 -14.64 23.24
CA ALA A 948 7.11 -14.53 21.81
C ALA A 948 8.60 -14.57 21.47
N ILE A 949 9.42 -13.99 22.35
CA ILE A 949 10.86 -13.99 22.13
C ILE A 949 11.41 -15.42 22.12
N ASP A 950 10.99 -16.24 23.09
CA ASP A 950 11.46 -17.62 23.15
C ASP A 950 11.19 -18.28 21.82
N ALA A 951 9.96 -18.08 21.33
CA ALA A 951 9.54 -18.65 20.06
C ALA A 951 10.37 -18.12 18.91
N ALA A 952 10.61 -16.83 18.89
CA ALA A 952 11.40 -16.23 17.83
C ALA A 952 12.79 -16.85 17.84
N GLU A 953 13.37 -16.96 19.03
CA GLU A 953 14.71 -17.52 19.18
C GLU A 953 14.74 -18.98 18.72
N MET A 954 13.61 -19.68 18.84
CA MET A 954 13.55 -21.06 18.40
C MET A 954 13.73 -21.08 16.89
N ILE A 955 12.96 -20.23 16.21
CA ILE A 955 13.02 -20.12 14.77
C ILE A 955 14.42 -19.77 14.26
N LEU A 956 15.04 -18.76 14.88
CA LEU A 956 16.37 -18.33 14.49
C LEU A 956 17.45 -19.37 14.71
N THR A 957 17.37 -20.06 15.84
CA THR A 957 18.37 -21.07 16.19
C THR A 957 18.26 -22.34 15.36
N LEU A 958 17.05 -22.69 14.92
CA LEU A 958 16.83 -23.91 14.14
C LEU A 958 17.03 -23.79 12.63
N ALA A 959 16.67 -22.65 12.06
CA ALA A 959 16.77 -22.48 10.62
C ALA A 959 18.18 -22.31 10.09
N PRO A 960 18.45 -22.86 8.90
CA PRO A 960 19.77 -22.77 8.29
C PRO A 960 20.04 -21.35 7.81
N GLU A 961 18.97 -20.63 7.47
CA GLU A 961 19.10 -19.25 6.99
C GLU A 961 19.62 -18.34 8.10
N THR A 962 19.31 -18.68 9.35
CA THR A 962 19.72 -17.84 10.47
C THR A 962 20.76 -18.45 11.42
N ASN A 963 21.21 -19.65 11.10
CA ASN A 963 22.21 -20.33 11.93
C ASN A 963 23.22 -21.03 11.02
N GLY A 964 24.36 -20.39 10.81
CA GLY A 964 25.39 -20.96 9.94
C GLY A 964 25.70 -22.41 10.24
N GLN A 965 25.64 -22.76 11.52
CA GLN A 965 25.92 -24.13 11.93
C GLN A 965 24.92 -25.05 11.25
N VAL A 966 23.64 -24.71 11.37
CA VAL A 966 22.60 -25.51 10.74
C VAL A 966 22.75 -25.45 9.22
N ALA A 967 23.15 -24.29 8.71
CA ALA A 967 23.32 -24.09 7.28
C ALA A 967 24.28 -25.07 6.63
N VAL A 968 25.37 -25.42 7.32
CA VAL A 968 26.35 -26.34 6.77
C VAL A 968 25.83 -27.78 6.81
N LYS A 969 25.16 -28.15 7.89
CA LYS A 969 24.61 -29.51 7.99
C LYS A 969 23.52 -29.69 6.92
N ALA A 970 22.82 -28.61 6.61
CA ALA A 970 21.76 -28.65 5.62
C ALA A 970 22.34 -28.81 4.21
N TRP A 971 23.40 -28.08 3.91
CA TRP A 971 24.04 -28.19 2.60
C TRP A 971 24.75 -29.54 2.51
N ALA A 972 25.18 -30.05 3.65
CA ALA A 972 25.87 -31.33 3.69
C ALA A 972 24.88 -32.42 3.30
N ALA A 973 23.65 -32.30 3.79
CA ALA A 973 22.61 -33.28 3.49
C ALA A 973 22.29 -33.34 1.99
N LEU A 974 22.13 -32.17 1.39
CA LEU A 974 21.83 -32.06 -0.04
C LEU A 974 22.96 -32.62 -0.90
N SER A 975 24.19 -32.45 -0.43
CA SER A 975 25.36 -32.93 -1.15
C SER A 975 25.33 -34.44 -1.38
N GLU A 976 24.60 -35.15 -0.52
CA GLU A 976 24.47 -36.59 -0.65
C GLU A 976 23.72 -36.90 -1.92
N PHE A 977 22.61 -36.21 -2.13
CA PHE A 977 21.77 -36.41 -3.31
C PHE A 977 22.46 -36.08 -4.62
N THR A 978 23.00 -34.87 -4.71
CA THR A 978 23.65 -34.42 -5.94
C THR A 978 25.01 -35.04 -6.19
N GLY A 979 25.73 -35.38 -5.13
CA GLY A 979 27.06 -35.96 -5.31
C GLY A 979 28.09 -34.86 -5.45
N ARG A 980 27.61 -33.61 -5.48
CA ARG A 980 28.46 -32.44 -5.60
C ARG A 980 28.52 -31.74 -4.24
N ASP A 981 29.65 -31.10 -3.92
CA ASP A 981 29.77 -30.42 -2.64
C ASP A 981 29.12 -29.04 -2.66
N HIS A 982 28.32 -28.75 -1.64
CA HIS A 982 27.64 -27.46 -1.54
C HIS A 982 27.93 -26.76 -0.23
N THR A 983 28.67 -27.41 0.66
CA THR A 983 28.99 -26.81 1.96
C THR A 983 29.78 -25.52 1.80
N HIS A 984 30.50 -25.38 0.69
CA HIS A 984 31.30 -24.19 0.44
C HIS A 984 30.41 -22.97 0.38
N LEU A 985 29.10 -23.18 0.25
CA LEU A 985 28.15 -22.07 0.19
C LEU A 985 27.86 -21.43 1.54
N ALA A 986 28.15 -22.12 2.62
CA ALA A 986 27.89 -21.58 3.95
C ALA A 986 29.07 -21.73 4.92
N LEU A 987 30.15 -22.37 4.47
CA LEU A 987 31.30 -22.55 5.35
C LEU A 987 31.84 -21.22 5.89
N ASN A 988 31.94 -20.21 5.01
CA ASN A 988 32.46 -18.90 5.41
C ASN A 988 31.51 -18.10 6.30
N LYS A 989 30.47 -18.75 6.82
CA LYS A 989 29.49 -18.11 7.71
C LYS A 989 29.03 -19.09 8.77
N GLU A 990 29.78 -20.18 8.92
CA GLU A 990 29.39 -21.22 9.88
C GLU A 990 29.25 -20.76 11.34
N ASP A 991 29.96 -19.70 11.71
CA ASP A 991 29.86 -19.21 13.09
C ASP A 991 28.70 -18.23 13.30
N GLU A 992 28.15 -17.72 12.20
CA GLU A 992 27.05 -16.78 12.25
C GLU A 992 25.79 -17.33 12.93
N LYS A 993 25.26 -16.57 13.88
CA LYS A 993 24.04 -16.95 14.59
C LYS A 993 23.23 -15.69 14.87
N ILE A 994 22.12 -15.53 14.16
CA ILE A 994 21.28 -14.36 14.32
C ILE A 994 20.41 -14.46 15.57
N ARG A 995 20.54 -13.45 16.42
CA ARG A 995 19.79 -13.39 17.66
C ARG A 995 18.70 -12.35 17.57
N PHE A 996 17.59 -12.60 18.24
CA PHE A 996 16.47 -11.68 18.23
C PHE A 996 16.89 -10.28 18.68
N ARG A 997 17.61 -10.19 19.79
CA ARG A 997 18.03 -8.88 20.27
C ARG A 997 19.02 -8.18 19.36
N ASP A 998 19.81 -8.93 18.61
CA ASP A 998 20.75 -8.31 17.69
C ASP A 998 19.97 -7.64 16.55
N ILE A 999 18.94 -8.31 16.04
CA ILE A 999 18.20 -7.69 14.95
C ILE A 999 17.38 -6.48 15.42
N GLN A 1000 17.13 -6.36 16.73
CA GLN A 1000 16.42 -5.18 17.20
C GLN A 1000 17.42 -4.01 17.08
N ALA A 1001 18.71 -4.31 17.22
CA ALA A 1001 19.77 -3.30 17.12
C ALA A 1001 20.07 -2.95 15.66
N GLN A 1002 19.96 -3.94 14.77
CA GLN A 1002 20.18 -3.72 13.34
C GLN A 1002 19.78 -4.94 12.51
N PRO A 1003 18.97 -4.73 11.47
CA PRO A 1003 18.53 -5.82 10.59
C PRO A 1003 19.73 -6.62 10.12
N ARG A 1004 19.59 -7.93 10.02
CA ARG A 1004 20.70 -8.77 9.58
C ARG A 1004 20.42 -9.60 8.33
N LYS A 1005 21.43 -9.70 7.47
CA LYS A 1005 21.30 -10.48 6.24
C LYS A 1005 21.37 -11.97 6.58
N ILE A 1006 20.56 -12.81 5.93
CA ILE A 1006 20.58 -14.25 6.22
C ILE A 1006 21.65 -15.01 5.46
N ILE A 1007 21.80 -16.30 5.79
CA ILE A 1007 22.80 -17.20 5.18
C ILE A 1007 22.21 -17.99 4.02
N SER A 1008 23.00 -18.18 2.97
CA SER A 1008 22.57 -18.96 1.81
C SER A 1008 22.09 -20.30 2.32
N SER A 1009 20.94 -20.76 1.83
CA SER A 1009 20.36 -22.04 2.27
C SER A 1009 19.82 -22.90 1.13
N PRO A 1010 19.91 -24.23 1.29
CA PRO A 1010 19.42 -25.18 0.28
C PRO A 1010 17.89 -25.13 0.17
N THR A 1011 17.27 -24.44 1.13
CA THR A 1011 15.82 -24.28 1.13
C THR A 1011 15.43 -23.40 -0.05
N TRP A 1012 16.36 -22.59 -0.50
CA TRP A 1012 16.14 -21.67 -1.63
C TRP A 1012 17.08 -22.00 -2.79
N SER A 1013 17.10 -21.17 -3.84
CA SER A 1013 17.96 -21.46 -4.99
C SER A 1013 18.80 -20.26 -5.45
N GLY A 1014 19.02 -19.32 -4.55
CA GLY A 1014 19.82 -18.17 -4.87
C GLY A 1014 20.84 -18.04 -3.76
N LEU A 1015 21.80 -17.13 -3.93
CA LEU A 1015 22.82 -16.97 -2.90
C LEU A 1015 22.78 -15.62 -2.18
N GLU A 1016 23.19 -15.64 -0.92
CA GLU A 1016 23.28 -14.44 -0.11
C GLU A 1016 24.79 -14.23 -0.13
N ASP A 1017 25.25 -13.48 -1.12
CA ASP A 1017 26.67 -13.26 -1.30
C ASP A 1017 26.94 -11.77 -1.38
N GLU A 1018 28.21 -11.38 -1.32
CA GLU A 1018 28.53 -9.97 -1.38
C GLU A 1018 29.01 -9.52 -2.76
N HIS A 1019 29.11 -10.49 -3.67
CA HIS A 1019 29.54 -10.20 -5.04
C HIS A 1019 28.39 -10.46 -6.04
N VAL A 1020 27.47 -11.34 -5.68
CA VAL A 1020 26.34 -11.63 -6.57
C VAL A 1020 25.02 -11.53 -5.79
N SER A 1021 24.08 -10.75 -6.32
CA SER A 1021 22.79 -10.56 -5.66
C SER A 1021 22.00 -11.87 -5.67
N TYR A 1022 20.93 -11.94 -4.88
CA TYR A 1022 20.10 -13.13 -4.81
C TYR A 1022 19.21 -13.26 -6.05
N ASN A 1023 19.40 -14.33 -6.79
CA ASN A 1023 18.65 -14.61 -8.02
C ASN A 1023 18.16 -16.05 -8.00
N ALA A 1024 16.85 -16.23 -8.11
CA ALA A 1024 16.26 -17.55 -8.08
C ALA A 1024 16.76 -18.43 -9.23
N GLY A 1025 16.96 -19.71 -8.93
CA GLY A 1025 17.44 -20.63 -9.94
C GLY A 1025 18.94 -20.54 -10.20
N TYR A 1026 19.62 -19.67 -9.46
CA TYR A 1026 21.05 -19.48 -9.62
C TYR A 1026 21.81 -20.74 -9.22
N THR A 1027 21.34 -21.41 -8.17
CA THR A 1027 21.99 -22.62 -7.69
C THR A 1027 21.82 -23.76 -8.70
N ASN A 1028 20.62 -23.92 -9.26
CA ASN A 1028 20.40 -24.98 -10.24
C ASN A 1028 21.37 -24.80 -11.38
N VAL A 1029 21.43 -23.58 -11.91
CA VAL A 1029 22.32 -23.28 -13.03
C VAL A 1029 23.81 -23.30 -12.72
N HIS A 1030 24.20 -22.84 -11.53
CA HIS A 1030 25.61 -22.78 -11.17
C HIS A 1030 26.16 -23.88 -10.25
N GLU A 1031 25.28 -24.52 -9.48
CA GLU A 1031 25.71 -25.60 -8.60
C GLU A 1031 25.26 -26.94 -9.16
N LEU A 1032 24.54 -26.89 -10.28
CA LEU A 1032 24.03 -28.07 -10.96
C LEU A 1032 23.08 -28.91 -10.11
N ILE A 1033 22.30 -28.23 -9.27
CA ILE A 1033 21.31 -28.88 -8.42
C ILE A 1033 20.05 -28.91 -9.28
N PRO A 1034 19.46 -30.10 -9.47
CA PRO A 1034 18.25 -30.23 -10.28
C PRO A 1034 17.05 -29.46 -9.77
N TRP A 1035 16.11 -29.23 -10.67
CA TRP A 1035 14.84 -28.59 -10.34
C TRP A 1035 14.03 -29.83 -9.97
N ARG A 1036 13.26 -29.77 -8.88
CA ARG A 1036 12.49 -30.93 -8.46
C ARG A 1036 11.33 -31.26 -9.40
N THR A 1037 11.67 -31.51 -10.66
CA THR A 1037 10.69 -31.86 -11.68
C THR A 1037 10.98 -33.26 -12.21
N LEU A 1038 10.01 -33.86 -12.88
CA LEU A 1038 10.17 -35.18 -13.46
C LEU A 1038 11.52 -35.34 -14.17
N SER A 1039 11.83 -34.42 -15.08
CA SER A 1039 13.08 -34.46 -15.85
C SER A 1039 14.29 -33.89 -15.11
N GLY A 1040 14.05 -33.07 -14.09
CA GLY A 1040 15.15 -32.46 -13.37
C GLY A 1040 15.47 -31.09 -13.93
N ARG A 1041 15.08 -30.86 -15.18
CA ARG A 1041 15.30 -29.58 -15.83
C ARG A 1041 14.02 -28.77 -15.80
N GLN A 1042 14.07 -27.54 -16.31
CA GLN A 1042 12.88 -26.70 -16.35
C GLN A 1042 11.94 -27.38 -17.34
N GLN A 1043 10.79 -27.84 -16.84
CA GLN A 1043 9.82 -28.55 -17.68
C GLN A 1043 8.92 -27.74 -18.58
N LEU A 1044 9.12 -27.85 -19.89
CA LEU A 1044 8.26 -27.15 -20.83
C LEU A 1044 7.09 -28.08 -21.16
N TYR A 1045 7.34 -29.39 -21.06
CA TYR A 1045 6.34 -30.41 -21.36
C TYR A 1045 5.73 -31.10 -20.13
N GLN A 1046 4.42 -30.94 -19.96
CA GLN A 1046 3.70 -31.55 -18.85
C GLN A 1046 2.96 -32.79 -19.38
N ASP A 1047 3.52 -33.98 -19.10
CA ASP A 1047 2.97 -35.23 -19.59
C ASP A 1047 1.98 -35.97 -18.70
N HIS A 1048 1.64 -35.41 -17.56
CA HIS A 1048 0.68 -36.09 -16.68
C HIS A 1048 -0.62 -36.25 -17.47
N GLN A 1049 -1.29 -37.38 -17.30
CA GLN A 1049 -2.52 -37.65 -18.00
C GLN A 1049 -3.43 -36.40 -18.07
N TRP A 1050 -3.81 -35.87 -16.91
CA TRP A 1050 -4.68 -34.69 -16.87
C TRP A 1050 -4.16 -33.47 -17.60
N MET A 1051 -2.86 -33.20 -17.48
CA MET A 1051 -2.30 -32.04 -18.18
C MET A 1051 -2.48 -32.23 -19.68
N ARG A 1052 -2.25 -33.45 -20.17
CA ARG A 1052 -2.38 -33.72 -21.60
C ARG A 1052 -3.84 -33.62 -22.08
N ASP A 1053 -4.74 -34.29 -21.37
CA ASP A 1053 -6.15 -34.29 -21.73
C ASP A 1053 -6.87 -32.96 -21.53
N PHE A 1054 -6.26 -32.05 -20.80
CA PHE A 1054 -6.87 -30.75 -20.60
C PHE A 1054 -6.19 -29.73 -21.51
N GLY A 1055 -5.46 -30.25 -22.49
CA GLY A 1055 -4.79 -29.43 -23.49
C GLY A 1055 -3.66 -28.54 -23.05
N GLU A 1056 -3.02 -28.87 -21.94
CA GLU A 1056 -1.92 -28.04 -21.46
C GLU A 1056 -0.56 -28.72 -21.35
N SER A 1057 -0.33 -29.73 -22.19
CA SER A 1057 0.95 -30.42 -22.19
C SER A 1057 2.04 -29.40 -22.58
N LEU A 1058 1.68 -28.50 -23.48
CA LEU A 1058 2.56 -27.42 -23.88
C LEU A 1058 1.70 -26.20 -23.69
N LEU A 1059 2.29 -25.02 -23.53
CA LEU A 1059 1.47 -23.82 -23.34
C LEU A 1059 0.69 -23.55 -24.62
N VAL A 1060 -0.45 -22.91 -24.48
CA VAL A 1060 -1.32 -22.57 -25.61
C VAL A 1060 -2.18 -21.41 -25.17
N TYR A 1061 -2.65 -20.62 -26.13
CA TYR A 1061 -3.49 -19.51 -25.80
C TYR A 1061 -4.87 -20.00 -25.37
N ARG A 1062 -5.35 -19.47 -24.25
CA ARG A 1062 -6.66 -19.82 -23.70
C ARG A 1062 -7.39 -18.52 -23.37
N PRO A 1063 -8.55 -18.28 -24.01
CA PRO A 1063 -9.31 -17.05 -23.76
C PRO A 1063 -10.04 -17.09 -22.43
N PRO A 1064 -10.23 -15.92 -21.81
CA PRO A 1064 -10.93 -15.82 -20.52
C PRO A 1064 -12.17 -16.73 -20.53
N ILE A 1065 -12.41 -17.43 -19.43
CA ILE A 1065 -13.56 -18.32 -19.37
C ILE A 1065 -14.83 -17.53 -19.10
N ASP A 1066 -15.96 -18.09 -19.53
CA ASP A 1066 -17.25 -17.44 -19.34
C ASP A 1066 -17.85 -17.90 -18.01
N THR A 1067 -18.07 -16.98 -17.07
CA THR A 1067 -18.65 -17.38 -15.78
C THR A 1067 -20.17 -17.39 -15.84
N ARG A 1068 -20.71 -16.97 -16.99
CA ARG A 1068 -22.16 -16.94 -17.17
C ARG A 1068 -22.87 -16.35 -15.96
N SER A 1069 -22.35 -15.26 -15.43
CA SER A 1069 -22.92 -14.64 -14.24
C SER A 1069 -23.72 -13.37 -14.49
N VAL A 1070 -23.89 -12.98 -15.76
CA VAL A 1070 -24.59 -11.74 -16.05
C VAL A 1070 -25.94 -11.82 -16.77
N LYS A 1071 -25.95 -12.43 -17.95
CA LYS A 1071 -27.14 -12.56 -18.77
C LYS A 1071 -28.38 -13.13 -18.08
N GLU A 1072 -28.20 -13.71 -16.90
CA GLU A 1072 -29.32 -14.29 -16.17
C GLU A 1072 -29.97 -13.30 -15.22
N VAL A 1073 -29.23 -12.27 -14.81
CA VAL A 1073 -29.76 -11.30 -13.88
C VAL A 1073 -29.94 -9.90 -14.46
N ILE A 1074 -29.23 -9.61 -15.54
CA ILE A 1074 -29.30 -8.29 -16.15
C ILE A 1074 -30.76 -7.95 -16.54
N GLY A 1075 -31.23 -6.80 -16.08
CA GLY A 1075 -32.58 -6.35 -16.39
C GLY A 1075 -33.72 -6.89 -15.52
N GLN A 1076 -33.44 -7.85 -14.66
CA GLN A 1076 -34.46 -8.44 -13.80
C GLN A 1076 -34.99 -7.53 -12.69
N LYS A 1077 -34.26 -6.46 -12.39
CA LYS A 1077 -34.67 -5.55 -11.32
C LYS A 1077 -34.34 -4.11 -11.69
N SER A 1078 -34.86 -3.67 -12.82
CA SER A 1078 -34.62 -2.32 -13.31
C SER A 1078 -34.94 -1.23 -12.31
N ASN A 1079 -34.11 -0.18 -12.31
CA ASN A 1079 -34.32 0.95 -11.43
C ASN A 1079 -34.51 2.17 -12.34
N GLY A 1080 -34.61 1.89 -13.63
CA GLY A 1080 -34.81 2.95 -14.62
C GLY A 1080 -33.58 3.39 -15.40
N ASN A 1081 -32.39 3.15 -14.86
CA ASN A 1081 -31.17 3.56 -15.55
C ASN A 1081 -30.55 2.44 -16.38
N GLN A 1082 -29.89 2.82 -17.46
CA GLN A 1082 -29.27 1.85 -18.34
C GLN A 1082 -28.30 0.95 -17.56
N GLU A 1083 -28.22 -0.29 -18.01
CA GLU A 1083 -27.35 -1.28 -17.40
C GLU A 1083 -26.43 -1.80 -18.50
N LYS A 1084 -25.18 -2.05 -18.17
CA LYS A 1084 -24.23 -2.53 -19.16
C LYS A 1084 -23.28 -3.55 -18.54
N ALA A 1085 -22.85 -4.52 -19.33
CA ALA A 1085 -21.95 -5.55 -18.87
C ALA A 1085 -20.50 -5.10 -19.01
N LEU A 1086 -19.70 -5.31 -17.98
CA LEU A 1086 -18.30 -4.92 -18.00
C LEU A 1086 -17.39 -5.94 -17.29
N ASN A 1087 -16.13 -5.98 -17.71
CA ASN A 1087 -15.14 -6.87 -17.13
C ASN A 1087 -14.79 -6.28 -15.76
N PHE A 1088 -14.91 -7.09 -14.71
CA PHE A 1088 -14.65 -6.64 -13.35
C PHE A 1088 -13.26 -7.02 -12.84
N LEU A 1089 -12.32 -6.08 -12.94
CA LEU A 1089 -10.95 -6.31 -12.50
C LEU A 1089 -10.75 -5.76 -11.09
N THR A 1090 -9.93 -6.44 -10.30
CA THR A 1090 -9.69 -6.01 -8.94
C THR A 1090 -8.23 -5.93 -8.55
N PRO A 1091 -7.43 -5.16 -9.30
CA PRO A 1091 -6.01 -5.05 -8.93
C PRO A 1091 -5.95 -4.45 -7.53
N HIS A 1092 -4.81 -4.57 -6.86
CA HIS A 1092 -4.69 -4.05 -5.51
C HIS A 1092 -4.60 -2.54 -5.37
N GLN A 1093 -5.32 -2.02 -4.39
CA GLN A 1093 -5.42 -0.58 -4.17
C GLN A 1093 -4.20 0.17 -3.67
N LYS A 1094 -4.31 1.49 -3.78
CA LYS A 1094 -3.27 2.41 -3.37
C LYS A 1094 -3.52 2.93 -1.96
N TRP A 1095 -4.77 2.86 -1.51
CA TRP A 1095 -5.13 3.37 -0.18
C TRP A 1095 -5.37 2.32 0.89
N GLY A 1096 -4.57 1.26 0.83
CA GLY A 1096 -4.65 0.18 1.78
C GLY A 1096 -3.81 -0.98 1.28
N ILE A 1097 -3.66 -2.00 2.12
CA ILE A 1097 -2.95 -3.22 1.75
C ILE A 1097 -4.09 -4.18 1.99
N HIS A 1098 -4.77 -4.58 0.91
CA HIS A 1098 -5.95 -5.43 1.03
C HIS A 1098 -6.93 -4.53 1.73
N SER A 1099 -7.53 -5.00 2.81
CA SER A 1099 -8.49 -4.16 3.52
C SER A 1099 -7.85 -3.42 4.70
N THR A 1100 -6.65 -3.85 5.10
CA THR A 1100 -5.96 -3.19 6.20
C THR A 1100 -5.69 -1.75 5.75
N TYR A 1101 -5.83 -0.79 6.66
CA TYR A 1101 -5.63 0.64 6.38
C TYR A 1101 -6.81 1.23 5.62
N SER A 1102 -7.68 0.38 5.09
CA SER A 1102 -8.82 0.88 4.33
C SER A 1102 -9.72 1.75 5.21
N ASP A 1103 -9.79 1.44 6.50
CA ASP A 1103 -10.62 2.23 7.41
C ASP A 1103 -9.81 3.37 8.04
N ASN A 1104 -8.51 3.38 7.76
CA ASN A 1104 -7.60 4.40 8.29
C ASN A 1104 -7.91 5.78 7.69
N LEU A 1105 -8.37 6.71 8.52
CA LEU A 1105 -8.75 8.06 8.05
C LEU A 1105 -7.73 8.75 7.14
N LEU A 1106 -6.45 8.48 7.34
CA LEU A 1106 -5.42 9.06 6.49
C LEU A 1106 -5.56 8.53 5.07
N MET A 1107 -5.68 7.21 4.94
CA MET A 1107 -5.85 6.58 3.63
C MET A 1107 -7.19 7.01 3.01
N LEU A 1108 -8.22 7.13 3.83
CA LEU A 1108 -9.54 7.54 3.34
C LEU A 1108 -9.56 9.00 2.90
N THR A 1109 -8.72 9.81 3.54
CA THR A 1109 -8.66 11.22 3.19
C THR A 1109 -7.81 11.45 1.95
N LEU A 1110 -6.79 10.62 1.76
CA LEU A 1110 -5.90 10.75 0.61
C LEU A 1110 -6.53 10.08 -0.62
N GLY A 1111 -7.47 9.16 -0.37
CA GLY A 1111 -8.16 8.48 -1.46
C GLY A 1111 -9.46 9.20 -1.75
N ARG A 1112 -10.52 8.46 -2.10
CA ARG A 1112 -11.81 9.08 -2.38
C ARG A 1112 -12.81 8.99 -1.21
N GLY A 1113 -12.31 8.87 0.01
CA GLY A 1113 -13.18 8.82 1.18
C GLY A 1113 -14.09 7.62 1.39
N GLY A 1114 -13.76 6.48 0.78
CA GLY A 1114 -14.59 5.30 0.93
C GLY A 1114 -14.59 4.50 -0.34
N PRO A 1115 -15.26 3.33 -0.37
CA PRO A 1115 -15.38 2.41 -1.51
C PRO A 1115 -15.71 3.08 -2.84
N VAL A 1116 -14.86 2.88 -3.83
CA VAL A 1116 -15.06 3.48 -5.14
C VAL A 1116 -14.76 2.47 -6.23
N VAL A 1117 -15.17 2.80 -7.46
CA VAL A 1117 -14.96 1.94 -8.61
C VAL A 1117 -14.53 2.79 -9.80
N TRP A 1118 -13.45 2.38 -10.47
CA TRP A 1118 -12.98 3.14 -11.63
C TRP A 1118 -13.69 2.70 -12.90
N LEU A 1119 -14.13 3.69 -13.68
CA LEU A 1119 -14.83 3.45 -14.94
C LEU A 1119 -14.26 4.35 -16.03
N SER A 1120 -14.22 3.85 -17.25
CA SER A 1120 -13.72 4.65 -18.37
C SER A 1120 -14.73 5.74 -18.61
N GLU A 1121 -14.30 6.83 -19.24
CA GLU A 1121 -15.20 7.94 -19.56
C GLU A 1121 -16.32 7.49 -20.49
N ALA A 1122 -15.97 6.74 -21.53
CA ALA A 1122 -16.97 6.26 -22.49
C ALA A 1122 -18.04 5.43 -21.78
N ASP A 1123 -17.62 4.45 -21.00
CA ASP A 1123 -18.60 3.60 -20.31
C ASP A 1123 -19.46 4.39 -19.34
N ALA A 1124 -18.85 5.33 -18.62
CA ALA A 1124 -19.56 6.16 -17.66
C ALA A 1124 -20.58 7.05 -18.36
N LYS A 1125 -20.17 7.71 -19.45
CA LYS A 1125 -21.09 8.59 -20.18
C LYS A 1125 -22.24 7.82 -20.82
N ASP A 1126 -21.98 6.60 -21.24
CA ASP A 1126 -23.00 5.76 -21.85
C ASP A 1126 -24.09 5.45 -20.81
N LEU A 1127 -23.65 5.20 -19.58
CA LEU A 1127 -24.54 4.85 -18.47
C LEU A 1127 -25.14 6.03 -17.72
N GLY A 1128 -24.78 7.25 -18.12
CA GLY A 1128 -25.31 8.42 -17.45
C GLY A 1128 -24.64 8.67 -16.10
N ILE A 1129 -23.49 8.05 -15.87
CA ILE A 1129 -22.75 8.21 -14.62
C ILE A 1129 -21.77 9.38 -14.65
N ALA A 1130 -21.85 10.23 -13.64
CA ALA A 1130 -20.92 11.35 -13.54
C ALA A 1130 -19.89 10.96 -12.49
N ASP A 1131 -18.74 11.62 -12.50
CA ASP A 1131 -17.69 11.33 -11.53
C ASP A 1131 -18.22 11.47 -10.09
N ASN A 1132 -18.04 10.42 -9.30
CA ASN A 1132 -18.47 10.35 -7.91
C ASN A 1132 -19.93 10.01 -7.66
N ASP A 1133 -20.64 9.56 -8.68
CA ASP A 1133 -22.04 9.16 -8.52
C ASP A 1133 -22.11 7.82 -7.79
N TRP A 1134 -23.23 7.56 -7.11
CA TRP A 1134 -23.41 6.28 -6.45
C TRP A 1134 -23.79 5.32 -7.56
N ILE A 1135 -23.08 4.21 -7.65
CA ILE A 1135 -23.37 3.21 -8.67
C ILE A 1135 -23.49 1.85 -8.00
N GLU A 1136 -24.10 0.91 -8.71
CA GLU A 1136 -24.26 -0.44 -8.20
C GLU A 1136 -23.72 -1.40 -9.25
N VAL A 1137 -22.94 -2.37 -8.80
CA VAL A 1137 -22.32 -3.37 -9.66
C VAL A 1137 -22.79 -4.72 -9.15
N PHE A 1138 -23.31 -5.56 -10.03
CA PHE A 1138 -23.84 -6.85 -9.60
C PHE A 1138 -23.91 -7.88 -10.72
N ASN A 1139 -24.07 -9.13 -10.30
CA ASN A 1139 -24.22 -10.27 -11.21
C ASN A 1139 -24.93 -11.36 -10.41
N SER A 1140 -24.78 -12.61 -10.83
CA SER A 1140 -25.44 -13.71 -10.14
C SER A 1140 -24.98 -13.94 -8.73
N ASN A 1141 -23.69 -13.73 -8.49
CA ASN A 1141 -23.12 -13.98 -7.17
C ASN A 1141 -23.48 -12.97 -6.08
N GLY A 1142 -23.87 -11.76 -6.46
CA GLY A 1142 -24.22 -10.76 -5.45
C GLY A 1142 -24.15 -9.34 -5.97
N ALA A 1143 -24.19 -8.37 -5.05
CA ALA A 1143 -24.14 -6.97 -5.45
C ALA A 1143 -23.35 -6.09 -4.49
N LEU A 1144 -22.77 -5.02 -5.01
CA LEU A 1144 -21.99 -4.09 -4.19
C LEU A 1144 -22.37 -2.66 -4.60
N THR A 1145 -22.15 -1.72 -3.70
CA THR A 1145 -22.43 -0.33 -3.99
C THR A 1145 -21.15 0.47 -3.75
N ALA A 1146 -20.96 1.52 -4.53
CA ALA A 1146 -19.77 2.36 -4.38
C ALA A 1146 -19.97 3.64 -5.18
N ARG A 1147 -18.93 4.47 -5.19
CA ARG A 1147 -18.97 5.71 -5.96
C ARG A 1147 -17.99 5.54 -7.10
N ALA A 1148 -18.29 6.18 -8.21
CA ALA A 1148 -17.46 6.05 -9.38
C ALA A 1148 -16.35 7.06 -9.51
N VAL A 1149 -15.28 6.62 -10.16
CA VAL A 1149 -14.16 7.47 -10.46
C VAL A 1149 -14.11 7.34 -11.98
N VAL A 1150 -14.55 8.38 -12.69
CA VAL A 1150 -14.54 8.34 -14.14
C VAL A 1150 -13.16 8.78 -14.58
N SER A 1151 -12.55 8.01 -15.48
CA SER A 1151 -11.22 8.35 -15.94
C SER A 1151 -10.90 7.87 -17.35
N GLN A 1152 -10.04 8.64 -18.01
CA GLN A 1152 -9.61 8.37 -19.36
C GLN A 1152 -8.59 7.25 -19.42
N ARG A 1153 -7.88 7.02 -18.31
CA ARG A 1153 -6.85 5.99 -18.29
C ARG A 1153 -7.42 4.58 -18.20
N VAL A 1154 -8.72 4.46 -18.05
CA VAL A 1154 -9.37 3.15 -17.99
C VAL A 1154 -9.99 2.90 -19.37
N PRO A 1155 -9.53 1.84 -20.06
CA PRO A 1155 -10.04 1.50 -21.39
C PRO A 1155 -11.50 1.05 -21.40
N ALA A 1156 -12.23 1.41 -22.45
CA ALA A 1156 -13.63 1.00 -22.54
C ALA A 1156 -13.70 -0.52 -22.46
N GLY A 1157 -14.71 -1.03 -21.76
CA GLY A 1157 -14.85 -2.47 -21.64
C GLY A 1157 -14.44 -3.04 -20.29
N MET A 1158 -13.63 -2.30 -19.53
CA MET A 1158 -13.22 -2.81 -18.23
C MET A 1158 -13.48 -1.81 -17.12
N THR A 1159 -13.73 -2.35 -15.93
CA THR A 1159 -13.96 -1.55 -14.74
C THR A 1159 -12.98 -2.08 -13.69
N MET A 1160 -12.54 -1.22 -12.79
CA MET A 1160 -11.61 -1.65 -11.76
C MET A 1160 -11.99 -1.18 -10.38
N MET A 1161 -12.25 -2.13 -9.48
CA MET A 1161 -12.54 -1.77 -8.12
C MET A 1161 -11.30 -2.29 -7.41
N TYR A 1162 -10.39 -1.38 -7.09
CA TYR A 1162 -9.15 -1.80 -6.45
C TYR A 1162 -9.39 -2.66 -5.21
N HIS A 1163 -8.64 -3.75 -5.19
CA HIS A 1163 -8.73 -4.77 -4.17
C HIS A 1163 -8.78 -4.41 -2.69
N ALA A 1164 -9.85 -4.91 -2.09
CA ALA A 1164 -10.18 -4.80 -0.68
C ALA A 1164 -10.43 -3.42 -0.09
N GLN A 1165 -11.67 -2.96 -0.21
CA GLN A 1165 -12.07 -1.67 0.36
C GLN A 1165 -13.11 -2.03 1.42
N GLU A 1166 -13.42 -3.32 1.45
CA GLU A 1166 -14.36 -3.97 2.36
C GLU A 1166 -15.74 -3.38 2.62
N ARG A 1167 -16.38 -3.88 3.69
CA ARG A 1167 -17.76 -3.54 4.01
C ARG A 1167 -18.12 -2.79 5.30
N ILE A 1168 -17.20 -1.98 5.84
CA ILE A 1168 -17.53 -1.27 7.07
C ILE A 1168 -17.60 0.26 6.99
N VAL A 1169 -17.10 0.83 5.91
CA VAL A 1169 -17.12 2.29 5.78
C VAL A 1169 -17.84 2.85 4.55
N ASN A 1170 -18.64 3.88 4.78
CA ASN A 1170 -19.33 4.59 3.72
C ASN A 1170 -20.02 3.76 2.62
N LEU A 1171 -20.93 2.87 3.01
CA LEU A 1171 -21.66 2.05 2.04
C LEU A 1171 -23.15 2.16 2.29
N PRO A 1172 -23.91 2.55 1.27
CA PRO A 1172 -25.37 2.67 1.42
C PRO A 1172 -26.03 1.33 1.13
N GLY A 1173 -27.35 1.29 1.25
CA GLY A 1173 -28.08 0.06 0.96
C GLY A 1173 -28.17 -0.22 -0.52
N SER A 1174 -28.21 -1.49 -0.87
CA SER A 1174 -28.31 -1.95 -2.26
C SER A 1174 -29.74 -1.85 -2.75
N GLU A 1175 -29.93 -1.42 -4.00
CA GLU A 1175 -31.26 -1.34 -4.57
C GLU A 1175 -31.64 -2.71 -5.13
N ILE A 1176 -30.69 -3.63 -5.08
CA ILE A 1176 -30.90 -4.97 -5.60
C ILE A 1176 -31.16 -6.07 -4.56
N THR A 1177 -30.54 -5.95 -3.39
CA THR A 1177 -30.71 -6.94 -2.35
C THR A 1177 -31.52 -6.42 -1.17
N GLN A 1178 -31.68 -5.10 -1.10
CA GLN A 1178 -32.44 -4.47 0.00
C GLN A 1178 -31.60 -4.59 1.27
N GLN A 1179 -30.32 -4.91 1.09
CA GLN A 1179 -29.40 -5.06 2.20
C GLN A 1179 -28.23 -4.08 2.05
N ARG A 1180 -27.38 -4.01 3.06
CA ARG A 1180 -26.23 -3.14 3.01
C ARG A 1180 -25.49 -3.51 1.75
N GLY A 1181 -24.92 -2.51 1.06
CA GLY A 1181 -24.19 -2.78 -0.16
C GLY A 1181 -23.15 -3.83 0.12
N GLY A 1182 -22.86 -4.65 -0.87
CA GLY A 1182 -21.87 -5.71 -0.70
C GLY A 1182 -20.46 -5.23 -1.02
N ILE A 1183 -19.53 -6.18 -1.14
CA ILE A 1183 -18.14 -5.84 -1.43
C ILE A 1183 -17.71 -6.38 -2.79
N HIS A 1184 -16.47 -6.09 -3.19
CA HIS A 1184 -15.99 -6.55 -4.49
C HIS A 1184 -16.14 -8.06 -4.64
N ASN A 1185 -15.92 -8.83 -3.58
CA ASN A 1185 -16.08 -10.26 -3.71
C ASN A 1185 -17.53 -10.74 -3.54
N SER A 1186 -18.47 -9.80 -3.56
CA SER A 1186 -19.88 -10.15 -3.49
C SER A 1186 -20.30 -10.54 -4.89
N VAL A 1187 -19.46 -10.19 -5.88
CA VAL A 1187 -19.73 -10.50 -7.28
C VAL A 1187 -18.82 -11.55 -7.89
N THR A 1188 -18.00 -12.20 -7.07
CA THR A 1188 -17.13 -13.27 -7.58
C THR A 1188 -17.61 -14.59 -7.01
N ARG A 1189 -17.09 -15.68 -7.53
CA ARG A 1189 -17.46 -17.00 -7.04
C ARG A 1189 -16.31 -17.93 -7.42
N ILE A 1190 -16.00 -18.88 -6.57
CA ILE A 1190 -14.92 -19.82 -6.85
C ILE A 1190 -15.26 -20.81 -7.97
N THR A 1191 -14.31 -21.01 -8.86
CA THR A 1191 -14.44 -21.97 -9.94
C THR A 1191 -13.06 -22.59 -10.05
N PRO A 1192 -12.88 -23.77 -9.44
CA PRO A 1192 -11.59 -24.47 -9.47
C PRO A 1192 -11.20 -24.92 -10.86
N LYS A 1193 -9.94 -25.27 -11.04
CA LYS A 1193 -9.46 -25.76 -12.33
C LYS A 1193 -8.84 -27.14 -12.10
N PRO A 1194 -9.27 -28.14 -12.90
CA PRO A 1194 -8.77 -29.52 -12.80
C PRO A 1194 -7.26 -29.69 -12.82
N THR A 1195 -6.56 -28.88 -13.61
CA THR A 1195 -5.11 -29.00 -13.71
C THR A 1195 -4.38 -28.69 -12.40
N HIS A 1196 -5.10 -28.09 -11.47
CA HIS A 1196 -4.50 -27.71 -10.21
C HIS A 1196 -4.82 -28.69 -9.09
N MET A 1197 -5.34 -29.85 -9.47
CA MET A 1197 -5.68 -30.89 -8.50
C MET A 1197 -4.74 -32.08 -8.68
N ILE A 1198 -3.94 -32.08 -9.75
CA ILE A 1198 -3.00 -33.17 -10.05
C ILE A 1198 -2.04 -33.42 -8.87
N GLY A 1199 -1.93 -34.68 -8.46
CA GLY A 1199 -1.03 -35.03 -7.36
C GLY A 1199 -0.33 -36.36 -7.61
N GLY A 1200 0.51 -36.76 -6.64
CA GLY A 1200 1.24 -38.01 -6.74
C GLY A 1200 2.02 -38.12 -8.04
N TYR A 1201 2.64 -37.03 -8.46
CA TYR A 1201 3.38 -37.04 -9.71
C TYR A 1201 4.56 -36.06 -9.73
N ALA A 1202 5.68 -36.47 -9.12
CA ALA A 1202 6.90 -35.66 -9.06
C ALA A 1202 6.66 -34.19 -8.72
N HIS A 1203 6.94 -33.28 -9.64
CA HIS A 1203 6.74 -31.86 -9.37
C HIS A 1203 5.27 -31.55 -9.09
N LEU A 1204 4.37 -32.36 -9.60
CA LEU A 1204 2.96 -32.14 -9.35
C LEU A 1204 2.49 -33.07 -8.22
N ALA A 1205 2.99 -32.82 -7.03
CA ALA A 1205 2.63 -33.57 -5.82
C ALA A 1205 2.30 -32.49 -4.81
N TYR A 1206 1.45 -32.79 -3.84
CA TYR A 1206 1.04 -31.78 -2.86
C TYR A 1206 2.07 -31.17 -1.91
N GLY A 1207 1.70 -30.00 -1.39
CA GLY A 1207 2.52 -29.26 -0.44
C GLY A 1207 1.71 -28.08 0.09
N PHE A 1208 1.77 -27.85 1.40
CA PHE A 1208 1.04 -26.72 1.98
C PHE A 1208 1.46 -25.47 1.21
N ASN A 1209 0.52 -24.89 0.47
CA ASN A 1209 0.77 -23.69 -0.33
C ASN A 1209 1.69 -23.95 -1.54
N TYR A 1210 1.99 -25.22 -1.82
CA TYR A 1210 2.85 -25.54 -2.95
C TYR A 1210 2.03 -25.85 -4.21
N TYR A 1211 0.85 -26.41 -4.01
CA TYR A 1211 -0.06 -26.71 -5.10
C TYR A 1211 -1.49 -26.73 -4.58
N GLY A 1212 -2.44 -26.85 -5.48
CA GLY A 1212 -3.82 -26.87 -5.07
C GLY A 1212 -4.61 -25.90 -5.92
N THR A 1213 -5.92 -25.99 -5.88
CA THR A 1213 -6.75 -25.12 -6.67
C THR A 1213 -6.52 -23.66 -6.24
N VAL A 1214 -6.65 -22.73 -7.19
CA VAL A 1214 -6.43 -21.31 -6.92
C VAL A 1214 -7.69 -20.46 -7.06
N GLY A 1215 -7.72 -19.34 -6.34
CA GLY A 1215 -8.87 -18.45 -6.37
C GLY A 1215 -8.89 -17.37 -7.42
N SER A 1216 -8.67 -17.75 -8.69
CA SER A 1216 -8.68 -16.81 -9.81
C SER A 1216 -9.96 -15.96 -9.75
N ASN A 1217 -9.93 -14.76 -10.33
CA ASN A 1217 -11.09 -13.87 -10.24
C ASN A 1217 -11.22 -12.77 -11.32
N ARG A 1218 -10.20 -12.61 -12.15
CA ARG A 1218 -10.24 -11.55 -13.16
C ARG A 1218 -11.13 -11.79 -14.40
N ASP A 1219 -11.60 -13.03 -14.59
CA ASP A 1219 -12.47 -13.33 -15.73
C ASP A 1219 -13.90 -12.87 -15.49
N GLU A 1220 -14.19 -12.48 -14.25
CA GLU A 1220 -15.53 -12.07 -13.87
C GLU A 1220 -16.10 -10.88 -14.63
N PHE A 1221 -17.40 -10.93 -14.91
CA PHE A 1221 -18.10 -9.84 -15.60
C PHE A 1221 -19.22 -9.36 -14.69
N VAL A 1222 -19.62 -8.11 -14.85
CA VAL A 1222 -20.66 -7.56 -14.00
C VAL A 1222 -21.52 -6.55 -14.72
N VAL A 1223 -22.68 -6.29 -14.13
CA VAL A 1223 -23.60 -5.31 -14.68
C VAL A 1223 -23.35 -4.05 -13.85
N VAL A 1224 -23.27 -2.91 -14.52
CA VAL A 1224 -23.04 -1.65 -13.81
C VAL A 1224 -24.19 -0.71 -14.14
N ARG A 1225 -24.51 0.18 -13.20
CA ARG A 1225 -25.57 1.14 -13.41
C ARG A 1225 -25.55 2.23 -12.34
N LYS A 1226 -26.08 3.40 -12.67
CA LYS A 1226 -26.14 4.49 -11.72
C LYS A 1226 -27.27 4.19 -10.74
N MET A 1227 -27.01 4.39 -9.45
CA MET A 1227 -28.05 4.12 -8.47
C MET A 1227 -29.12 5.20 -8.49
N LYS A 1228 -30.31 4.87 -8.00
CA LYS A 1228 -31.41 5.81 -7.96
C LYS A 1228 -31.66 6.24 -6.52
N ASN A 1229 -32.15 5.31 -5.71
CA ASN A 1229 -32.40 5.59 -4.30
C ASN A 1229 -31.14 5.31 -3.49
N ILE A 1230 -30.77 6.24 -2.62
CA ILE A 1230 -29.61 6.09 -1.78
C ILE A 1230 -30.16 6.02 -0.35
N ASP A 1231 -30.60 4.84 0.05
CA ASP A 1231 -31.15 4.61 1.40
C ASP A 1231 -30.07 3.98 2.26
N TRP A 1232 -29.83 4.56 3.43
CA TRP A 1232 -28.79 4.05 4.31
C TRP A 1232 -29.22 2.95 5.29
N LEU A 1233 -30.52 2.72 5.40
CA LEU A 1233 -31.01 1.66 6.26
C LEU A 1233 -30.54 1.79 7.72
N ASP A 1234 -30.54 3.00 8.26
CA ASP A 1234 -30.08 3.19 9.63
C ASP A 1234 -31.03 3.98 10.52
N GLY A 1235 -32.20 4.31 9.99
CA GLY A 1235 -33.17 5.06 10.78
C GLY A 1235 -32.79 6.51 11.04
N GLU A 1236 -31.80 7.02 10.30
CA GLU A 1236 -31.37 8.40 10.46
C GLU A 1236 -32.18 9.39 9.64
N GLY A 1237 -33.04 8.88 8.75
CA GLY A 1237 -33.85 9.75 7.92
C GLY A 1237 -32.98 10.66 7.07
N ASN A 1238 -31.76 10.21 6.79
CA ASN A 1238 -30.82 10.99 6.00
C ASN A 1238 -30.49 10.26 4.69
N ASP A 1239 -31.52 10.05 3.88
CA ASP A 1239 -31.37 9.35 2.60
C ASP A 1239 -31.45 10.32 1.44
N GLN A 1240 -30.92 9.91 0.29
CA GLN A 1240 -30.91 10.76 -0.89
C GLN A 1240 -31.48 10.06 -2.12
N VAL A 1241 -31.70 10.83 -3.18
CA VAL A 1241 -32.21 10.30 -4.44
C VAL A 1241 -31.44 10.91 -5.61
N GLN A 1242 -30.73 10.09 -6.37
CA GLN A 1242 -29.99 10.58 -7.52
C GLN A 1242 -30.95 10.70 -8.70
N GLU A 1243 -30.88 11.82 -9.43
CA GLU A 1243 -31.77 12.06 -10.56
C GLU A 1243 -31.39 11.36 -11.87
N SER A 1244 -32.29 11.48 -12.85
CA SER A 1244 -32.11 10.92 -14.18
C SER A 1244 -31.42 9.56 -14.17
N MET B 1 26.47 43.33 -1.61
CA MET B 1 26.97 41.94 -1.44
C MET B 1 26.91 41.48 0.02
N LYS B 2 25.95 40.60 0.30
CA LYS B 2 25.78 40.02 1.63
C LYS B 2 25.47 38.55 1.45
N ILE B 3 26.41 37.69 1.86
CA ILE B 3 26.21 36.25 1.72
C ILE B 3 25.35 35.70 2.84
N ARG B 4 24.46 34.78 2.48
CA ARG B 4 23.60 34.11 3.44
C ARG B 4 23.48 32.71 2.91
N SER B 5 23.10 31.77 3.76
CA SER B 5 22.96 30.39 3.31
C SER B 5 21.59 29.83 3.65
N GLN B 6 21.23 28.78 2.94
CA GLN B 6 19.95 28.13 3.12
C GLN B 6 20.10 26.72 2.58
N VAL B 7 19.41 25.78 3.21
CA VAL B 7 19.46 24.41 2.74
C VAL B 7 18.32 24.34 1.73
N GLY B 8 18.68 24.20 0.47
CA GLY B 8 17.69 24.11 -0.58
C GLY B 8 17.32 22.65 -0.79
N MET B 9 16.27 22.43 -1.57
CA MET B 9 15.82 21.08 -1.86
C MET B 9 15.58 20.94 -3.37
N VAL B 10 15.87 19.75 -3.88
CA VAL B 10 15.65 19.44 -5.28
C VAL B 10 14.89 18.13 -5.29
N LEU B 11 13.78 18.09 -6.01
CA LEU B 11 12.99 16.86 -6.12
C LEU B 11 13.11 16.30 -7.53
N ASN B 12 13.59 15.08 -7.64
CA ASN B 12 13.72 14.44 -8.95
C ASN B 12 12.37 13.83 -9.35
N LEU B 13 11.59 14.58 -10.12
CA LEU B 13 10.28 14.11 -10.57
C LEU B 13 10.32 12.82 -11.38
N ASP B 14 11.44 12.59 -12.08
CA ASP B 14 11.58 11.37 -12.88
C ASP B 14 11.52 10.13 -12.01
N LYS B 15 11.91 10.25 -10.75
CA LYS B 15 11.89 9.10 -9.86
C LYS B 15 10.66 9.04 -8.95
N CYS B 16 9.85 10.09 -8.95
CA CYS B 16 8.67 10.11 -8.09
C CYS B 16 7.65 9.06 -8.50
N ILE B 17 7.29 8.22 -7.54
CA ILE B 17 6.34 7.16 -7.76
C ILE B 17 4.92 7.50 -7.32
N GLY B 18 4.69 8.78 -7.00
CA GLY B 18 3.38 9.24 -6.57
C GLY B 18 2.76 8.46 -5.41
N CYS B 19 3.56 8.21 -4.38
CA CYS B 19 3.06 7.43 -3.26
C CYS B 19 2.48 8.19 -2.06
N HIS B 20 2.79 9.48 -1.93
CA HIS B 20 2.25 10.28 -0.83
C HIS B 20 2.82 10.02 0.57
N THR B 21 3.80 9.14 0.68
CA THR B 21 4.39 8.85 1.99
C THR B 21 4.88 10.15 2.66
N CYS B 22 5.45 11.04 1.85
CA CYS B 22 5.94 12.33 2.32
C CYS B 22 4.81 13.15 2.96
N SER B 23 3.61 13.06 2.38
CA SER B 23 2.45 13.77 2.89
C SER B 23 1.98 13.20 4.23
N VAL B 24 1.91 11.88 4.32
CA VAL B 24 1.46 11.21 5.53
C VAL B 24 2.40 11.45 6.72
N THR B 25 3.71 11.30 6.50
CA THR B 25 4.63 11.53 7.61
C THR B 25 4.56 12.99 8.10
N CYS B 26 4.44 13.95 7.19
CA CYS B 26 4.34 15.35 7.60
C CYS B 26 3.05 15.55 8.39
N LYS B 27 1.96 14.97 7.89
CA LYS B 27 0.66 15.12 8.56
C LYS B 27 0.67 14.61 10.00
N ASN B 28 1.22 13.41 10.21
CA ASN B 28 1.28 12.84 11.54
C ASN B 28 2.05 13.70 12.53
N VAL B 29 3.18 14.23 12.07
CA VAL B 29 4.01 15.05 12.93
C VAL B 29 3.54 16.49 13.20
N TRP B 30 3.20 17.21 12.14
CA TRP B 30 2.84 18.62 12.29
C TRP B 30 1.40 19.11 12.21
N THR B 31 0.54 18.44 11.45
CA THR B 31 -0.82 18.95 11.30
C THR B 31 -1.99 18.05 11.65
N SER B 32 -1.91 17.34 12.77
CA SER B 32 -3.01 16.47 13.16
C SER B 32 -3.94 17.14 14.17
N ARG B 33 -3.69 18.42 14.43
CA ARG B 33 -4.50 19.19 15.37
C ARG B 33 -5.79 19.68 14.73
N GLU B 34 -6.84 19.83 15.54
CA GLU B 34 -8.09 20.34 15.02
C GLU B 34 -7.77 21.77 14.60
N GLY B 35 -8.21 22.15 13.41
CA GLY B 35 -7.92 23.49 12.92
C GLY B 35 -7.02 23.46 11.71
N VAL B 36 -6.18 22.45 11.62
CA VAL B 36 -5.26 22.27 10.50
C VAL B 36 -5.32 20.85 9.97
N GLU B 37 -6.38 20.12 10.34
CA GLU B 37 -6.53 18.73 9.88
C GLU B 37 -6.73 18.68 8.37
N TYR B 38 -7.12 19.81 7.78
CA TYR B 38 -7.35 19.86 6.35
C TYR B 38 -6.08 20.34 5.65
N ALA B 39 -5.14 20.88 6.42
CA ALA B 39 -3.91 21.41 5.85
C ALA B 39 -2.83 20.36 5.59
N TRP B 40 -2.28 20.36 4.38
CA TRP B 40 -1.22 19.42 4.03
C TRP B 40 0.07 20.15 3.61
N PHE B 41 0.88 20.51 4.59
CA PHE B 41 2.13 21.21 4.33
C PHE B 41 2.80 20.62 3.10
N ASN B 42 2.83 19.29 3.06
CA ASN B 42 3.36 18.56 1.93
C ASN B 42 2.15 17.90 1.30
N ASN B 43 2.00 18.02 -0.01
CA ASN B 43 0.90 17.37 -0.68
C ASN B 43 1.42 17.00 -2.05
N VAL B 44 0.88 15.93 -2.62
CA VAL B 44 1.30 15.47 -3.93
C VAL B 44 0.07 15.56 -4.82
N GLU B 45 0.27 16.04 -6.03
CA GLU B 45 -0.83 16.19 -6.97
C GLU B 45 -0.51 15.45 -8.26
N THR B 46 -1.55 14.93 -8.90
CA THR B 46 -1.36 14.24 -10.15
C THR B 46 -1.72 15.23 -11.25
N LYS B 47 -0.86 15.33 -12.26
CA LYS B 47 -1.08 16.24 -13.37
C LYS B 47 -1.35 15.44 -14.63
N PRO B 48 -2.22 15.94 -15.52
CA PRO B 48 -2.97 17.20 -15.45
C PRO B 48 -3.95 17.25 -14.30
N GLY B 49 -4.19 18.44 -13.78
CA GLY B 49 -5.11 18.63 -12.67
C GLY B 49 -5.05 20.06 -12.19
N GLN B 50 -5.95 20.43 -11.29
CA GLN B 50 -5.97 21.79 -10.78
C GLN B 50 -5.33 21.87 -9.40
N GLY B 51 -5.14 20.73 -8.76
CA GLY B 51 -4.46 20.73 -7.48
C GLY B 51 -5.22 21.05 -6.20
N PHE B 52 -4.45 21.42 -5.18
CA PHE B 52 -4.95 21.69 -3.84
C PHE B 52 -4.24 22.91 -3.25
N PRO B 53 -4.98 24.02 -3.02
CA PRO B 53 -6.41 24.21 -3.25
C PRO B 53 -6.67 24.16 -4.75
N THR B 54 -7.94 24.00 -5.13
CA THR B 54 -8.30 23.88 -6.53
C THR B 54 -7.85 25.05 -7.39
N ASP B 55 -7.06 24.76 -8.43
CA ASP B 55 -6.59 25.76 -9.38
C ASP B 55 -5.64 26.79 -8.76
N TRP B 56 -4.89 26.38 -7.74
CA TRP B 56 -3.98 27.29 -7.05
C TRP B 56 -3.02 28.04 -7.97
N GLU B 57 -2.72 27.46 -9.12
CA GLU B 57 -1.80 28.07 -10.08
C GLU B 57 -2.41 29.24 -10.87
N ASN B 58 -3.71 29.41 -10.74
CA ASN B 58 -4.39 30.50 -11.44
C ASN B 58 -4.24 31.78 -10.63
N GLN B 59 -3.18 32.54 -10.91
CA GLN B 59 -2.94 33.77 -10.17
C GLN B 59 -3.90 34.93 -10.48
N GLU B 60 -4.68 34.80 -11.55
CA GLU B 60 -5.63 35.83 -11.93
C GLU B 60 -6.83 35.73 -10.99
N LYS B 61 -7.12 34.51 -10.55
CA LYS B 61 -8.22 34.27 -9.63
C LYS B 61 -7.78 34.49 -8.19
N TYR B 62 -6.67 33.86 -7.80
CA TYR B 62 -6.16 33.93 -6.43
C TYR B 62 -5.28 35.13 -6.07
N LYS B 63 -4.76 35.82 -7.07
CA LYS B 63 -3.94 37.01 -6.83
C LYS B 63 -2.65 36.80 -6.04
N GLY B 64 -1.99 35.66 -6.25
CA GLY B 64 -0.76 35.40 -5.53
C GLY B 64 0.48 35.86 -6.26
N GLY B 65 1.58 35.96 -5.52
CA GLY B 65 2.85 36.35 -6.12
C GLY B 65 3.07 37.82 -6.39
N TRP B 66 4.12 38.12 -7.14
CA TRP B 66 4.45 39.50 -7.47
C TRP B 66 4.18 39.84 -8.92
N ILE B 67 4.17 41.15 -9.18
CA ILE B 67 4.00 41.68 -10.52
C ILE B 67 5.05 42.77 -10.60
N ARG B 68 5.51 43.05 -11.81
CA ARG B 68 6.50 44.10 -12.03
C ARG B 68 5.74 45.23 -12.71
N LYS B 69 5.63 46.36 -12.03
CA LYS B 69 4.92 47.51 -12.59
C LYS B 69 5.69 48.12 -13.75
N ILE B 70 5.06 49.06 -14.43
CA ILE B 70 5.69 49.72 -15.56
C ILE B 70 6.97 50.45 -15.16
N ASN B 71 6.97 51.04 -13.96
CA ASN B 71 8.14 51.77 -13.47
C ASN B 71 9.31 50.85 -13.11
N GLY B 72 9.09 49.54 -13.18
CA GLY B 72 10.16 48.59 -12.86
C GLY B 72 10.16 48.08 -11.43
N LYS B 73 9.31 48.66 -10.59
CA LYS B 73 9.25 48.26 -9.19
C LYS B 73 8.38 47.03 -8.97
N LEU B 74 8.67 46.30 -7.89
CA LEU B 74 7.94 45.09 -7.54
C LEU B 74 6.78 45.41 -6.61
N GLN B 75 5.66 44.74 -6.81
CA GLN B 75 4.48 44.93 -5.98
C GLN B 75 3.69 43.62 -5.92
N PRO B 76 3.22 43.24 -4.73
CA PRO B 76 2.46 41.98 -4.65
C PRO B 76 1.25 42.12 -5.57
N ARG B 77 0.92 41.04 -6.28
CA ARG B 77 -0.23 41.09 -7.16
C ARG B 77 -1.48 41.47 -6.35
N MET B 78 -1.51 41.13 -5.07
CA MET B 78 -2.64 41.45 -4.18
C MET B 78 -2.91 42.95 -4.15
N GLY B 79 -1.84 43.72 -4.27
CA GLY B 79 -1.94 45.16 -4.26
C GLY B 79 -0.82 45.72 -3.42
N ASN B 80 -0.62 47.04 -3.46
CA ASN B 80 0.44 47.65 -2.67
C ASN B 80 0.01 47.72 -1.20
N ARG B 81 0.91 48.19 -0.33
CA ARG B 81 0.63 48.28 1.10
C ARG B 81 -0.76 48.78 1.46
N ALA B 82 -1.16 49.90 0.87
CA ALA B 82 -2.48 50.46 1.14
C ALA B 82 -3.61 49.63 0.56
N MET B 83 -3.48 49.22 -0.69
CA MET B 83 -4.51 48.40 -1.34
C MET B 83 -4.80 47.16 -0.48
N LEU B 84 -3.74 46.54 0.03
CA LEU B 84 -3.87 45.35 0.84
C LEU B 84 -4.61 45.66 2.15
N LEU B 85 -4.20 46.74 2.80
CA LEU B 85 -4.83 47.16 4.04
C LEU B 85 -6.31 47.40 3.83
N GLY B 86 -6.67 47.86 2.63
CA GLY B 86 -8.06 48.13 2.33
C GLY B 86 -8.91 46.89 2.17
N LYS B 87 -8.27 45.72 2.11
CA LYS B 87 -9.02 44.47 1.96
C LYS B 87 -9.05 43.68 3.26
N ILE B 88 -8.44 44.24 4.29
CA ILE B 88 -8.33 43.61 5.60
C ILE B 88 -9.65 43.19 6.26
N PHE B 89 -10.72 43.93 6.04
CA PHE B 89 -11.98 43.57 6.70
C PHE B 89 -12.56 42.29 6.13
N ALA B 90 -12.26 42.03 4.86
CA ALA B 90 -12.72 40.83 4.18
C ALA B 90 -11.86 40.62 2.93
N ASN B 91 -10.87 39.73 3.03
CA ASN B 91 -9.97 39.43 1.93
C ASN B 91 -10.85 38.89 0.80
N PRO B 92 -11.01 39.66 -0.28
CA PRO B 92 -11.84 39.26 -1.42
C PRO B 92 -11.34 38.10 -2.27
N HIS B 93 -10.10 37.70 -2.08
CA HIS B 93 -9.53 36.60 -2.88
C HIS B 93 -9.31 35.35 -2.04
N LEU B 94 -9.52 35.47 -0.74
CA LEU B 94 -9.31 34.35 0.17
C LEU B 94 -9.98 33.05 -0.27
N PRO B 95 -9.21 31.96 -0.31
CA PRO B 95 -9.81 30.69 -0.72
C PRO B 95 -10.67 30.15 0.42
N GLY B 96 -11.84 29.62 0.08
CA GLY B 96 -12.72 29.08 1.09
C GLY B 96 -12.36 27.64 1.38
N ILE B 97 -12.81 27.12 2.51
CA ILE B 97 -12.48 25.74 2.84
C ILE B 97 -12.92 24.77 1.75
N ASP B 98 -14.01 25.08 1.06
CA ASP B 98 -14.48 24.22 0.00
C ASP B 98 -13.50 24.13 -1.16
N ASP B 99 -12.59 25.10 -1.24
CA ASP B 99 -11.59 25.07 -2.30
C ASP B 99 -10.55 24.03 -1.96
N TYR B 100 -10.43 23.73 -0.66
CA TYR B 100 -9.51 22.70 -0.21
C TYR B 100 -10.33 21.41 -0.24
N TYR B 101 -11.19 21.26 0.77
CA TYR B 101 -12.12 20.14 0.92
C TYR B 101 -12.61 20.23 2.35
N GLU B 102 -13.83 19.77 2.61
CA GLU B 102 -14.35 19.80 3.96
C GLU B 102 -13.82 18.59 4.70
N PRO B 103 -12.93 18.80 5.68
CA PRO B 103 -12.34 17.69 6.45
C PRO B 103 -13.44 16.81 7.06
N PHE B 104 -13.27 15.51 6.95
CA PHE B 104 -14.26 14.57 7.45
C PHE B 104 -13.68 13.40 8.25
N ASP B 105 -14.56 12.76 9.02
CA ASP B 105 -14.20 11.59 9.83
C ASP B 105 -15.36 10.62 9.65
N PHE B 106 -15.27 9.43 10.24
CA PHE B 106 -16.33 8.44 10.11
C PHE B 106 -16.76 7.95 11.49
N ASP B 107 -18.01 7.55 11.61
CA ASP B 107 -18.53 7.06 12.89
C ASP B 107 -18.24 5.58 13.04
N TYR B 108 -16.98 5.26 13.32
CA TYR B 108 -16.55 3.89 13.48
C TYR B 108 -17.25 3.25 14.66
N GLN B 109 -17.43 4.03 15.72
CA GLN B 109 -18.07 3.49 16.92
C GLN B 109 -19.44 2.90 16.67
N ASN B 110 -20.08 3.26 15.56
CA ASN B 110 -21.38 2.69 15.27
C ASN B 110 -21.23 1.20 14.98
N LEU B 111 -20.05 0.81 14.48
CA LEU B 111 -19.78 -0.59 14.18
C LEU B 111 -19.68 -1.35 15.49
N HIS B 112 -19.23 -0.66 16.54
CA HIS B 112 -19.07 -1.25 17.86
C HIS B 112 -20.35 -1.28 18.70
N THR B 113 -21.07 -0.17 18.70
CA THR B 113 -22.27 -0.05 19.54
C THR B 113 -23.64 -0.29 18.90
N ALA B 114 -23.68 -0.70 17.64
CA ALA B 114 -24.95 -0.96 16.97
C ALA B 114 -25.77 -1.87 17.86
N PRO B 115 -27.04 -1.52 18.10
CA PRO B 115 -27.93 -2.33 18.95
C PRO B 115 -28.27 -3.69 18.38
N GLU B 116 -28.65 -4.60 19.28
CA GLU B 116 -29.04 -5.94 18.92
C GLU B 116 -30.32 -5.85 18.08
N GLY B 117 -30.42 -6.69 17.05
CA GLY B 117 -31.61 -6.68 16.22
C GLY B 117 -31.72 -5.59 15.16
N SER B 118 -30.59 -5.10 14.66
CA SER B 118 -30.62 -4.08 13.62
C SER B 118 -31.18 -4.70 12.34
N LYS B 119 -31.96 -3.92 11.59
CA LYS B 119 -32.55 -4.42 10.35
C LYS B 119 -31.54 -4.65 9.23
N SER B 120 -30.39 -3.99 9.33
CA SER B 120 -29.35 -4.14 8.32
C SER B 120 -27.98 -4.09 8.97
N GLN B 121 -26.96 -4.59 8.28
CA GLN B 121 -25.62 -4.57 8.82
C GLN B 121 -25.23 -3.14 9.17
N PRO B 122 -24.64 -2.92 10.36
CA PRO B 122 -24.29 -1.52 10.64
C PRO B 122 -23.13 -1.07 9.76
N ILE B 123 -22.96 0.25 9.66
CA ILE B 123 -21.93 0.83 8.83
C ILE B 123 -21.46 2.16 9.43
N ALA B 124 -20.30 2.64 9.01
CA ALA B 124 -19.76 3.89 9.52
C ALA B 124 -19.88 5.00 8.47
N ARG B 125 -20.79 5.95 8.70
CA ARG B 125 -20.98 7.05 7.74
C ARG B 125 -20.04 8.22 8.03
N PRO B 126 -19.89 9.13 7.05
CA PRO B 126 -19.01 10.30 7.20
C PRO B 126 -19.62 11.44 8.02
N ARG B 127 -18.74 12.22 8.64
CA ARG B 127 -19.15 13.34 9.47
C ARG B 127 -18.14 14.47 9.27
N SER B 128 -18.64 15.69 9.27
CA SER B 128 -17.79 16.84 9.08
C SER B 128 -16.96 17.10 10.34
N LEU B 129 -15.70 17.44 10.14
CA LEU B 129 -14.82 17.74 11.24
C LEU B 129 -14.90 19.24 11.52
N ILE B 130 -15.73 19.94 10.74
CA ILE B 130 -15.92 21.37 10.92
C ILE B 130 -17.23 21.64 11.66
N THR B 131 -18.27 20.87 11.33
CA THR B 131 -19.58 21.05 11.96
C THR B 131 -19.97 19.90 12.87
N GLY B 132 -19.46 18.71 12.58
CA GLY B 132 -19.80 17.55 13.39
C GLY B 132 -21.11 16.94 12.93
N GLU B 133 -21.71 17.55 11.92
CA GLU B 133 -22.98 17.07 11.37
C GLU B 133 -22.71 15.87 10.48
N ARG B 134 -23.76 15.14 10.15
CA ARG B 134 -23.62 13.98 9.28
C ARG B 134 -23.44 14.51 7.87
N MET B 135 -22.54 13.88 7.11
CA MET B 135 -22.34 14.27 5.72
C MET B 135 -23.03 13.22 4.85
N ALA B 136 -23.93 13.68 4.00
CA ALA B 136 -24.67 12.80 3.12
C ALA B 136 -23.72 12.12 2.15
N LYS B 137 -22.62 12.80 1.82
CA LYS B 137 -21.69 12.27 0.85
C LYS B 137 -20.37 13.05 0.85
N ILE B 138 -19.25 12.36 0.68
CA ILE B 138 -17.94 13.02 0.60
C ILE B 138 -17.81 13.41 -0.87
N GLU B 139 -17.69 14.71 -1.15
CA GLU B 139 -17.59 15.16 -2.54
C GLU B 139 -16.24 15.70 -2.96
N LYS B 140 -15.30 15.72 -2.03
CA LYS B 140 -13.99 16.24 -2.34
C LYS B 140 -12.93 15.77 -1.34
N GLY B 141 -11.67 15.91 -1.73
CA GLY B 141 -10.57 15.51 -0.89
C GLY B 141 -9.33 16.23 -1.37
N PRO B 142 -8.24 16.23 -0.59
CA PRO B 142 -6.99 16.91 -0.97
C PRO B 142 -6.25 16.29 -2.14
N ASN B 143 -6.55 15.03 -2.45
CA ASN B 143 -5.90 14.33 -3.55
C ASN B 143 -7.00 13.71 -4.41
N TRP B 144 -8.07 14.46 -4.62
CA TRP B 144 -9.23 13.98 -5.37
C TRP B 144 -8.97 13.60 -6.84
N GLU B 145 -8.02 14.27 -7.48
CA GLU B 145 -7.71 14.01 -8.88
C GLU B 145 -6.63 12.96 -9.05
N ASP B 146 -6.24 12.30 -7.96
CA ASP B 146 -5.19 11.29 -8.01
C ASP B 146 -5.30 10.37 -9.22
N ASP B 147 -4.18 10.14 -9.89
CA ASP B 147 -4.13 9.27 -11.06
C ASP B 147 -5.25 9.49 -12.10
N LEU B 148 -5.34 10.73 -12.60
CA LEU B 148 -6.34 11.06 -13.60
C LEU B 148 -7.75 10.69 -13.17
N GLY B 149 -8.07 11.02 -11.92
CA GLY B 149 -9.40 10.74 -11.41
C GLY B 149 -10.29 11.91 -11.77
N GLY B 150 -11.08 11.75 -12.82
CA GLY B 150 -11.96 12.80 -13.28
C GLY B 150 -11.91 12.90 -14.79
N GLU B 151 -12.96 13.44 -15.40
CA GLU B 151 -13.00 13.56 -16.85
C GLU B 151 -11.88 14.47 -17.34
N PHE B 152 -11.28 14.09 -18.46
CA PHE B 152 -10.19 14.87 -19.04
C PHE B 152 -10.51 16.38 -19.15
N ASP B 153 -11.67 16.71 -19.72
CA ASP B 153 -12.04 18.12 -19.88
C ASP B 153 -12.05 18.85 -18.52
N LYS B 154 -12.15 18.11 -17.43
CA LYS B 154 -12.15 18.72 -16.12
C LYS B 154 -10.70 18.92 -15.65
N LEU B 155 -9.90 17.85 -15.77
CA LEU B 155 -8.51 17.89 -15.38
C LEU B 155 -7.70 18.82 -16.28
N ALA B 156 -8.05 18.87 -17.56
CA ALA B 156 -7.32 19.71 -18.50
C ALA B 156 -7.51 21.20 -18.23
N LYS B 157 -8.38 21.56 -17.28
CA LYS B 157 -8.55 22.97 -16.95
C LYS B 157 -7.23 23.45 -16.34
N ASP B 158 -6.34 22.48 -16.09
CA ASP B 158 -5.00 22.70 -15.55
C ASP B 158 -4.42 23.99 -16.12
N LYS B 159 -4.05 24.91 -15.25
CA LYS B 159 -3.48 26.17 -15.71
C LYS B 159 -2.28 25.93 -16.64
N ASN B 160 -1.60 24.81 -16.47
CA ASN B 160 -0.44 24.51 -17.29
C ASN B 160 -0.69 24.05 -18.71
N PHE B 161 -1.96 23.93 -19.11
CA PHE B 161 -2.27 23.53 -20.47
C PHE B 161 -2.45 24.77 -21.35
N ASP B 162 -2.17 25.93 -20.79
CA ASP B 162 -2.28 27.19 -21.51
C ASP B 162 -1.33 27.22 -22.72
N ASN B 163 -1.83 27.69 -23.85
CA ASN B 163 -1.00 27.77 -25.05
C ASN B 163 -0.71 26.38 -25.62
N ILE B 164 -1.49 25.39 -25.24
CA ILE B 164 -1.27 24.05 -25.76
C ILE B 164 -2.56 23.49 -26.33
N GLN B 165 -2.49 22.94 -27.53
CA GLN B 165 -3.67 22.33 -28.13
C GLN B 165 -3.75 20.97 -27.44
N LYS B 166 -4.58 20.92 -26.41
CA LYS B 166 -4.75 19.72 -25.60
C LYS B 166 -5.69 18.62 -26.09
N ALA B 167 -6.48 18.90 -27.12
CA ALA B 167 -7.41 17.89 -27.63
C ALA B 167 -6.76 16.51 -27.81
N MET B 168 -5.58 16.48 -28.41
CA MET B 168 -4.91 15.20 -28.67
C MET B 168 -4.65 14.35 -27.43
N TYR B 169 -4.54 14.99 -26.27
CA TYR B 169 -4.27 14.23 -25.04
C TYR B 169 -5.49 13.57 -24.43
N SER B 170 -6.66 13.79 -25.03
CA SER B 170 -7.88 13.16 -24.52
C SER B 170 -8.01 11.75 -25.14
N GLN B 171 -7.15 11.47 -26.10
CA GLN B 171 -7.16 10.17 -26.76
C GLN B 171 -6.42 9.13 -25.91
N PHE B 172 -7.05 7.98 -25.74
CA PHE B 172 -6.49 6.92 -24.89
C PHE B 172 -5.02 6.65 -25.11
N GLU B 173 -4.62 6.49 -26.37
CA GLU B 173 -3.23 6.19 -26.71
C GLU B 173 -2.24 7.28 -26.33
N ASN B 174 -2.68 8.52 -26.22
CA ASN B 174 -1.78 9.61 -25.87
C ASN B 174 -1.80 9.96 -24.40
N THR B 175 -2.58 9.20 -23.63
CA THR B 175 -2.68 9.44 -22.19
C THR B 175 -1.31 9.62 -21.52
N PHE B 176 -1.26 10.47 -20.51
CA PHE B 176 -0.03 10.69 -19.76
C PHE B 176 -0.37 11.26 -18.40
N MET B 177 0.46 10.96 -17.41
CA MET B 177 0.29 11.49 -16.08
C MET B 177 1.63 11.54 -15.37
N MET B 178 1.82 12.55 -14.54
CA MET B 178 3.05 12.68 -13.76
C MET B 178 2.65 13.12 -12.36
N TYR B 179 3.62 13.19 -11.45
CA TYR B 179 3.30 13.61 -10.09
C TYR B 179 4.08 14.84 -9.68
N LEU B 180 3.41 15.70 -8.93
CA LEU B 180 4.02 16.94 -8.46
C LEU B 180 3.92 17.08 -6.94
N PRO B 181 4.90 16.58 -6.21
CA PRO B 181 4.81 16.73 -4.75
C PRO B 181 5.28 18.15 -4.46
N ARG B 182 4.75 18.78 -3.42
CA ARG B 182 5.19 20.13 -3.13
C ARG B 182 4.96 20.60 -1.70
N LEU B 183 5.86 21.47 -1.26
CA LEU B 183 5.81 22.04 0.07
C LEU B 183 6.02 23.52 -0.10
N CYS B 184 6.44 24.18 0.97
CA CYS B 184 6.70 25.60 0.89
C CYS B 184 8.06 25.76 0.21
N GLU B 185 8.16 26.73 -0.69
CA GLU B 185 9.39 26.98 -1.44
C GLU B 185 10.48 27.67 -0.63
N HIS B 186 10.11 28.28 0.49
CA HIS B 186 11.04 29.01 1.35
C HIS B 186 11.87 29.95 0.49
N CYS B 187 11.13 30.74 -0.28
CA CYS B 187 11.63 31.72 -1.23
C CYS B 187 12.67 32.71 -0.70
N LEU B 188 13.40 33.33 -1.64
CA LEU B 188 14.39 34.35 -1.29
C LEU B 188 13.68 35.71 -1.26
N ASN B 189 12.56 35.79 -1.99
CA ASN B 189 11.75 36.99 -2.07
C ASN B 189 10.29 36.57 -1.88
N PRO B 190 9.99 35.89 -0.76
CA PRO B 190 8.64 35.41 -0.44
C PRO B 190 7.57 36.49 -0.52
N ALA B 191 6.46 36.16 -1.17
CA ALA B 191 5.36 37.12 -1.27
C ALA B 191 4.63 37.15 0.07
N CYS B 192 4.59 36.01 0.76
CA CYS B 192 3.90 35.92 2.04
C CYS B 192 4.43 36.98 3.00
N VAL B 193 5.74 36.98 3.19
CA VAL B 193 6.37 37.92 4.09
C VAL B 193 5.99 39.35 3.77
N ALA B 194 5.86 39.65 2.48
CA ALA B 194 5.53 41.00 2.04
C ALA B 194 4.06 41.32 2.11
N THR B 195 3.22 40.32 2.33
CA THR B 195 1.79 40.58 2.39
C THR B 195 1.18 40.43 3.77
N CYS B 196 2.03 40.30 4.78
CA CYS B 196 1.57 40.19 6.16
C CYS B 196 1.67 41.56 6.83
N PRO B 197 0.51 42.20 7.07
CA PRO B 197 0.43 43.52 7.68
C PRO B 197 1.15 43.69 9.02
N SER B 198 1.22 42.62 9.80
CA SER B 198 1.85 42.67 11.11
C SER B 198 3.32 42.30 11.15
N GLY B 199 3.88 41.87 10.01
CA GLY B 199 5.28 41.52 10.00
C GLY B 199 5.53 40.26 10.83
N ALA B 200 4.52 39.42 10.89
CA ALA B 200 4.63 38.18 11.64
C ALA B 200 5.45 37.13 10.90
N ILE B 201 5.55 37.24 9.58
CA ILE B 201 6.31 36.25 8.81
C ILE B 201 7.72 36.74 8.56
N TYR B 202 8.69 35.84 8.71
CA TYR B 202 10.08 36.22 8.51
C TYR B 202 10.96 35.10 7.96
N LYS B 203 12.07 35.49 7.35
CA LYS B 203 13.02 34.54 6.81
C LYS B 203 14.20 34.52 7.79
N ARG B 204 14.51 33.34 8.30
CA ARG B 204 15.62 33.17 9.23
C ARG B 204 16.94 33.46 8.53
N GLU B 205 17.80 34.21 9.20
CA GLU B 205 19.08 34.58 8.63
C GLU B 205 20.02 33.42 8.33
N GLU B 206 20.24 32.59 9.35
CA GLU B 206 21.17 31.47 9.24
C GLU B 206 20.84 30.31 8.31
N ASP B 207 19.58 30.03 8.05
CA ASP B 207 19.28 28.93 7.14
C ASP B 207 18.15 29.17 6.13
N GLY B 208 17.72 30.42 6.03
CA GLY B 208 16.70 30.80 5.07
C GLY B 208 15.32 30.17 5.18
N ILE B 209 15.00 29.57 6.32
CA ILE B 209 13.68 28.97 6.47
C ILE B 209 12.67 30.08 6.82
N VAL B 210 11.55 30.12 6.10
CA VAL B 210 10.52 31.13 6.30
C VAL B 210 9.46 30.65 7.29
N LEU B 211 9.33 31.34 8.42
CA LEU B 211 8.35 30.96 9.44
C LEU B 211 7.32 32.02 9.76
N ILE B 212 6.16 31.57 10.24
CA ILE B 212 5.08 32.46 10.65
C ILE B 212 5.14 32.45 12.17
N ASP B 213 5.54 33.57 12.76
CA ASP B 213 5.65 33.70 14.22
C ASP B 213 4.28 33.51 14.86
N GLN B 214 4.09 32.38 15.54
CA GLN B 214 2.80 32.09 16.18
C GLN B 214 2.41 33.05 17.29
N ASP B 215 3.38 33.76 17.85
CA ASP B 215 3.09 34.74 18.89
C ASP B 215 2.55 36.00 18.21
N LYS B 216 3.36 36.56 17.32
CA LYS B 216 3.04 37.79 16.61
C LYS B 216 1.94 37.77 15.54
N CYS B 217 1.71 36.63 14.90
CA CYS B 217 0.66 36.57 13.89
C CYS B 217 -0.66 37.03 14.53
N ARG B 218 -1.40 37.87 13.82
CA ARG B 218 -2.67 38.40 14.32
C ARG B 218 -3.89 37.84 13.60
N GLY B 219 -3.64 37.00 12.59
CA GLY B 219 -4.75 36.41 11.86
C GLY B 219 -5.41 37.32 10.85
N TRP B 220 -4.62 38.17 10.18
CA TRP B 220 -5.15 39.09 9.18
C TRP B 220 -5.41 38.31 7.89
N ARG B 221 -4.98 37.05 7.88
CA ARG B 221 -5.14 36.16 6.73
C ARG B 221 -5.02 36.79 5.33
N MET B 222 -3.97 37.59 5.12
CA MET B 222 -3.73 38.20 3.81
C MET B 222 -2.61 37.38 3.16
N CYS B 223 -1.67 36.95 3.99
CA CYS B 223 -0.54 36.13 3.54
C CYS B 223 -0.99 34.96 2.69
N ILE B 224 -2.06 34.27 3.12
CA ILE B 224 -2.58 33.12 2.40
C ILE B 224 -2.79 33.42 0.92
N THR B 225 -3.30 34.61 0.63
CA THR B 225 -3.53 35.05 -0.73
C THR B 225 -2.19 35.38 -1.37
N GLY B 226 -1.36 36.09 -0.61
CA GLY B 226 -0.05 36.47 -1.10
C GLY B 226 0.78 35.33 -1.65
N CYS B 227 0.75 34.16 -0.99
CA CYS B 227 1.52 33.03 -1.48
C CYS B 227 0.96 32.49 -2.79
N PRO B 228 1.73 32.59 -3.87
CA PRO B 228 1.25 32.10 -5.16
C PRO B 228 1.21 30.57 -5.22
N TYR B 229 1.84 29.92 -4.25
CA TYR B 229 1.85 28.45 -4.20
C TYR B 229 0.77 27.93 -3.25
N LYS B 230 0.05 28.85 -2.62
CA LYS B 230 -0.99 28.52 -1.66
C LYS B 230 -0.51 27.50 -0.63
N LYS B 231 0.67 27.75 -0.09
CA LYS B 231 1.25 26.86 0.89
C LYS B 231 1.09 27.34 2.34
N ILE B 232 0.33 28.42 2.53
CA ILE B 232 0.05 28.88 3.88
C ILE B 232 -1.39 28.50 4.12
N TYR B 233 -1.63 27.80 5.23
CA TYR B 233 -2.97 27.34 5.58
C TYR B 233 -3.47 28.00 6.85
N PHE B 234 -4.69 28.51 6.82
CA PHE B 234 -5.27 29.15 7.96
C PHE B 234 -5.71 28.07 8.94
N ASN B 235 -5.31 28.23 10.21
CA ASN B 235 -5.71 27.28 11.24
C ASN B 235 -7.06 27.86 11.65
N TRP B 236 -8.15 27.30 11.12
CA TRP B 236 -9.48 27.83 11.41
C TRP B 236 -9.86 27.91 12.88
N LYS B 237 -9.16 27.15 13.71
CA LYS B 237 -9.45 27.15 15.14
C LYS B 237 -8.63 28.16 15.95
N SER B 238 -7.32 28.24 15.70
CA SER B 238 -6.47 29.17 16.43
C SER B 238 -6.59 30.59 15.88
N GLY B 239 -7.14 30.73 14.68
CA GLY B 239 -7.26 32.04 14.07
C GLY B 239 -5.96 32.54 13.45
N LYS B 240 -4.93 31.72 13.48
CA LYS B 240 -3.65 32.11 12.91
C LYS B 240 -3.26 31.23 11.72
N SER B 241 -2.28 31.67 10.94
CA SER B 241 -1.85 30.88 9.80
C SER B 241 -0.63 30.05 10.14
N GLU B 242 -0.51 28.89 9.49
CA GLU B 242 0.61 28.00 9.69
C GLU B 242 1.10 27.54 8.33
N LYS B 243 2.34 27.11 8.27
CA LYS B 243 2.91 26.67 7.01
C LYS B 243 4.05 25.73 7.26
N CYS B 244 4.53 25.12 6.18
CA CYS B 244 5.65 24.21 6.26
C CYS B 244 6.75 24.98 6.99
N ILE B 245 7.39 24.36 7.97
CA ILE B 245 8.45 25.04 8.71
C ILE B 245 9.79 24.39 8.41
N PHE B 246 9.87 23.75 7.24
CA PHE B 246 11.05 23.05 6.76
C PHE B 246 11.72 22.22 7.85
N CYS B 247 10.90 21.66 8.73
CA CYS B 247 11.41 20.83 9.80
C CYS B 247 12.66 21.40 10.45
N TYR B 248 12.62 22.69 10.77
CA TYR B 248 13.78 23.32 11.38
C TYR B 248 14.27 22.65 12.66
N PRO B 249 13.36 22.08 13.48
CA PRO B 249 13.89 21.44 14.69
C PRO B 249 14.92 20.37 14.33
N ARG B 250 14.77 19.75 13.16
CA ARG B 250 15.69 18.73 12.72
C ARG B 250 16.86 19.34 11.96
N ILE B 251 16.55 20.17 10.97
CA ILE B 251 17.59 20.81 10.18
C ILE B 251 18.64 21.48 11.08
N GLU B 252 18.18 21.99 12.23
CA GLU B 252 19.06 22.68 13.17
C GLU B 252 20.23 21.85 13.71
N ALA B 253 20.13 20.52 13.63
CA ALA B 253 21.21 19.67 14.11
C ALA B 253 21.85 18.93 12.93
N GLY B 254 21.38 19.22 11.72
CA GLY B 254 21.95 18.58 10.55
C GLY B 254 21.17 17.42 9.98
N GLN B 255 19.95 17.19 10.47
CA GLN B 255 19.12 16.09 9.96
C GLN B 255 18.28 16.52 8.77
N PRO B 256 17.82 15.55 7.96
CA PRO B 256 16.99 15.83 6.80
C PRO B 256 15.61 16.22 7.30
N THR B 257 14.76 16.75 6.43
CA THR B 257 13.41 17.08 6.86
C THR B 257 12.69 15.72 6.89
N VAL B 258 11.56 15.62 7.57
CA VAL B 258 10.84 14.34 7.62
C VAL B 258 10.45 13.87 6.21
N CYS B 259 9.90 14.75 5.39
CA CYS B 259 9.51 14.36 4.03
C CYS B 259 10.71 14.05 3.13
N SER B 260 11.90 14.45 3.55
CA SER B 260 13.09 14.16 2.75
C SER B 260 13.63 12.78 3.11
N GLU B 261 13.76 12.53 4.41
CA GLU B 261 14.26 11.25 4.88
C GLU B 261 13.24 10.14 4.69
N THR B 262 11.95 10.49 4.66
CA THR B 262 10.92 9.47 4.48
C THR B 262 10.51 9.26 3.02
N CYS B 263 11.16 9.96 2.09
CA CYS B 263 10.81 9.80 0.68
C CYS B 263 11.20 8.40 0.19
N VAL B 264 10.19 7.59 -0.06
CA VAL B 264 10.38 6.21 -0.51
C VAL B 264 11.05 6.13 -1.88
N GLY B 265 10.74 7.09 -2.74
CA GLY B 265 11.31 7.09 -4.07
C GLY B 265 12.77 7.51 -4.09
N ARG B 266 13.24 8.11 -3.01
CA ARG B 266 14.64 8.56 -2.92
C ARG B 266 14.83 9.61 -4.01
N ILE B 267 13.95 10.59 -4.03
CA ILE B 267 14.00 11.64 -5.04
C ILE B 267 14.37 13.00 -4.49
N ARG B 268 14.30 13.17 -3.17
CA ARG B 268 14.61 14.46 -2.59
C ARG B 268 16.07 14.65 -2.19
N TYR B 269 16.64 15.80 -2.58
CA TYR B 269 18.03 16.13 -2.28
C TYR B 269 18.10 17.42 -1.48
N LEU B 270 18.86 17.39 -0.40
CA LEU B 270 19.03 18.56 0.44
C LEU B 270 20.47 19.02 0.44
N GLY B 271 20.69 20.28 0.07
CA GLY B 271 22.05 20.80 0.05
C GLY B 271 22.08 22.31 0.17
N VAL B 272 23.13 22.83 0.81
CA VAL B 272 23.28 24.26 1.02
C VAL B 272 23.48 25.03 -0.29
N LEU B 273 22.95 26.25 -0.32
CA LEU B 273 23.10 27.15 -1.46
C LEU B 273 23.47 28.49 -0.83
N LEU B 274 24.53 29.10 -1.34
CA LEU B 274 24.93 30.41 -0.83
C LEU B 274 24.38 31.44 -1.83
N TYR B 275 23.74 32.49 -1.32
CA TYR B 275 23.18 33.50 -2.21
C TYR B 275 23.49 34.92 -1.77
N ASP B 276 23.39 35.86 -2.70
CA ASP B 276 23.65 37.25 -2.38
C ASP B 276 22.32 37.98 -2.14
N ALA B 277 21.94 38.09 -0.87
CA ALA B 277 20.71 38.76 -0.51
C ALA B 277 20.57 40.15 -1.12
N ASP B 278 21.70 40.82 -1.36
CA ASP B 278 21.66 42.17 -1.95
C ASP B 278 21.23 42.16 -3.41
N ALA B 279 21.24 40.99 -4.03
CA ALA B 279 20.85 40.88 -5.44
C ALA B 279 19.41 40.42 -5.62
N ILE B 280 18.76 40.01 -4.54
CA ILE B 280 17.38 39.51 -4.56
C ILE B 280 16.35 40.35 -5.31
N GLU B 281 16.22 41.64 -4.95
CA GLU B 281 15.25 42.53 -5.57
C GLU B 281 15.59 42.79 -7.04
N ARG B 282 16.87 42.95 -7.32
CA ARG B 282 17.33 43.19 -8.68
C ARG B 282 16.94 42.02 -9.57
N ALA B 283 17.19 40.81 -9.07
CA ALA B 283 16.88 39.58 -9.79
C ALA B 283 15.39 39.30 -9.95
N ALA B 284 14.62 39.47 -8.89
CA ALA B 284 13.18 39.19 -8.95
C ALA B 284 12.41 40.22 -9.77
N SER B 285 13.05 41.33 -10.11
CA SER B 285 12.39 42.38 -10.88
C SER B 285 12.85 42.47 -12.33
N THR B 286 13.54 41.44 -12.82
CA THR B 286 14.00 41.46 -14.20
C THR B 286 12.77 41.57 -15.11
N GLU B 287 12.86 42.43 -16.11
CA GLU B 287 11.75 42.67 -17.03
C GLU B 287 11.06 41.46 -17.64
N ASN B 288 11.81 40.58 -18.30
CA ASN B 288 11.22 39.40 -18.93
C ASN B 288 11.15 38.24 -17.93
N GLU B 289 9.97 37.65 -17.76
CA GLU B 289 9.83 36.56 -16.81
C GLU B 289 10.59 35.28 -17.18
N LYS B 290 10.96 35.14 -18.45
CA LYS B 290 11.72 33.96 -18.87
C LYS B 290 13.19 34.09 -18.48
N ASP B 291 13.54 35.20 -17.82
CA ASP B 291 14.91 35.43 -17.38
C ASP B 291 15.04 35.23 -15.87
N LEU B 292 13.92 35.08 -15.17
CA LEU B 292 13.95 34.90 -13.72
C LEU B 292 14.76 33.66 -13.32
N TYR B 293 14.59 32.57 -14.06
CA TYR B 293 15.33 31.34 -13.79
C TYR B 293 16.83 31.61 -13.77
N GLN B 294 17.35 32.12 -14.89
CA GLN B 294 18.76 32.42 -15.00
C GLN B 294 19.19 33.51 -14.00
N ARG B 295 18.34 34.52 -13.83
CA ARG B 295 18.63 35.62 -12.89
C ARG B 295 18.89 35.05 -11.50
N GLN B 296 18.13 34.01 -11.15
CA GLN B 296 18.28 33.39 -9.84
C GLN B 296 19.56 32.58 -9.76
N LEU B 297 19.89 31.82 -10.79
CA LEU B 297 21.14 31.08 -10.78
C LEU B 297 22.29 32.06 -10.55
N ASP B 298 22.14 33.26 -11.10
CA ASP B 298 23.15 34.31 -10.96
C ASP B 298 23.24 34.84 -9.52
N VAL B 299 22.18 34.67 -8.77
CA VAL B 299 22.14 35.12 -7.39
C VAL B 299 22.85 34.09 -6.48
N PHE B 300 22.97 32.84 -6.95
CA PHE B 300 23.64 31.80 -6.19
C PHE B 300 25.15 32.00 -6.36
N LEU B 301 25.93 31.55 -5.39
CA LEU B 301 27.36 31.73 -5.44
C LEU B 301 28.18 30.44 -5.39
N ASP B 302 29.32 30.47 -6.08
CA ASP B 302 30.22 29.33 -6.15
C ASP B 302 30.94 29.11 -4.82
N PRO B 303 30.62 28.00 -4.15
CA PRO B 303 31.20 27.65 -2.85
C PRO B 303 32.69 27.31 -2.83
N ASN B 304 33.29 27.02 -3.98
CA ASN B 304 34.71 26.68 -4.00
C ASN B 304 35.59 27.89 -4.34
N ASP B 305 34.93 28.98 -4.72
CA ASP B 305 35.63 30.21 -5.06
C ASP B 305 36.11 30.83 -3.76
N PRO B 306 37.44 30.93 -3.57
CA PRO B 306 37.98 31.52 -2.34
C PRO B 306 37.50 32.94 -2.07
N LYS B 307 37.05 33.62 -3.12
CA LYS B 307 36.52 34.97 -3.00
C LYS B 307 35.21 34.91 -2.23
N VAL B 308 34.38 33.92 -2.57
CA VAL B 308 33.09 33.72 -1.94
C VAL B 308 33.26 33.20 -0.52
N ILE B 309 34.25 32.32 -0.34
CA ILE B 309 34.56 31.75 0.95
C ILE B 309 34.80 32.88 1.96
N GLU B 310 35.80 33.72 1.66
CA GLU B 310 36.19 34.83 2.52
C GLU B 310 35.05 35.82 2.79
N GLN B 311 34.19 36.05 1.80
CA GLN B 311 33.05 36.95 1.97
C GLN B 311 32.05 36.28 2.91
N ALA B 312 31.89 34.97 2.73
CA ALA B 312 30.97 34.22 3.58
C ALA B 312 31.43 34.31 5.03
N ILE B 313 32.70 33.98 5.29
CA ILE B 313 33.25 34.04 6.65
C ILE B 313 33.05 35.44 7.25
N LYS B 314 33.37 36.46 6.47
CA LYS B 314 33.23 37.84 6.92
C LYS B 314 31.76 38.15 7.24
N ASP B 315 30.84 37.53 6.50
CA ASP B 315 29.41 37.75 6.72
C ASP B 315 28.73 36.83 7.72
N GLY B 316 29.51 36.09 8.50
CA GLY B 316 28.94 35.23 9.52
C GLY B 316 28.56 33.80 9.20
N ILE B 317 28.85 33.33 8.00
CA ILE B 317 28.49 31.96 7.66
C ILE B 317 29.46 31.01 8.35
N PRO B 318 28.92 30.06 9.13
CA PRO B 318 29.76 29.07 9.83
C PRO B 318 30.60 28.24 8.86
N LEU B 319 31.78 27.85 9.32
CA LEU B 319 32.70 27.06 8.51
C LEU B 319 32.05 25.77 8.01
N SER B 320 31.39 25.05 8.90
CA SER B 320 30.75 23.80 8.52
C SER B 320 29.72 24.01 7.42
N VAL B 321 29.09 25.18 7.39
CA VAL B 321 28.11 25.46 6.34
C VAL B 321 28.83 25.63 5.01
N ILE B 322 29.95 26.36 5.03
CA ILE B 322 30.74 26.58 3.81
C ILE B 322 31.11 25.21 3.27
N GLU B 323 31.61 24.36 4.16
CA GLU B 323 32.02 22.99 3.82
C GLU B 323 30.86 22.27 3.12
N ALA B 324 29.70 22.24 3.77
CA ALA B 324 28.53 21.58 3.21
C ALA B 324 28.18 22.14 1.83
N ALA B 325 28.23 23.45 1.69
CA ALA B 325 27.92 24.09 0.41
C ALA B 325 28.81 23.59 -0.72
N GLN B 326 30.05 23.23 -0.40
CA GLN B 326 31.00 22.76 -1.40
C GLN B 326 30.78 21.32 -1.87
N GLN B 327 29.85 20.62 -1.23
CA GLN B 327 29.54 19.24 -1.61
C GLN B 327 28.03 19.08 -1.65
N SER B 328 27.37 20.19 -1.98
CA SER B 328 25.91 20.27 -2.07
C SER B 328 25.34 19.65 -3.34
N PRO B 329 24.50 18.61 -3.20
CA PRO B 329 23.91 17.99 -4.39
C PRO B 329 22.97 18.96 -5.11
N VAL B 330 22.31 19.82 -4.32
CA VAL B 330 21.39 20.81 -4.88
C VAL B 330 22.15 21.76 -5.80
N TYR B 331 23.38 22.09 -5.40
CA TYR B 331 24.17 22.98 -6.21
C TYR B 331 24.63 22.26 -7.48
N LYS B 332 24.96 20.98 -7.37
CA LYS B 332 25.42 20.25 -8.55
C LYS B 332 24.29 20.12 -9.56
N MET B 333 23.07 19.91 -9.08
CA MET B 333 21.93 19.76 -9.97
C MET B 333 21.35 21.06 -10.52
N ALA B 334 21.51 22.15 -9.77
CA ALA B 334 20.97 23.43 -10.23
C ALA B 334 21.98 24.27 -11.00
N MET B 335 23.22 24.31 -10.51
CA MET B 335 24.25 25.11 -11.15
C MET B 335 25.15 24.44 -12.17
N GLU B 336 25.59 23.21 -11.90
CA GLU B 336 26.50 22.53 -12.83
C GLU B 336 25.84 21.72 -13.93
N TRP B 337 25.03 20.74 -13.54
CA TRP B 337 24.38 19.87 -14.52
C TRP B 337 23.15 20.46 -15.18
N LYS B 338 22.56 21.47 -14.56
CA LYS B 338 21.37 22.11 -15.09
C LYS B 338 20.20 21.13 -15.21
N LEU B 339 20.08 20.23 -14.24
CA LEU B 339 19.00 19.23 -14.25
C LEU B 339 17.82 19.73 -13.43
N ALA B 340 18.09 20.50 -12.40
CA ALA B 340 17.03 21.03 -11.54
C ALA B 340 16.56 22.40 -12.01
N LEU B 341 15.26 22.63 -11.90
CA LEU B 341 14.65 23.89 -12.30
C LEU B 341 13.67 24.36 -11.23
N PRO B 342 13.42 25.68 -11.15
CA PRO B 342 12.49 26.21 -10.15
C PRO B 342 11.04 25.94 -10.53
N LEU B 343 10.15 26.05 -9.54
CA LEU B 343 8.74 25.86 -9.79
C LEU B 343 8.13 27.25 -9.97
N HIS B 344 7.53 27.48 -11.13
CA HIS B 344 6.92 28.76 -11.48
C HIS B 344 7.78 29.96 -11.14
N PRO B 345 8.96 30.07 -11.78
CA PRO B 345 9.82 31.22 -11.48
C PRO B 345 9.15 32.55 -11.82
N GLU B 346 8.10 32.50 -12.64
CA GLU B 346 7.40 33.73 -13.03
C GLU B 346 6.63 34.43 -11.90
N TYR B 347 6.48 33.76 -10.75
CA TYR B 347 5.78 34.39 -9.63
C TYR B 347 6.72 35.42 -8.99
N ARG B 348 7.98 35.38 -9.41
CA ARG B 348 9.01 36.31 -8.95
C ARG B 348 9.39 36.22 -7.48
N THR B 349 9.21 35.06 -6.88
CA THR B 349 9.54 34.88 -5.47
C THR B 349 10.93 34.29 -5.25
N LEU B 350 11.55 33.79 -6.33
CA LEU B 350 12.87 33.15 -6.24
C LEU B 350 12.73 31.94 -5.32
N PRO B 351 12.01 30.90 -5.76
CA PRO B 351 11.78 29.67 -5.00
C PRO B 351 13.04 28.86 -4.74
N MET B 352 13.17 28.30 -3.54
CA MET B 352 14.33 27.53 -3.18
C MET B 352 14.12 26.03 -3.18
N VAL B 353 12.99 25.57 -3.71
CA VAL B 353 12.73 24.15 -3.80
C VAL B 353 12.57 23.89 -5.29
N TRP B 354 13.59 23.29 -5.90
CA TRP B 354 13.61 23.03 -7.34
C TRP B 354 13.25 21.61 -7.75
N TYR B 355 13.07 21.42 -9.06
CA TYR B 355 12.67 20.12 -9.62
C TYR B 355 13.37 19.68 -10.90
N VAL B 356 13.56 18.37 -11.03
CA VAL B 356 14.13 17.77 -12.24
C VAL B 356 12.91 17.24 -13.01
N PRO B 357 12.68 17.72 -14.25
CA PRO B 357 11.53 17.24 -15.00
C PRO B 357 11.55 15.72 -15.15
N PRO B 358 10.39 15.10 -15.42
CA PRO B 358 10.36 13.65 -15.56
C PRO B 358 10.42 13.16 -16.99
N LEU B 359 10.95 11.95 -17.15
CA LEU B 359 10.98 11.34 -18.46
C LEU B 359 9.61 10.69 -18.54
N SER B 360 9.31 10.02 -19.64
CA SER B 360 8.01 9.37 -19.82
C SER B 360 8.12 8.40 -20.98
N PRO B 361 7.14 7.46 -21.11
CA PRO B 361 7.17 6.48 -22.21
C PRO B 361 7.14 7.25 -23.54
N ILE B 362 7.73 6.68 -24.59
CA ILE B 362 7.72 7.35 -25.88
C ILE B 362 6.29 7.47 -26.37
N GLN B 363 6.01 8.48 -27.19
CA GLN B 363 4.66 8.69 -27.67
C GLN B 363 4.23 7.66 -28.71
N SER B 364 2.96 7.72 -29.09
CA SER B 364 2.41 6.80 -30.06
C SER B 364 2.85 7.19 -31.46
N ALA B 365 3.33 6.22 -32.23
CA ALA B 365 3.77 6.48 -33.59
C ALA B 365 3.20 5.45 -34.57
N ALA B 366 3.45 5.65 -35.85
CA ALA B 366 2.95 4.75 -36.88
C ALA B 366 3.41 3.32 -36.69
N ASP B 367 4.69 3.12 -36.41
CA ASP B 367 5.23 1.77 -36.22
C ASP B 367 6.08 1.63 -34.96
N ALA B 368 6.66 0.43 -34.78
CA ALA B 368 7.50 0.12 -33.63
C ALA B 368 8.61 1.15 -33.41
N GLY B 369 8.86 1.97 -34.41
CA GLY B 369 9.89 2.99 -34.30
C GLY B 369 11.26 2.57 -34.80
N GLU B 370 12.17 3.53 -34.85
CA GLU B 370 13.53 3.29 -35.30
C GLU B 370 14.54 3.71 -34.24
N LEU B 371 15.70 3.07 -34.26
CA LEU B 371 16.76 3.40 -33.32
C LEU B 371 17.15 4.86 -33.57
N GLY B 372 17.08 5.68 -32.53
CA GLY B 372 17.44 7.09 -32.67
C GLY B 372 18.89 7.30 -32.26
N SER B 373 19.25 8.55 -31.98
CA SER B 373 20.62 8.85 -31.57
C SER B 373 21.00 8.07 -30.31
N ASN B 374 20.00 7.65 -29.54
CA ASN B 374 20.26 6.93 -28.30
C ASN B 374 20.02 5.42 -28.38
N GLY B 375 20.02 4.87 -29.59
CA GLY B 375 19.82 3.45 -29.76
C GLY B 375 18.42 2.97 -29.43
N ILE B 376 18.32 1.99 -28.54
CA ILE B 376 17.00 1.48 -28.16
C ILE B 376 16.33 2.40 -27.15
N LEU B 377 17.15 3.24 -26.51
CA LEU B 377 16.65 4.20 -25.52
C LEU B 377 16.03 5.40 -26.24
N PRO B 378 15.12 6.11 -25.57
CA PRO B 378 14.45 7.28 -26.16
C PRO B 378 15.27 8.53 -26.43
N ASP B 379 14.84 9.28 -27.45
CA ASP B 379 15.46 10.55 -27.78
C ASP B 379 14.50 11.52 -27.09
N VAL B 380 14.98 12.70 -26.71
CA VAL B 380 14.11 13.65 -26.03
C VAL B 380 12.83 14.00 -26.82
N GLU B 381 12.92 14.00 -28.15
CA GLU B 381 11.77 14.33 -28.99
C GLU B 381 10.61 13.33 -28.90
N SER B 382 10.93 12.07 -28.61
CA SER B 382 9.92 11.04 -28.52
C SER B 382 9.15 10.94 -27.21
N LEU B 383 9.57 11.69 -26.19
CA LEU B 383 8.87 11.64 -24.89
C LEU B 383 7.41 12.09 -25.04
N ARG B 384 6.49 11.42 -24.33
CA ARG B 384 5.08 11.76 -24.46
C ARG B 384 4.58 12.97 -23.65
N ILE B 385 5.21 13.29 -22.53
CA ILE B 385 4.76 14.46 -21.80
C ILE B 385 5.08 15.68 -22.68
N PRO B 386 4.05 16.42 -23.12
CA PRO B 386 4.37 17.59 -23.95
C PRO B 386 5.36 18.48 -23.21
N VAL B 387 6.55 18.66 -23.78
CA VAL B 387 7.57 19.48 -23.14
C VAL B 387 7.08 20.89 -22.82
N GLN B 388 6.19 21.42 -23.64
CA GLN B 388 5.66 22.77 -23.39
C GLN B 388 4.92 22.81 -22.06
N TYR B 389 4.35 21.68 -21.66
CA TYR B 389 3.62 21.62 -20.40
C TYR B 389 4.60 21.79 -19.24
N LEU B 390 5.70 21.03 -19.27
CA LEU B 390 6.70 21.10 -18.24
C LEU B 390 7.30 22.49 -18.14
N ALA B 391 7.43 23.16 -19.29
CA ALA B 391 7.98 24.50 -19.32
C ALA B 391 7.04 25.48 -18.62
N ASN B 392 5.74 25.37 -18.85
CA ASN B 392 4.80 26.28 -18.18
C ASN B 392 4.88 26.08 -16.67
N LEU B 393 5.26 24.87 -16.27
CA LEU B 393 5.38 24.50 -14.87
C LEU B 393 6.69 24.90 -14.23
N LEU B 394 7.79 24.80 -14.99
CA LEU B 394 9.11 25.08 -14.44
C LEU B 394 9.94 26.21 -15.01
N THR B 395 9.65 26.64 -16.24
CA THR B 395 10.48 27.68 -16.84
C THR B 395 9.76 28.84 -17.51
N ALA B 396 8.61 29.24 -16.98
CA ALA B 396 7.86 30.35 -17.54
C ALA B 396 7.49 30.20 -19.03
N GLY B 397 7.42 28.97 -19.52
CA GLY B 397 7.06 28.75 -20.91
C GLY B 397 8.23 28.48 -21.85
N ASP B 398 9.44 28.69 -21.37
CA ASP B 398 10.64 28.48 -22.17
C ASP B 398 11.03 27.00 -22.14
N THR B 399 10.89 26.33 -23.27
CA THR B 399 11.18 24.90 -23.34
C THR B 399 12.67 24.53 -23.39
N LYS B 400 13.52 25.49 -23.72
CA LYS B 400 14.96 25.23 -23.82
C LYS B 400 15.58 24.58 -22.57
N PRO B 401 15.52 25.23 -21.40
CA PRO B 401 16.12 24.59 -20.23
C PRO B 401 15.52 23.24 -19.84
N VAL B 402 14.26 23.00 -20.20
CA VAL B 402 13.62 21.73 -19.89
C VAL B 402 14.14 20.63 -20.82
N LEU B 403 14.33 20.96 -22.10
CA LEU B 403 14.83 19.99 -23.06
C LEU B 403 16.26 19.62 -22.72
N ARG B 404 17.04 20.61 -22.32
CA ARG B 404 18.44 20.39 -21.95
C ARG B 404 18.52 19.41 -20.78
N ALA B 405 17.66 19.60 -19.78
CA ALA B 405 17.66 18.71 -18.63
C ALA B 405 17.23 17.30 -19.05
N LEU B 406 16.11 17.19 -19.75
CA LEU B 406 15.62 15.89 -20.19
C LEU B 406 16.65 15.17 -21.07
N LYS B 407 17.26 15.93 -21.98
CA LYS B 407 18.26 15.35 -22.88
C LYS B 407 19.47 14.81 -22.14
N ARG B 408 19.96 15.56 -21.16
CA ARG B 408 21.12 15.11 -20.41
C ARG B 408 20.83 13.84 -19.64
N MET B 409 19.62 13.73 -19.09
CA MET B 409 19.22 12.53 -18.37
C MET B 409 19.31 11.34 -19.34
N LEU B 410 18.71 11.51 -20.51
CA LEU B 410 18.73 10.46 -21.53
C LEU B 410 20.16 10.20 -21.97
N ALA B 411 20.94 11.27 -22.07
CA ALA B 411 22.34 11.17 -22.47
C ALA B 411 23.06 10.28 -21.48
N MET B 412 22.90 10.58 -20.20
CA MET B 412 23.53 9.79 -19.15
C MET B 412 23.19 8.32 -19.38
N ARG B 413 21.91 8.04 -19.60
CA ARG B 413 21.45 6.67 -19.82
C ARG B 413 22.17 6.00 -20.98
N HIS B 414 22.26 6.70 -22.11
CA HIS B 414 22.94 6.18 -23.29
C HIS B 414 24.39 5.79 -22.98
N TYR B 415 25.09 6.66 -22.27
CA TYR B 415 26.49 6.42 -21.90
C TYR B 415 26.63 5.21 -20.99
N LYS B 416 25.85 5.18 -19.92
CA LYS B 416 25.88 4.06 -18.98
C LYS B 416 25.57 2.71 -19.63
N ARG B 417 24.69 2.70 -20.62
CA ARG B 417 24.35 1.43 -21.27
C ARG B 417 25.52 0.95 -22.11
N ALA B 418 26.15 1.89 -22.80
CA ALA B 418 27.31 1.54 -23.63
C ALA B 418 28.31 0.84 -22.73
N GLU B 419 28.51 1.42 -21.56
CA GLU B 419 29.45 0.91 -20.58
C GLU B 419 29.08 -0.45 -20.00
N THR B 420 27.91 -0.53 -19.37
CA THR B 420 27.48 -1.76 -18.72
C THR B 420 26.92 -2.89 -19.59
N VAL B 421 26.50 -2.59 -20.81
CA VAL B 421 25.98 -3.66 -21.66
C VAL B 421 26.95 -4.02 -22.78
N ASP B 422 27.42 -3.02 -23.51
CA ASP B 422 28.34 -3.27 -24.61
C ASP B 422 29.80 -3.28 -24.18
N GLY B 423 30.06 -2.89 -22.93
CA GLY B 423 31.42 -2.85 -22.43
C GLY B 423 32.31 -1.92 -23.23
N LYS B 424 31.75 -0.83 -23.72
CA LYS B 424 32.50 0.14 -24.51
C LYS B 424 32.27 1.57 -24.06
N VAL B 425 33.20 2.44 -24.41
CA VAL B 425 33.08 3.85 -24.08
C VAL B 425 32.38 4.47 -25.28
N ASP B 426 31.37 5.30 -25.03
CA ASP B 426 30.63 5.96 -26.11
C ASP B 426 30.10 7.25 -25.51
N THR B 427 30.73 8.36 -25.85
CA THR B 427 30.35 9.66 -25.32
C THR B 427 29.63 10.53 -26.34
N ARG B 428 29.13 9.92 -27.40
CA ARG B 428 28.43 10.67 -28.44
C ARG B 428 27.23 11.46 -27.91
N ALA B 429 26.40 10.80 -27.11
CA ALA B 429 25.23 11.46 -26.55
C ALA B 429 25.62 12.53 -25.54
N LEU B 430 26.68 12.27 -24.79
CA LEU B 430 27.15 13.23 -23.79
C LEU B 430 27.67 14.49 -24.46
N GLU B 431 28.51 14.31 -25.47
CA GLU B 431 29.09 15.43 -26.18
C GLU B 431 28.01 16.26 -26.85
N GLU B 432 26.94 15.60 -27.26
CA GLU B 432 25.84 16.27 -27.93
C GLU B 432 25.12 17.23 -26.99
N VAL B 433 25.13 16.94 -25.70
CA VAL B 433 24.47 17.79 -24.71
C VAL B 433 25.47 18.61 -23.91
N GLY B 434 26.76 18.40 -24.14
CA GLY B 434 27.77 19.16 -23.43
C GLY B 434 28.20 18.67 -22.05
N LEU B 435 28.13 17.36 -21.83
CA LEU B 435 28.55 16.80 -20.55
C LEU B 435 29.82 15.99 -20.78
N THR B 436 30.67 15.93 -19.77
CA THR B 436 31.89 15.15 -19.86
C THR B 436 31.63 13.81 -19.18
N GLU B 437 32.52 12.85 -19.38
CA GLU B 437 32.32 11.56 -18.72
C GLU B 437 32.25 11.74 -17.21
N ALA B 438 33.17 12.55 -16.67
CA ALA B 438 33.21 12.80 -15.24
C ALA B 438 31.87 13.33 -14.71
N GLN B 439 31.32 14.34 -15.39
CA GLN B 439 30.03 14.88 -14.97
C GLN B 439 28.97 13.80 -15.03
N ALA B 440 29.02 12.97 -16.07
CA ALA B 440 28.04 11.89 -16.25
C ALA B 440 28.16 10.82 -15.17
N GLN B 441 29.39 10.43 -14.84
CA GLN B 441 29.60 9.43 -13.81
C GLN B 441 29.15 9.97 -12.46
N GLU B 442 29.32 11.27 -12.25
CA GLU B 442 28.91 11.88 -10.99
C GLU B 442 27.38 11.99 -10.94
N MET B 443 26.78 12.35 -12.06
CA MET B 443 25.34 12.44 -12.14
C MET B 443 24.79 11.07 -11.74
N TYR B 444 25.38 10.02 -12.29
CA TYR B 444 24.99 8.64 -12.01
C TYR B 444 25.12 8.30 -10.52
N ARG B 445 26.19 8.78 -9.91
CA ARG B 445 26.43 8.54 -8.48
C ARG B 445 25.31 9.14 -7.63
N TYR B 446 24.98 10.40 -7.87
CA TYR B 446 23.93 11.07 -7.12
C TYR B 446 22.49 10.69 -7.48
N LEU B 447 22.23 10.45 -8.77
CA LEU B 447 20.88 10.13 -9.22
C LEU B 447 20.49 8.65 -9.11
N ALA B 448 21.37 7.77 -9.58
CA ALA B 448 21.11 6.34 -9.56
C ALA B 448 21.44 5.65 -8.23
N ILE B 449 22.73 5.63 -7.85
CA ILE B 449 23.14 4.98 -6.60
C ILE B 449 22.51 5.70 -5.42
N ALA B 450 22.59 7.03 -5.44
CA ALA B 450 22.01 7.89 -4.41
C ALA B 450 22.18 7.48 -2.94
N ASN B 451 23.41 7.33 -2.50
CA ASN B 451 23.68 6.97 -1.11
C ASN B 451 23.08 8.02 -0.19
N TYR B 452 22.64 7.58 0.98
CA TYR B 452 22.02 8.47 1.95
C TYR B 452 22.85 9.71 2.23
N GLU B 453 24.17 9.54 2.36
CA GLU B 453 25.05 10.67 2.64
C GLU B 453 25.20 11.62 1.47
N ASP B 454 24.81 11.19 0.27
CA ASP B 454 24.91 12.05 -0.91
C ASP B 454 23.62 12.79 -1.21
N ARG B 455 22.50 12.25 -0.74
CA ARG B 455 21.20 12.87 -0.98
C ARG B 455 20.99 14.02 0.02
N PHE B 456 21.48 13.82 1.24
CA PHE B 456 21.32 14.82 2.29
C PHE B 456 22.65 15.30 2.84
N VAL B 457 22.95 16.56 2.60
CA VAL B 457 24.18 17.14 3.11
C VAL B 457 23.73 18.39 3.85
N VAL B 458 23.11 18.18 5.02
CA VAL B 458 22.59 19.26 5.86
C VAL B 458 23.56 19.64 6.97
N PRO B 459 24.03 20.90 6.98
CA PRO B 459 24.95 21.32 8.03
C PRO B 459 24.13 21.77 9.22
N SER B 460 24.79 21.97 10.35
CA SER B 460 24.12 22.42 11.56
C SER B 460 23.74 23.90 11.45
N SER B 461 22.62 24.28 12.07
CA SER B 461 22.22 25.68 12.05
C SER B 461 22.99 26.42 13.13
N HIS B 462 23.77 25.65 13.89
CA HIS B 462 24.61 26.22 14.96
C HIS B 462 23.85 27.11 15.95
N ARG B 463 22.94 26.52 16.71
CA ARG B 463 22.17 27.29 17.68
C ARG B 463 23.00 27.86 18.83
N GLU B 464 24.30 27.56 18.84
CA GLU B 464 25.17 28.06 19.90
C GLU B 464 25.69 29.47 19.62
N LEU B 465 25.78 29.83 18.35
CA LEU B 465 26.29 31.13 17.94
C LEU B 465 25.38 32.32 18.28
N ALA B 466 25.97 33.35 18.88
CA ALA B 466 25.25 34.57 19.25
C ALA B 466 24.16 34.32 20.30
N ARG B 467 24.21 33.16 20.95
CA ARG B 467 23.23 32.80 21.97
C ARG B 467 23.97 32.14 23.13
N GLU B 468 23.24 31.58 24.10
CA GLU B 468 23.87 30.93 25.25
C GLU B 468 23.37 29.49 25.43
N ALA B 469 23.96 28.59 24.65
CA ALA B 469 23.57 27.19 24.67
C ALA B 469 23.73 26.45 25.98
N PHE B 470 24.69 26.86 26.81
CA PHE B 470 24.92 26.19 28.08
C PHE B 470 23.70 26.25 29.01
N PRO B 471 23.28 27.46 29.43
CA PRO B 471 22.11 27.47 30.32
C PRO B 471 20.86 26.88 29.64
N GLU B 472 20.81 26.92 28.31
CA GLU B 472 19.67 26.36 27.59
C GLU B 472 19.73 24.83 27.69
N LYS B 473 20.92 24.28 27.50
CA LYS B 473 21.09 22.85 27.58
C LYS B 473 20.69 22.34 28.98
N ASN B 474 21.00 23.13 30.00
CA ASN B 474 20.68 22.75 31.37
C ASN B 474 19.21 22.88 31.75
N GLY B 475 18.51 23.86 31.17
CA GLY B 475 17.12 24.05 31.57
C GLY B 475 15.99 24.03 30.56
N CYS B 476 16.29 23.84 29.27
CA CYS B 476 15.22 23.81 28.29
C CYS B 476 14.31 22.60 28.54
N GLY B 477 13.02 22.74 28.26
CA GLY B 477 12.12 21.61 28.46
C GLY B 477 11.30 21.59 29.75
N PHE B 478 11.80 22.22 30.81
CA PHE B 478 11.04 22.27 32.06
C PHE B 478 9.96 23.33 31.86
N THR B 479 8.87 22.93 31.21
CA THR B 479 7.78 23.86 30.91
C THR B 479 6.77 24.06 32.06
N PHE B 480 7.26 24.53 33.20
CA PHE B 480 6.41 24.76 34.34
C PHE B 480 5.59 26.03 34.17
N GLY B 481 6.04 26.90 33.26
CA GLY B 481 5.33 28.16 33.00
C GLY B 481 5.90 29.34 33.77
N ASP B 482 7.20 29.63 33.57
CA ASP B 482 7.81 30.74 34.28
C ASP B 482 7.36 32.10 33.74
N GLY B 483 6.66 32.08 32.62
CA GLY B 483 6.14 33.29 32.01
C GLY B 483 7.17 34.33 31.58
N CYS B 484 8.44 33.95 31.53
CA CYS B 484 9.50 34.87 31.14
C CYS B 484 10.11 34.55 29.79
N HIS B 485 9.55 33.57 29.10
CA HIS B 485 10.05 33.21 27.78
C HIS B 485 9.46 34.14 26.74
N GLY B 486 10.22 34.44 25.70
CA GLY B 486 9.69 35.28 24.64
C GLY B 486 10.02 36.76 24.61
N SER B 487 10.63 37.29 25.67
CA SER B 487 10.98 38.71 25.67
C SER B 487 12.42 38.96 26.08
N ASP B 488 12.93 40.14 25.73
CA ASP B 488 14.28 40.52 26.05
C ASP B 488 14.35 41.32 27.36
N THR B 489 13.27 42.02 27.68
CA THR B 489 13.20 42.78 28.92
C THR B 489 12.93 41.77 30.05
N LYS B 490 13.71 41.82 31.12
CA LYS B 490 13.53 40.89 32.22
C LYS B 490 12.33 41.18 33.10
N PHE B 491 11.84 42.41 33.07
CA PHE B 491 10.69 42.73 33.91
C PHE B 491 9.44 42.00 33.43
N ASN B 492 8.69 41.44 34.38
CA ASN B 492 7.45 40.73 34.08
C ASN B 492 6.49 40.92 35.25
N LEU B 493 5.21 41.11 34.93
CA LEU B 493 4.18 41.35 35.95
C LEU B 493 4.03 40.29 37.03
N PHE B 494 4.30 39.03 36.70
CA PHE B 494 4.16 37.94 37.67
C PHE B 494 5.37 37.77 38.58
N ASN B 495 6.30 38.72 38.53
CA ASN B 495 7.47 38.71 39.38
C ASN B 495 8.18 37.35 39.38
N SER B 496 8.52 36.89 38.18
CA SER B 496 9.20 35.60 38.00
C SER B 496 10.54 35.73 37.27
N ARG B 497 11.19 34.60 37.03
CA ARG B 497 12.49 34.56 36.34
C ARG B 497 12.58 33.34 35.44
N ARG B 498 13.41 33.41 34.41
CA ARG B 498 13.54 32.29 33.48
C ARG B 498 14.18 31.07 34.10
N ILE B 499 13.58 29.91 33.81
CA ILE B 499 14.04 28.62 34.29
C ILE B 499 15.41 28.27 33.70
N ASP B 500 15.58 28.52 32.40
CA ASP B 500 16.83 28.21 31.70
C ASP B 500 17.80 29.37 31.63
N ALA B 501 17.84 30.19 32.67
CA ALA B 501 18.76 31.32 32.68
C ALA B 501 19.45 31.44 34.03
N ILE B 502 20.56 32.18 34.07
CA ILE B 502 21.31 32.42 35.29
C ILE B 502 21.02 33.85 35.73
N ASP B 503 20.36 34.02 36.86
CA ASP B 503 20.07 35.37 37.32
C ASP B 503 21.00 35.88 38.40
N VAL B 504 21.79 34.99 39.00
CA VAL B 504 22.75 35.41 40.00
C VAL B 504 24.01 35.74 39.20
N THR B 505 24.22 37.02 38.95
CA THR B 505 25.37 37.46 38.17
C THR B 505 26.71 37.28 38.86
N SER B 506 27.71 36.93 38.07
CA SER B 506 29.06 36.75 38.59
C SER B 506 29.55 38.11 39.09
N LYS B 507 30.18 38.12 40.26
CA LYS B 507 30.69 39.36 40.82
C LYS B 507 32.20 39.43 40.62
N THR B 508 32.77 38.38 40.04
CA THR B 508 34.20 38.31 39.79
C THR B 508 34.54 38.74 38.36
N GLU B 509 33.58 39.45 37.76
CA GLU B 509 33.66 40.00 36.40
C GLU B 509 32.96 39.16 35.34
N FME C 1 -31.80 55.74 43.13
CN FME C 1 -31.28 54.65 43.68
O1 FME C 1 -30.13 54.65 44.09
CA FME C 1 -31.54 56.27 41.83
CB FME C 1 -32.64 57.09 41.29
CG FME C 1 -32.90 56.74 39.74
SD FME C 1 -33.56 55.06 39.56
CE FME C 1 -35.31 55.39 39.37
C FME C 1 -30.21 57.06 41.84
O FME C 1 -29.37 56.87 40.98
N GLN C 2 -30.04 57.92 42.86
CA GLN C 2 -28.82 58.72 42.98
C GLN C 2 -27.61 57.84 43.26
N PHE C 3 -27.83 56.74 43.97
CA PHE C 3 -26.76 55.81 44.29
C PHE C 3 -26.30 55.14 42.99
N LEU C 4 -27.26 54.61 42.22
CA LEU C 4 -26.94 53.97 40.95
C LEU C 4 -26.27 54.97 40.03
N ASN C 5 -26.67 56.23 40.15
CA ASN C 5 -26.10 57.28 39.32
C ASN C 5 -24.61 57.47 39.56
N MET C 6 -24.19 57.49 40.81
CA MET C 6 -22.78 57.68 41.13
C MET C 6 -21.97 56.44 40.81
N PHE C 7 -22.59 55.28 41.01
CA PHE C 7 -21.90 54.04 40.71
C PHE C 7 -21.57 53.95 39.22
N PHE C 8 -22.60 53.96 38.38
CA PHE C 8 -22.42 53.85 36.94
C PHE C 8 -21.65 54.96 36.24
N PHE C 9 -21.58 56.15 36.84
CA PHE C 9 -20.89 57.24 36.15
C PHE C 9 -19.73 57.89 36.89
N ASP C 10 -19.44 57.40 38.10
CA ASP C 10 -18.34 57.93 38.90
C ASP C 10 -17.37 56.82 39.27
N ILE C 11 -17.92 55.64 39.54
CA ILE C 11 -17.12 54.49 39.93
C ILE C 11 -16.87 53.48 38.81
N TYR C 12 -17.96 52.91 38.27
CA TYR C 12 -17.89 51.92 37.20
C TYR C 12 -16.91 52.29 36.08
N PRO C 13 -17.02 53.51 35.52
CA PRO C 13 -16.09 53.88 34.44
C PRO C 13 -14.63 53.66 34.80
N TYR C 14 -14.30 53.67 36.09
CA TYR C 14 -12.91 53.44 36.48
C TYR C 14 -12.62 51.96 36.68
N ILE C 15 -13.66 51.19 36.97
CA ILE C 15 -13.48 49.76 37.12
C ILE C 15 -13.22 49.21 35.72
N ALA C 16 -14.10 49.56 34.78
CA ALA C 16 -13.98 49.13 33.40
C ALA C 16 -12.67 49.57 32.77
N GLY C 17 -12.21 50.75 33.14
CA GLY C 17 -10.96 51.27 32.61
C GLY C 17 -9.74 50.55 33.16
N ALA C 18 -9.77 50.21 34.45
CA ALA C 18 -8.66 49.51 35.06
C ALA C 18 -8.57 48.10 34.47
N VAL C 19 -9.72 47.45 34.33
CA VAL C 19 -9.81 46.10 33.78
C VAL C 19 -9.38 46.08 32.31
N PHE C 20 -9.77 47.12 31.57
CA PHE C 20 -9.44 47.24 30.15
C PHE C 20 -7.93 47.36 29.91
N LEU C 21 -7.29 48.25 30.65
CA LEU C 21 -5.86 48.48 30.47
C LEU C 21 -4.98 47.36 31.01
N ILE C 22 -5.17 46.99 32.27
CA ILE C 22 -4.34 45.95 32.84
C ILE C 22 -4.68 44.58 32.28
N GLY C 23 -5.90 44.44 31.79
CA GLY C 23 -6.31 43.17 31.20
C GLY C 23 -5.62 43.00 29.85
N SER C 24 -5.50 44.09 29.11
CA SER C 24 -4.87 44.05 27.79
C SER C 24 -3.39 43.72 27.93
N TRP C 25 -2.73 44.40 28.85
CA TRP C 25 -1.31 44.19 29.09
C TRP C 25 -1.05 42.75 29.55
N LEU C 26 -1.83 42.26 30.51
CA LEU C 26 -1.65 40.91 31.00
C LEU C 26 -1.89 39.84 29.92
N ARG C 27 -2.92 40.05 29.10
CA ARG C 27 -3.20 39.08 28.03
C ARG C 27 -2.18 39.20 26.91
N TYR C 28 -1.58 40.38 26.76
CA TYR C 28 -0.59 40.55 25.72
C TYR C 28 0.68 39.80 26.11
N ASP C 29 1.12 39.99 27.36
CA ASP C 29 2.33 39.34 27.86
C ASP C 29 2.25 37.84 28.11
N TYR C 30 1.06 37.34 28.42
CA TYR C 30 0.87 35.94 28.73
C TYR C 30 -0.09 35.19 27.79
N GLY C 31 -0.63 35.91 26.81
CA GLY C 31 -1.56 35.29 25.88
C GLY C 31 -1.33 35.58 24.41
N GLN C 32 -0.08 35.80 24.01
CA GLN C 32 0.22 36.08 22.62
C GLN C 32 -0.51 35.16 21.63
N TYR C 33 -0.48 33.85 21.88
CA TYR C 33 -1.12 32.89 20.98
C TYR C 33 -2.62 33.06 20.89
N THR C 34 -3.20 33.71 21.90
CA THR C 34 -4.64 33.93 21.94
C THR C 34 -5.01 35.30 21.36
N TRP C 35 -4.00 36.06 20.95
CA TRP C 35 -4.20 37.39 20.40
C TRP C 35 -4.37 37.37 18.89
N ARG C 36 -5.59 37.12 18.42
CA ARG C 36 -5.86 37.07 16.99
C ARG C 36 -7.24 37.61 16.65
N ALA C 37 -7.44 37.91 15.37
CA ALA C 37 -8.72 38.45 14.90
C ALA C 37 -9.78 37.36 14.86
N ALA C 38 -9.35 36.10 14.87
CA ALA C 38 -10.29 34.99 14.83
C ALA C 38 -11.16 35.04 13.57
N SER C 39 -10.54 35.22 12.42
CA SER C 39 -11.29 35.27 11.18
C SER C 39 -12.06 33.96 11.00
N SER C 40 -13.26 34.06 10.43
CA SER C 40 -14.09 32.88 10.19
C SER C 40 -14.47 32.88 8.73
N GLN C 41 -13.90 33.82 7.98
CA GLN C 41 -14.18 33.97 6.56
C GLN C 41 -13.99 32.68 5.75
N MET C 42 -12.86 32.01 5.92
CA MET C 42 -12.62 30.77 5.18
C MET C 42 -13.73 29.73 5.31
N LEU C 43 -14.25 29.54 6.51
CA LEU C 43 -15.29 28.55 6.71
C LEU C 43 -16.60 28.87 5.96
N ASP C 44 -16.84 30.15 5.69
CA ASP C 44 -18.06 30.57 4.97
C ASP C 44 -17.91 31.98 4.41
N ARG C 45 -17.59 32.08 3.12
CA ARG C 45 -17.39 33.36 2.45
C ARG C 45 -18.65 34.15 2.13
N LYS C 46 -19.75 33.45 1.87
CA LYS C 46 -21.01 34.12 1.54
C LYS C 46 -21.36 35.32 2.39
N GLY C 47 -21.53 36.47 1.73
CA GLY C 47 -21.91 37.69 2.42
C GLY C 47 -20.93 38.35 3.39
N MET C 48 -19.77 37.75 3.61
CA MET C 48 -18.79 38.33 4.53
C MET C 48 -18.18 39.62 4.00
N ASN C 49 -17.98 39.66 2.69
CA ASN C 49 -17.40 40.83 2.05
C ASN C 49 -18.24 42.06 2.38
N LEU C 50 -19.54 41.96 2.10
CA LEU C 50 -20.45 43.07 2.35
C LEU C 50 -20.64 43.31 3.85
N ALA C 51 -21.07 42.29 4.57
CA ALA C 51 -21.31 42.37 6.00
C ALA C 51 -20.15 42.99 6.79
N SER C 52 -18.98 42.35 6.73
CA SER C 52 -17.82 42.82 7.47
C SER C 52 -17.42 44.25 7.13
N ASN C 53 -17.42 44.58 5.85
CA ASN C 53 -17.05 45.93 5.42
C ASN C 53 -18.04 46.97 5.92
N LEU C 54 -19.33 46.63 5.90
CA LEU C 54 -20.34 47.56 6.38
C LEU C 54 -20.10 47.83 7.85
N PHE C 55 -19.97 46.74 8.60
CA PHE C 55 -19.75 46.84 10.03
C PHE C 55 -18.49 47.64 10.37
N HIS C 56 -17.35 47.22 9.83
CA HIS C 56 -16.11 47.91 10.13
C HIS C 56 -16.06 49.36 9.65
N ILE C 57 -16.40 49.59 8.39
CA ILE C 57 -16.38 50.94 7.87
C ILE C 57 -17.39 51.79 8.64
N GLY C 58 -18.47 51.17 9.07
CA GLY C 58 -19.47 51.89 9.83
C GLY C 58 -18.97 52.25 11.22
N ILE C 59 -18.68 51.25 12.02
CA ILE C 59 -18.19 51.47 13.39
C ILE C 59 -16.93 52.33 13.43
N LEU C 60 -16.04 52.17 12.47
CA LEU C 60 -14.81 52.98 12.46
C LEU C 60 -15.10 54.45 12.19
N GLY C 61 -16.08 54.71 11.33
CA GLY C 61 -16.43 56.08 11.02
C GLY C 61 -17.02 56.74 12.26
N ILE C 62 -17.77 55.96 13.03
CA ILE C 62 -18.37 56.48 14.25
C ILE C 62 -17.26 56.88 15.24
N PHE C 63 -16.27 56.01 15.43
CA PHE C 63 -15.18 56.27 16.36
C PHE C 63 -14.27 57.43 15.97
N VAL C 64 -14.09 57.63 14.67
CA VAL C 64 -13.28 58.76 14.22
C VAL C 64 -14.03 60.00 14.68
N GLY C 65 -15.36 59.87 14.83
CA GLY C 65 -16.17 61.00 15.28
C GLY C 65 -16.07 61.21 16.78
N TYR C 66 -16.25 60.14 17.55
CA TYR C 66 -16.16 60.19 19.01
C TYR C 66 -14.76 60.66 19.42
N LEU C 81 -15.88 76.02 14.52
CA LEU C 81 -16.86 74.94 14.48
C LEU C 81 -17.44 74.66 15.88
N PRO C 82 -18.49 75.40 16.26
CA PRO C 82 -19.15 75.25 17.56
C PRO C 82 -19.84 73.90 17.82
N ILE C 83 -20.07 73.63 19.09
CA ILE C 83 -20.69 72.38 19.54
C ILE C 83 -21.97 71.96 18.80
N GLU C 84 -22.86 72.92 18.49
CA GLU C 84 -24.10 72.58 17.80
C GLU C 84 -23.92 72.17 16.33
N VAL C 85 -22.81 72.61 15.72
CA VAL C 85 -22.50 72.26 14.34
C VAL C 85 -22.07 70.79 14.35
N LYS C 86 -21.27 70.46 15.36
CA LYS C 86 -20.77 69.10 15.53
C LYS C 86 -21.94 68.15 15.73
N GLN C 87 -22.96 68.60 16.46
CA GLN C 87 -24.12 67.74 16.68
C GLN C 87 -24.81 67.44 15.36
N LYS C 88 -24.94 68.46 14.52
CA LYS C 88 -25.59 68.25 13.23
C LYS C 88 -24.79 67.23 12.42
N MET C 89 -23.50 67.49 12.27
CA MET C 89 -22.63 66.58 11.54
C MET C 89 -22.73 65.16 12.09
N ALA C 90 -22.66 65.04 13.41
CA ALA C 90 -22.73 63.74 14.09
C ALA C 90 -24.07 63.03 13.92
N MET C 91 -25.14 63.81 13.70
CA MET C 91 -26.47 63.23 13.53
C MET C 91 -26.70 62.67 12.13
N PHE C 92 -26.07 63.28 11.13
CA PHE C 92 -26.23 62.82 9.76
C PHE C 92 -25.07 61.89 9.37
N ALA C 93 -23.85 62.27 9.73
CA ALA C 93 -22.69 61.43 9.41
C ALA C 93 -22.76 60.19 10.29
N GLY C 94 -22.95 60.40 11.58
CA GLY C 94 -23.05 59.30 12.52
C GLY C 94 -24.33 58.52 12.30
N GLY C 95 -25.34 59.17 11.72
CA GLY C 95 -26.59 58.49 11.47
C GLY C 95 -26.37 57.46 10.39
N ALA C 96 -25.80 57.91 9.28
CA ALA C 96 -25.50 57.03 8.14
C ALA C 96 -24.56 55.89 8.53
N SER C 97 -23.41 56.24 9.10
CA SER C 97 -22.43 55.23 9.52
C SER C 97 -23.08 54.21 10.46
N GLY C 98 -23.92 54.71 11.35
CA GLY C 98 -24.59 53.84 12.31
C GLY C 98 -25.59 52.90 11.63
N VAL C 99 -26.12 53.33 10.50
CA VAL C 99 -27.07 52.52 9.76
C VAL C 99 -26.30 51.44 8.99
N LEU C 100 -25.17 51.82 8.42
CA LEU C 100 -24.33 50.89 7.68
C LEU C 100 -23.83 49.87 8.69
N CYS C 101 -23.38 50.38 9.82
CA CYS C 101 -22.86 49.55 10.89
C CYS C 101 -23.89 48.56 11.42
N LEU C 102 -25.10 49.03 11.71
CA LEU C 102 -26.15 48.16 12.24
C LEU C 102 -26.53 47.06 11.25
N ILE C 103 -26.51 47.39 9.96
CA ILE C 103 -26.84 46.42 8.91
C ILE C 103 -25.75 45.35 8.91
N GLY C 104 -24.50 45.79 8.91
CA GLY C 104 -23.37 44.88 8.90
C GLY C 104 -23.39 43.97 10.11
N GLY C 105 -23.52 44.60 11.28
CA GLY C 105 -23.57 43.85 12.51
C GLY C 105 -24.68 42.81 12.49
N VAL C 106 -25.89 43.22 12.14
CA VAL C 106 -27.00 42.28 12.10
C VAL C 106 -26.67 41.14 11.18
N LEU C 107 -26.10 41.43 10.01
CA LEU C 107 -25.75 40.40 9.04
C LEU C 107 -24.68 39.47 9.59
N LEU C 108 -23.69 40.03 10.29
CA LEU C 108 -22.64 39.21 10.87
C LEU C 108 -23.17 38.30 11.98
N LEU C 109 -24.19 38.77 12.70
CA LEU C 109 -24.76 38.01 13.80
C LEU C 109 -25.64 36.87 13.28
N LYS C 110 -26.36 37.14 12.20
CA LYS C 110 -27.23 36.16 11.57
C LYS C 110 -26.37 35.00 11.05
N ARG C 111 -25.21 35.35 10.51
CA ARG C 111 -24.27 34.38 9.97
C ARG C 111 -23.67 33.55 11.11
N ARG C 112 -23.25 34.23 12.17
CA ARG C 112 -22.63 33.54 13.30
C ARG C 112 -23.58 32.56 13.95
N LEU C 113 -24.84 32.96 14.08
CA LEU C 113 -25.83 32.10 14.72
C LEU C 113 -26.43 31.00 13.86
N PHE C 114 -26.59 31.26 12.57
CA PHE C 114 -27.22 30.29 11.68
C PHE C 114 -26.40 29.63 10.57
N SER C 115 -25.16 30.08 10.34
CA SER C 115 -24.34 29.47 9.32
C SER C 115 -23.63 28.28 10.00
N PRO C 116 -24.16 27.06 9.80
CA PRO C 116 -23.60 25.84 10.40
C PRO C 116 -22.12 25.82 10.71
N ARG C 117 -21.27 26.10 9.73
CA ARG C 117 -19.82 26.10 9.96
C ARG C 117 -19.34 27.18 10.92
N VAL C 118 -19.93 28.37 10.85
CA VAL C 118 -19.52 29.45 11.75
C VAL C 118 -20.04 29.20 13.16
N ARG C 119 -21.31 28.80 13.25
CA ARG C 119 -21.93 28.53 14.55
C ARG C 119 -21.26 27.37 15.27
N ALA C 120 -20.88 26.34 14.52
CA ALA C 120 -20.24 25.15 15.10
C ALA C 120 -18.83 25.38 15.63
N THR C 121 -18.15 26.39 15.11
CA THR C 121 -16.78 26.66 15.54
C THR C 121 -16.63 27.98 16.28
N THR C 122 -17.74 28.58 16.69
CA THR C 122 -17.72 29.84 17.40
C THR C 122 -17.55 29.63 18.90
N THR C 123 -17.12 30.67 19.60
CA THR C 123 -17.00 30.59 21.05
C THR C 123 -18.14 31.46 21.57
N GLY C 124 -18.47 31.33 22.85
CA GLY C 124 -19.55 32.13 23.41
C GLY C 124 -19.28 33.62 23.36
N ALA C 125 -18.07 34.01 23.75
CA ALA C 125 -17.67 35.41 23.79
C ALA C 125 -17.88 36.10 22.45
N ASP C 126 -17.81 35.34 21.37
CA ASP C 126 -17.99 35.91 20.03
C ASP C 126 -19.45 36.29 19.82
N ILE C 127 -20.35 35.50 20.40
CA ILE C 127 -21.79 35.77 20.30
C ILE C 127 -22.07 36.99 21.17
N LEU C 128 -21.64 36.91 22.42
CA LEU C 128 -21.85 37.96 23.40
C LEU C 128 -21.32 39.32 22.97
N ILE C 129 -20.05 39.38 22.60
CA ILE C 129 -19.47 40.64 22.19
C ILE C 129 -20.10 41.24 20.94
N LEU C 130 -20.46 40.40 19.96
CA LEU C 130 -21.08 40.90 18.75
C LEU C 130 -22.54 41.32 18.99
N SER C 131 -23.20 40.65 19.92
CA SER C 131 -24.59 40.99 20.25
C SER C 131 -24.63 42.35 20.95
N LEU C 132 -23.73 42.55 21.92
CA LEU C 132 -23.66 43.81 22.65
C LEU C 132 -23.33 44.98 21.73
N LEU C 133 -22.56 44.72 20.68
CA LEU C 133 -22.19 45.77 19.73
C LEU C 133 -23.38 46.13 18.84
N VAL C 134 -24.19 45.14 18.48
CA VAL C 134 -25.37 45.40 17.65
C VAL C 134 -26.37 46.19 18.48
N ILE C 135 -26.47 45.85 19.77
CA ILE C 135 -27.36 46.55 20.69
C ILE C 135 -26.83 47.97 20.85
N GLN C 136 -25.53 48.07 21.09
CA GLN C 136 -24.89 49.37 21.27
C GLN C 136 -25.06 50.27 20.05
N CYS C 137 -25.14 49.66 18.87
CA CYS C 137 -25.30 50.42 17.65
C CYS C 137 -26.76 50.83 17.46
N ALA C 138 -27.67 49.96 17.87
CA ALA C 138 -29.10 50.24 17.78
C ALA C 138 -29.42 51.38 18.74
N LEU C 139 -28.87 51.31 19.96
CA LEU C 139 -29.10 52.37 20.92
C LEU C 139 -28.62 53.68 20.32
N GLY C 140 -27.35 53.68 19.89
CA GLY C 140 -26.77 54.87 19.29
C GLY C 140 -27.68 55.55 18.28
N LEU C 141 -28.31 54.77 17.41
CA LEU C 141 -29.23 55.32 16.42
C LEU C 141 -30.48 55.88 17.09
N LEU C 142 -30.96 55.16 18.10
CA LEU C 142 -32.15 55.58 18.81
C LEU C 142 -31.99 56.93 19.52
N THR C 143 -30.75 57.33 19.80
CA THR C 143 -30.51 58.60 20.48
C THR C 143 -30.69 59.77 19.53
N ILE C 144 -30.62 59.50 18.23
CA ILE C 144 -30.77 60.56 17.23
C ILE C 144 -32.02 61.42 17.48
N PRO C 145 -33.21 60.79 17.50
CA PRO C 145 -34.43 61.56 17.74
C PRO C 145 -34.45 62.34 19.06
N PHE C 146 -33.66 61.88 20.03
CA PHE C 146 -33.58 62.54 21.33
C PHE C 146 -32.67 63.77 21.30
N SER C 147 -31.57 63.68 20.55
CA SER C 147 -30.67 64.82 20.44
C SER C 147 -31.26 65.85 19.48
N ALA C 148 -32.29 65.43 18.76
CA ALA C 148 -32.96 66.30 17.80
C ALA C 148 -33.82 67.34 18.50
N GLN C 149 -34.12 67.10 19.78
CA GLN C 149 -34.94 68.02 20.57
C GLN C 149 -34.05 69.05 21.26
N HIS C 150 -32.74 68.95 21.03
CA HIS C 150 -31.78 69.86 21.62
C HIS C 150 -30.71 70.20 20.59
N MET C 151 -31.16 70.75 19.47
CA MET C 151 -30.26 71.12 18.38
C MET C 151 -29.21 72.14 18.77
N ASP C 152 -29.38 72.73 19.94
CA ASP C 152 -28.42 73.73 20.44
C ASP C 152 -27.21 73.00 20.99
N GLY C 153 -27.23 71.67 20.90
CA GLY C 153 -26.13 70.84 21.38
C GLY C 153 -26.04 70.72 22.89
N SER C 154 -27.10 71.09 23.59
CA SER C 154 -27.11 71.02 25.06
C SER C 154 -26.88 69.59 25.56
N GLU C 155 -27.53 68.61 24.92
CA GLU C 155 -27.36 67.22 25.31
C GLU C 155 -25.90 66.82 25.12
N MET C 156 -25.42 66.99 23.89
CA MET C 156 -24.05 66.66 23.55
C MET C 156 -23.05 67.29 24.52
N MET C 157 -23.32 68.52 24.94
CA MET C 157 -22.44 69.22 25.87
C MET C 157 -22.27 68.47 27.20
N LYS C 158 -23.39 68.02 27.77
CA LYS C 158 -23.36 67.29 29.03
C LYS C 158 -22.52 66.03 28.93
N LEU C 159 -22.80 65.23 27.90
CA LEU C 159 -22.08 63.99 27.67
C LEU C 159 -20.59 64.24 27.55
N VAL C 160 -20.22 65.29 26.81
CA VAL C 160 -18.81 65.64 26.64
C VAL C 160 -18.20 66.05 27.98
N GLY C 161 -18.96 66.78 28.78
CA GLY C 161 -18.48 67.22 30.08
C GLY C 161 -18.14 66.03 30.96
N TRP C 162 -19.04 65.05 30.97
CA TRP C 162 -18.86 63.85 31.75
C TRP C 162 -17.57 63.15 31.32
N ALA C 163 -17.50 62.83 30.04
CA ALA C 163 -16.35 62.15 29.44
C ALA C 163 -15.02 62.83 29.80
N GLN C 164 -14.96 64.14 29.64
CA GLN C 164 -13.74 64.88 29.95
C GLN C 164 -13.37 64.79 31.43
N SER C 165 -14.38 64.82 32.29
CA SER C 165 -14.16 64.73 33.73
C SER C 165 -13.58 63.36 34.06
N VAL C 166 -14.12 62.33 33.41
CA VAL C 166 -13.67 60.96 33.64
C VAL C 166 -12.23 60.71 33.21
N VAL C 167 -11.87 61.13 32.00
CA VAL C 167 -10.51 60.91 31.51
C VAL C 167 -9.45 61.79 32.16
N THR C 168 -9.87 62.88 32.81
CA THR C 168 -8.91 63.76 33.49
C THR C 168 -8.90 63.41 34.97
N PHE C 169 -9.64 62.36 35.33
CA PHE C 169 -9.73 61.91 36.72
C PHE C 169 -10.21 63.03 37.64
N HIS C 170 -11.30 63.66 37.24
CA HIS C 170 -11.92 64.75 37.97
C HIS C 170 -13.23 64.26 38.58
N GLY C 171 -13.26 64.15 39.90
CA GLY C 171 -14.47 63.67 40.56
C GLY C 171 -15.73 64.47 40.23
N GLY C 172 -16.88 63.82 40.38
CA GLY C 172 -18.15 64.48 40.10
C GLY C 172 -18.65 64.37 38.67
N ALA C 173 -17.94 63.60 37.86
CA ALA C 173 -18.32 63.41 36.46
C ALA C 173 -19.83 63.28 36.21
N SER C 174 -20.50 62.45 37.00
CA SER C 174 -21.95 62.24 36.81
C SER C 174 -22.82 63.51 36.92
N GLN C 175 -22.29 64.55 37.55
CA GLN C 175 -23.05 65.79 37.69
C GLN C 175 -23.30 66.41 36.30
N HIS C 176 -22.31 66.32 35.43
CA HIS C 176 -22.44 66.86 34.08
C HIS C 176 -23.65 66.23 33.39
N LEU C 177 -23.96 65.00 33.77
CA LEU C 177 -25.09 64.28 33.17
C LEU C 177 -26.44 64.67 33.75
N ASP C 178 -26.47 65.68 34.62
CA ASP C 178 -27.73 66.14 35.22
C ASP C 178 -28.82 66.40 34.17
N GLY C 179 -29.92 65.67 34.31
CA GLY C 179 -31.04 65.84 33.38
C GLY C 179 -30.78 65.59 31.91
N VAL C 180 -30.22 64.44 31.57
CA VAL C 180 -29.98 64.10 30.17
C VAL C 180 -30.93 62.96 29.86
N ALA C 181 -31.35 62.84 28.60
CA ALA C 181 -32.27 61.78 28.22
C ALA C 181 -31.76 60.42 28.71
N PHE C 182 -32.64 59.64 29.30
CA PHE C 182 -32.28 58.33 29.84
C PHE C 182 -31.55 57.42 28.85
N ILE C 183 -31.92 57.52 27.58
CA ILE C 183 -31.29 56.68 26.57
C ILE C 183 -29.77 56.87 26.52
N PHE C 184 -29.31 58.08 26.77
CA PHE C 184 -27.88 58.36 26.76
C PHE C 184 -27.19 57.67 27.93
N ARG C 185 -27.95 57.41 28.98
CA ARG C 185 -27.44 56.75 30.17
C ARG C 185 -27.08 55.32 29.77
N LEU C 186 -28.05 54.60 29.21
CA LEU C 186 -27.84 53.21 28.78
C LEU C 186 -26.68 53.07 27.83
N HIS C 187 -26.66 53.94 26.81
CA HIS C 187 -25.61 53.92 25.82
C HIS C 187 -24.24 54.01 26.49
N LEU C 188 -24.11 54.89 27.47
CA LEU C 188 -22.85 55.05 28.19
C LEU C 188 -22.49 53.80 29.00
N VAL C 189 -23.48 53.22 29.69
CA VAL C 189 -23.26 52.03 30.51
C VAL C 189 -22.83 50.83 29.64
N LEU C 190 -23.56 50.60 28.56
CA LEU C 190 -23.26 49.50 27.66
C LEU C 190 -21.88 49.69 27.03
N GLY C 191 -21.56 50.93 26.67
CA GLY C 191 -20.28 51.23 26.06
C GLY C 191 -19.10 51.03 27.00
N MET C 192 -19.31 51.29 28.28
CA MET C 192 -18.22 51.10 29.25
C MET C 192 -18.09 49.61 29.50
N THR C 193 -19.24 48.93 29.52
CA THR C 193 -19.26 47.49 29.74
C THR C 193 -18.46 46.82 28.63
N LEU C 194 -18.52 47.37 27.43
CA LEU C 194 -17.77 46.80 26.31
C LEU C 194 -16.28 46.91 26.60
N PHE C 195 -15.85 48.03 27.20
CA PHE C 195 -14.45 48.19 27.55
C PHE C 195 -14.04 47.18 28.61
N LEU C 196 -14.93 46.92 29.55
CA LEU C 196 -14.68 45.97 30.62
C LEU C 196 -14.47 44.57 30.05
N LEU C 197 -15.32 44.19 29.09
CA LEU C 197 -15.25 42.89 28.45
C LEU C 197 -14.21 42.83 27.33
N PHE C 198 -13.64 43.98 26.99
CA PHE C 198 -12.67 44.07 25.92
C PHE C 198 -11.50 43.06 25.99
N PRO C 199 -10.64 43.15 27.03
CA PRO C 199 -9.50 42.24 27.13
C PRO C 199 -9.83 40.75 27.18
N PHE C 200 -11.10 40.42 27.32
CA PHE C 200 -11.48 39.01 27.39
C PHE C 200 -12.26 38.53 26.19
N SER C 201 -12.16 39.27 25.08
CA SER C 201 -12.87 38.92 23.86
C SER C 201 -11.93 39.14 22.68
N ARG C 202 -12.48 38.96 21.49
CA ARG C 202 -11.72 39.14 20.25
C ARG C 202 -11.41 40.62 20.00
N LEU C 203 -12.06 41.53 20.72
CA LEU C 203 -11.83 42.95 20.51
C LEU C 203 -10.36 43.34 20.60
N ILE C 204 -9.53 42.50 21.22
CA ILE C 204 -8.11 42.82 21.32
C ILE C 204 -7.48 43.03 19.95
N HIS C 205 -8.12 42.57 18.87
CA HIS C 205 -7.54 42.77 17.54
C HIS C 205 -7.43 44.24 17.23
N ILE C 206 -8.33 45.04 17.82
CA ILE C 206 -8.31 46.48 17.59
C ILE C 206 -6.96 47.08 17.98
N TRP C 207 -6.36 46.61 19.07
CA TRP C 207 -5.07 47.12 19.51
C TRP C 207 -4.01 46.96 18.41
N SER C 208 -4.14 45.87 17.65
CA SER C 208 -3.19 45.51 16.62
C SER C 208 -3.32 46.11 15.23
N VAL C 209 -4.17 47.13 15.06
CA VAL C 209 -4.33 47.76 13.75
C VAL C 209 -2.93 48.01 13.17
N PRO C 210 -2.59 47.28 12.09
CA PRO C 210 -1.31 47.29 11.35
C PRO C 210 -0.85 48.56 10.65
N VAL C 211 -0.73 49.65 11.40
CA VAL C 211 -0.30 50.92 10.84
C VAL C 211 1.11 50.91 10.27
N GLU C 212 2.06 50.35 11.03
CA GLU C 212 3.46 50.29 10.61
C GLU C 212 3.69 49.67 9.23
N TYR C 213 2.72 48.90 8.76
CA TYR C 213 2.83 48.25 7.47
C TYR C 213 3.00 49.22 6.31
N LEU C 214 2.32 50.36 6.39
CA LEU C 214 2.40 51.35 5.32
C LEU C 214 3.80 51.88 5.04
N THR C 215 4.72 51.76 5.99
CA THR C 215 6.08 52.27 5.80
C THR C 215 7.16 51.20 5.98
N ARG C 216 6.75 49.94 6.06
CA ARG C 216 7.70 48.84 6.29
C ARG C 216 8.36 48.29 5.03
N LYS C 217 9.62 47.89 5.16
CA LYS C 217 10.34 47.30 4.05
C LYS C 217 9.62 45.99 3.77
N TYR C 218 9.57 45.58 2.50
CA TYR C 218 8.86 44.37 2.11
C TYR C 218 9.41 43.07 2.69
N GLN C 219 10.72 42.86 2.61
CA GLN C 219 11.31 41.63 3.13
C GLN C 219 11.84 41.76 4.54
N LEU C 220 11.48 40.79 5.38
CA LEU C 220 11.93 40.79 6.77
C LEU C 220 12.79 39.56 7.01
N VAL C 221 13.92 39.76 7.68
CA VAL C 221 14.85 38.69 8.00
C VAL C 221 15.28 38.84 9.46
N ARG C 222 15.09 37.80 10.27
CA ARG C 222 15.48 37.85 11.68
C ARG C 222 16.83 37.15 11.90
N ALA C 223 17.76 37.86 12.53
CA ALA C 223 19.08 37.33 12.80
C ALA C 223 19.03 36.27 13.88
N ARG C 224 20.17 35.65 14.15
CA ARG C 224 20.27 34.64 15.19
C ARG C 224 19.94 35.37 16.49
N HIS C 225 19.05 34.82 17.29
CA HIS C 225 18.69 35.46 18.55
C HIS C 225 18.51 34.42 19.65
PB MD1 D . -6.26 -10.85 4.02
O3B MD1 D . -5.66 -9.39 4.24
O1B MD1 D . -5.32 -11.83 4.61
O2B MD1 D . -7.62 -10.89 4.56
O3A MD1 D . -6.32 -11.12 2.44
C10 MD1 D . -5.20 -11.13 1.58
C11 MD1 D . -5.83 -11.41 0.20
O11 MD1 D . -6.78 -10.36 -0.04
C12 MD1 D . -4.76 -11.41 -0.95
S12 MD1 D . -3.06 -11.12 -0.57
C13 MD1 D . -5.04 -11.59 -2.33
S13 MD1 D . -3.66 -11.48 -3.40
C14 MD1 D . -6.41 -11.87 -3.02
N15 MD1 D . -6.62 -10.69 -3.87
C16 MD1 D . -7.82 -10.61 -4.58
C15 MD1 D . -7.93 -9.89 -5.80
O14 MD1 D . -6.95 -9.33 -6.30
N17 MD1 D . -9.20 -9.85 -6.42
C17 MD1 D . -10.35 -10.47 -5.90
N16 MD1 D . -11.51 -10.37 -6.56
N18 MD1 D . -10.24 -11.15 -4.72
C20 MD1 D . -9.04 -11.25 -4.04
N8 MD1 D . -8.97 -11.96 -2.84
C7 MD1 D . -7.66 -12.03 -2.13
PA MD1 D . -6.29 -8.11 4.93
O1A MD1 D . -7.58 -7.88 4.28
O2A MD1 D . -5.29 -6.99 4.92
O5' MD1 D . -6.48 -8.79 6.38
C5' MD1 D . -5.72 -8.37 7.49
C4' MD1 D . -6.59 -8.41 8.72
O4' MD1 D . -5.79 -8.88 9.81
C1' MD1 D . -5.73 -7.86 10.82
N9 MD1 D . -4.35 -7.94 11.35
C4 MD1 D . -4.00 -8.70 12.44
N3 MD1 D . -4.86 -9.51 13.19
C2 MD1 D . -4.26 -10.16 14.22
N2 MD1 D . -4.93 -10.96 15.02
N1 MD1 D . -2.90 -10.02 14.47
C6 MD1 D . -2.01 -9.21 13.71
O6 MD1 D . -0.81 -9.15 14.00
C5 MD1 D . -2.62 -8.51 12.63
N7 MD1 D . -2.11 -7.65 11.68
C8 MD1 D . -3.16 -7.34 10.95
C2' MD1 D . -6.09 -6.53 10.11
O2' MD1 D . -6.64 -5.52 10.96
C3' MD1 D . -7.10 -7.00 9.05
O3' MD1 D . -8.45 -7.01 9.51
PB MD1 E . 0.21 -6.71 -8.58
O3B MD1 E . -1.33 -6.91 -8.96
O1B MD1 E . 0.91 -7.99 -8.90
O2B MD1 E . 0.77 -5.39 -8.95
O3A MD1 E . -0.11 -6.59 -7.04
C10 MD1 E . -0.72 -7.63 -6.24
C11 MD1 E . 0.10 -7.75 -4.99
O11 MD1 E . 0.34 -6.42 -4.40
C12 MD1 E . -0.43 -8.81 -3.92
S12 MD1 E . -1.10 -10.38 -4.30
C13 MD1 E . -0.38 -8.46 -2.58
S13 MD1 E . -0.96 -9.60 -1.41
C14 MD1 E . 0.13 -7.11 -2.13
N15 MD1 E . -1.08 -6.27 -1.85
C16 MD1 E . -0.98 -4.86 -1.98
C15 MD1 E . -2.11 -3.99 -1.72
O14 MD1 E . -3.23 -4.42 -1.38
N17 MD1 E . -1.89 -2.60 -1.88
C17 MD1 E . -0.66 -2.07 -2.25
N16 MD1 E . -0.50 -0.78 -2.39
N18 MD1 E . 0.39 -2.90 -2.49
C20 MD1 E . 0.28 -4.29 -2.38
N8 MD1 E . 1.38 -5.12 -2.63
C7 MD1 E . 1.06 -6.47 -3.18
PA MD1 E . -2.52 -6.17 -9.56
O1A MD1 E . -2.70 -4.95 -8.78
O2A MD1 E . -3.66 -7.15 -9.58
O5' MD1 E . -2.13 -5.79 -11.07
C5' MD1 E . -1.18 -4.77 -11.37
C4' MD1 E . -1.55 -3.95 -12.56
O4' MD1 E . -1.51 -4.67 -13.78
C1' MD1 E . -2.52 -4.16 -14.65
N9 MD1 E . -3.44 -5.26 -15.12
C4 MD1 E . -3.13 -6.09 -16.18
N3 MD1 E . -1.98 -6.06 -16.94
C2 MD1 E . -1.85 -6.96 -17.95
N2 MD1 E . -0.76 -6.96 -18.72
N1 MD1 E . -2.88 -7.89 -18.16
C6 MD1 E . -4.08 -7.94 -17.38
O6 MD1 E . -4.97 -8.78 -17.61
C5 MD1 E . -4.19 -6.96 -16.33
N7 MD1 E . -5.17 -6.70 -15.38
C8 MD1 E . -4.71 -5.69 -14.69
C2' MD1 E . -3.26 -3.06 -13.91
O2' MD1 E . -2.78 -1.76 -14.34
C3' MD1 E . -2.95 -3.36 -12.47
O3' MD1 E . -2.88 -2.19 -11.63
MO 6MO F . -1.52 -11.75 -2.32
FE1 SF4 G . 6.63 -1.36 4.17
FE2 SF4 G . 4.21 -0.29 3.60
FE3 SF4 G . 4.75 -1.19 6.10
FE4 SF4 G . 4.46 -2.92 4.03
S1 SF4 G . 2.83 -1.56 4.91
S2 SF4 G . 6.05 -2.98 5.65
S3 SF4 G . 5.35 -1.75 2.32
S4 SF4 G . 5.77 0.54 5.04
O13 3PH H . 2.00 43.06 18.51
P 3PH H . 1.04 44.16 18.06
O14 3PH H . -0.37 43.64 17.68
O12 3PH H . 1.54 44.92 16.82
O11 3PH H . 0.82 45.23 19.24
C1 3PH H . -0.05 46.38 19.07
C2 3PH H . -0.02 47.22 20.30
O21 3PH H . -0.85 46.61 21.37
C21 3PH H . -0.41 46.49 22.67
O22 3PH H . 0.69 46.82 23.06
C22 3PH H . -1.49 46.03 23.63
C23 3PH H . -1.55 45.93 25.16
C24 3PH H . -1.41 47.34 25.76
C25 3PH H . -1.44 47.41 27.28
C26 3PH H . -1.29 48.86 27.82
C27 3PH H . -1.30 49.05 29.37
C28 3PH H . -1.14 50.54 29.75
C29 3PH H . -1.09 50.79 31.29
C3 3PH H . -0.43 48.66 20.08
O31 3PH H . -0.38 49.33 21.36
C31 3PH H . 0.68 50.10 21.75
O32 3PH H . 1.85 49.93 21.44
C32 3PH H . 0.17 51.25 22.69
C33 3PH H . 0.36 51.46 24.21
C34 3PH H . -0.30 52.72 24.76
C35 3PH H . -0.52 52.68 26.27
C36 3PH H . -1.60 53.63 26.77
FE1 SF4 I . 8.99 10.65 -2.60
FE2 SF4 I . 6.59 11.79 -1.96
FE3 SF4 I . 6.65 9.18 -2.74
FE4 SF4 I . 7.15 11.17 -4.57
S1 SF4 I . 5.20 10.79 -3.46
S2 SF4 I . 8.35 9.22 -4.28
S3 SF4 I . 8.21 12.72 -3.24
S4 SF4 I . 7.63 10.06 -0.89
FE1 SF4 J . 8.91 19.20 7.18
FE2 SF4 J . 7.81 20.97 5.44
FE3 SF4 J . 8.49 18.49 4.68
FE4 SF4 J . 6.36 18.93 6.32
S1 SF4 J . 6.57 19.60 4.18
S2 SF4 J . 7.90 17.31 6.48
S3 SF4 J . 7.18 20.63 7.60
S4 SF4 J . 9.92 20.10 5.38
FE1 SF4 K . 6.58 29.53 1.19
FE2 SF4 K . 7.32 31.19 -0.80
FE3 SF4 K . 6.00 32.17 1.41
FE4 SF4 K . 4.64 30.72 -0.31
S1 SF4 K . 5.62 32.73 -0.78
S2 SF4 K . 4.64 30.43 1.92
S3 SF4 K . 6.21 29.19 -1.03
S4 SF4 K . 8.06 31.26 1.34
FE1 F3S L . 0.11 37.90 8.83
FE3 F3S L . -0.99 35.82 7.70
FE4 F3S L . -1.00 35.99 10.34
S1 F3S L . -1.28 37.97 7.06
S2 F3S L . -1.21 38.24 10.63
S3 F3S L . 0.82 35.74 9.04
S4 F3S L . -2.70 35.23 9.05
CHA HEM M . -13.73 40.84 13.07
CHB HEM M . -10.05 43.52 11.40
CHC HEM M . -11.65 47.19 14.15
CHD HEM M . -15.31 44.51 15.82
C1A HEM M . -12.60 41.22 12.38
C2A HEM M . -11.81 40.41 11.45
C3A HEM M . -10.79 41.15 10.99
C4A HEM M . -10.92 42.46 11.62
CMA HEM M . -9.67 40.78 9.98
CAA HEM M . -12.13 38.94 11.10
CBA HEM M . -13.08 38.89 9.82
CGA HEM M . -13.29 37.53 9.18
O1A HEM M . -12.69 37.31 8.08
O2A HEM M . -14.05 36.72 9.80
C1B HEM M . -10.17 44.77 12.01
C2B HEM M . -9.25 45.89 11.79
C3B HEM M . -9.68 46.93 12.56
C4B HEM M . -10.89 46.45 13.27
CMB HEM M . -8.01 45.82 10.84
CAB HEM M . -9.08 48.38 12.72
CBB HEM M . -8.97 49.30 11.72
C1C HEM M . -12.78 46.81 14.84
C2C HEM M . -13.55 47.66 15.77
C3C HEM M . -14.57 46.90 16.24
C4C HEM M . -14.45 45.58 15.61
CMC HEM M . -13.19 49.15 16.11
CAC HEM M . -15.72 47.26 17.24
CBC HEM M . -15.41 47.40 18.57
C1D HEM M . -15.20 43.28 15.22
C2D HEM M . -16.14 42.14 15.45
C3D HEM M . -15.69 41.13 14.67
C4D HEM M . -14.48 41.61 13.96
CMD HEM M . -17.37 42.17 16.40
CAD HEM M . -16.23 39.67 14.44
CBD HEM M . -17.44 39.55 13.41
CGD HEM M . -18.18 38.19 13.45
O1D HEM M . -18.06 37.44 12.42
O2D HEM M . -18.85 37.95 14.53
NA HEM M . -12.02 42.48 12.47
NB HEM M . -11.16 45.13 12.91
NC HEM M . -13.34 45.55 14.75
ND HEM M . -14.22 42.91 14.31
FE HEM M . -12.68 43.99 13.59
#